data_7BFQ
#
_entry.id   7BFQ
#
_cell.length_a   1.00
_cell.length_b   1.00
_cell.length_c   1.00
_cell.angle_alpha   90.00
_cell.angle_beta   90.00
_cell.angle_gamma   90.00
#
_symmetry.space_group_name_H-M   'P 1'
#
loop_
_entity.id
_entity.type
_entity.pdbx_description
1 polymer 'Integrator complex subunit 9'
2 polymer 'Integrator complex subunit 4'
3 polymer 'Integrator complex subunit 11'
4 polymer Unknown
#
loop_
_entity_poly.entity_id
_entity_poly.type
_entity_poly.pdbx_seq_one_letter_code
_entity_poly.pdbx_strand_id
1 'polypeptide(L)'
;MKLYCLSGHPTLPCNVLKFKSTTIMLDCGLDMTSTLNFLPLPLVQSPRLSNLPGWSLKDGNAFLDKELKECSGHVFVDSV
PEFCLPETELIDLSTVDVILISNYHCMMALPYITEHTGFTGTVYATEPTVQIGRLLMEELVNFIERVPKAQSASLWKNKD
IQRLLPSPLKDAVEVSTWRRCYTMQEVNSALSKIQLVGYSQKIELFGAVQVTPLSSGYALGSSNWIIQSHYEKVSYVSGS
SLLTTHPQPMDQASLKNSDVLVLTGLTQIPTANPDGMVGEFCSNLALTVRNGGNVLVPCYPSGVIYDLLECLYQYIDSAG
LSSVPLYFISPVANSSLEFSQIFAEWLCHNKQSKVYLPEPPFPHAELIQTNKLKHYPSIHGDFSNDFRQPCVVFTGHPSL
RFGDVVHFMELWGKSSLNTVIFTEPDFSYLEALAPYQPLAMKCIYCPIDTRLNFIQVSKLLKEVQPLHVVCPEQYTQPPP
AQSHRMDLMIDCQPPAMSYRRAEVLALPFKRRYEKIEIMPELADSLVPMEIKPGISLATVSAVLHTKDNKHLLQPPPRPA
QPTSGKKRKRVSDDVPDCKVLKPLLSGSIPVEQFVQTLEKHGFSDIKVEDTAKGHIVLLQEAETLIQIEEDSTHIICDND
EMLRVRLRDLVLKFLQKF
;
A
2 'polypeptide(L)'
;MHHHHHHHHPPSGADPMAAHLKKRVYEEFTKVVQPQEEIATKKLRLTKPSKSAALHIDLCKATSPADALQYLLQFARKPV
EAESVEGVVRILLEHYYKENDPSVRLKIASLLGLLSKTAGFSPDCIMDDAINILQNEKSHQVLAQLLDTLLAIGTKLPEN
QAIQMRLVDVACKHLTDTSHGVRNKCLQLLGNLGSLEKSVTKDAEGLAARDVQKIIGDYFSDQDPRVRTAAIKAMLQLHE
RGLKLHQTIYNQACKLLSDDYEQVRSAAVQLIWVVSQLYPESIVPIPSSNEEIRLVDDAFGKICHMVSDGSWVVRVQAAK
LLGSMEQVSSHFLEQTLDKKLMSDLRRKRTAHERAKELYSSGEFSSGRKWGDDAPKEEVDTGAVNLIESGACGAFVHGLE
DEMYEVRIAAVEALCMLAQSSPSFAEKCLDFLVDMFNDEIEEVRLQSIHTMRKISNNITLREDQLDTVLAVLEDSSRDIR
EALHELLCCTNVSTKEGIHLALVELLKNLTKYPTDRDSIWKCLKFLGSRHPTLVLPLVPELLSTHPFFDTAEPDMDDPAY
IAVLVLIFNAAKTCPTMPALFSDHTFRHYAYLRDSLSHLVPALRLPGRKLVSSAVSPSIIPQEDPSQQFLQQSLERVYSL
QHLDPQGAQELLEFTIRDLQRLGELQSELAGVADFSATYLRCQLLLIKALQEKLWNVAAPLYLKQSDLASAAAKQIMEET
YKMEFMYSGVENKQVVIIHHMRLQAKALQLIVTARTTRGLDPLFGMCEKFLQEVDFFQRYFIADLPHLQDSFVDKLLDLM
PRLMTSKPAEVVKILQTMLRQSAFLHLPLPEQIHKASATIIEPAGESDNPLRFTSGLVVALDVDATLEHVQDPQNTVKVQ
VLYPDGQAQMIHPKPADFRNPGPGRHRLITQVYLSHTAWTEACQVEVRLLLAYNSSARIPKCPWMEGGEMSPQVETSIEG
TIPFSKPVKVYIMPKPARR
;
C
3 'polypeptide(L)'
;MDEKTTGWRGGHVVEGLAGELEQLRARLEHHPQGQREPPPSGADPMPEIRVTPLGAGQDVGRSCILVSIAGKNVMLDCGM
HMGFNDDRRFPDFSYITQNGRLTDFLDCVIISHFHLDHCGALPYFSEMVGYDGPIYMTHPTQAICPILLEDYRKIAVDKK
GEANFFTSQMIKDCMKKVVAVHLHQTVQVDDELEIKAYYAGHVLGAAMFQIKVGSESVVYTGDYNMTPDRHLGAAWIDKC
RPNLLITESTYATTIRDSKRCRERDFLKKVHETVERGGKVLIPVFALGRAQELCILLETFWERMNLKVPIYFSTGLTEKA
NHYYKLFIPWTNQKIRKTFVQRNMFEFKHIKAFDRAFADNPGPMVVFATPGMLHAGQSLQIFRKWAGNEKNMVIMPGYCV
QGTVGHKILSGQRKLEMEGRQVLEVKMQVEYMSFSAHADAKGIMQLVGQAEPESVLLVHGEAKKMEFLKQKIEQELRVNC
YMPANGETVTLLTSPSIPVGISLGLLKREMAQGLLPEAKKPRLLHGTLIMKDSNFRLVSSEQALKELGLAEHQLRFTCRV
HLHDTRKEQETALRVYSHLKSVLKDHCVQHLPDGSVTVESVLLQAAAPSEDPGTKVLLVSWTYQDEELGSFLTSLLKKGL
PQAPS
;
B
4 'polypeptide(L)'
;(UNK)(UNK)(UNK)(UNK)(UNK)(UNK)(UNK)(UNK)(UNK)(UNK)(UNK)(UNK)(UNK)(UNK)(UNK)(UNK)
(UNK)(UNK)(UNK)(UNK)(UNK)(UNK)(UNK)(UNK)(UNK)(UNK)(UNK)(UNK)(UNK)(UNK)(UNK)(UNK)
(UNK)(UNK)(UNK)(UNK)(UNK)(UNK)(UNK)(UNK)(UNK)(UNK)(UNK)(UNK)(UNK)(UNK)(UNK)(UNK)
(UNK)(UNK)(UNK)(UNK)(UNK)(UNK)(UNK)(UNK)(UNK)(UNK)(UNK)(UNK)(UNK)(UNK)(UNK)(UNK)
(UNK)(UNK)(UNK)(UNK)(UNK)(UNK)(UNK)(UNK)(UNK)(UNK)(UNK)(UNK)(UNK)(UNK)(UNK)(UNK)
(UNK)(UNK)(UNK)(UNK)(UNK)(UNK)(UNK)(UNK)(UNK)(UNK)(UNK)(UNK)(UNK)(UNK)(UNK)(UNK)
(UNK)(UNK)(UNK)(UNK)(UNK)(UNK)(UNK)(UNK)(UNK)(UNK)(UNK)(UNK)(UNK)(UNK)(UNK)(UNK)
(UNK)(UNK)(UNK)(UNK)(UNK)(UNK)(UNK)(UNK)(UNK)(UNK)(UNK)(UNK)(UNK)(UNK)(UNK)(UNK)
(UNK)(UNK)(UNK)(UNK)(UNK)(UNK)(UNK)(UNK)(UNK)(UNK)(UNK)(UNK)(UNK)(UNK)(UNK)(UNK)
(UNK)(UNK)(UNK)(UNK)(UNK)(UNK)(UNK)(UNK)(UNK)(UNK)(UNK)(UNK)(UNK)(UNK)(UNK)(UNK)
(UNK)(UNK)(UNK)(UNK)(UNK)(UNK)(UNK)(UNK)(UNK)(UNK)(UNK)
;
U
#
# COMPACT_ATOMS: atom_id res chain seq x y z
N MET A 1 14.61 18.09 -8.24
CA MET A 1 13.90 16.87 -8.72
C MET A 1 14.26 16.57 -10.17
N LYS A 2 14.62 15.32 -10.48
CA LYS A 2 14.83 14.91 -11.85
C LYS A 2 13.67 14.02 -12.23
N LEU A 3 12.93 14.35 -13.32
CA LEU A 3 11.97 13.43 -13.92
C LEU A 3 12.59 12.82 -15.19
N TYR A 4 12.65 11.50 -15.25
CA TYR A 4 13.15 10.80 -16.41
C TYR A 4 11.95 10.43 -17.28
N CYS A 5 11.95 10.77 -18.57
CA CYS A 5 10.85 10.39 -19.42
C CYS A 5 11.22 9.15 -20.22
N LEU A 6 10.46 8.08 -20.07
CA LEU A 6 10.92 6.81 -20.61
C LEU A 6 10.08 6.33 -21.80
N SER A 7 8.98 7.05 -22.11
CA SER A 7 8.13 6.67 -23.22
C SER A 7 7.75 7.91 -24.00
N GLY A 8 7.78 7.76 -25.34
CA GLY A 8 7.55 8.83 -26.29
C GLY A 8 6.12 9.35 -26.41
N HIS A 9 5.19 8.41 -26.63
CA HIS A 9 3.78 8.67 -26.85
C HIS A 9 3.17 9.53 -25.76
N PRO A 10 2.38 10.55 -26.14
CA PRO A 10 1.62 11.35 -25.17
C PRO A 10 0.63 10.49 -24.38
N THR A 11 -0.18 9.67 -25.06
CA THR A 11 -1.17 8.76 -24.48
C THR A 11 -0.65 7.88 -23.32
N LEU A 12 0.39 7.06 -23.51
CA LEU A 12 0.96 6.22 -22.46
C LEU A 12 2.34 6.71 -22.03
N PRO A 13 2.54 7.44 -20.91
CA PRO A 13 3.82 8.11 -20.62
C PRO A 13 5.04 7.51 -19.90
N CYS A 14 4.79 6.66 -18.90
CA CYS A 14 5.88 5.96 -18.16
C CYS A 14 7.01 6.88 -17.68
N ASN A 15 6.66 7.97 -16.97
CA ASN A 15 7.59 9.03 -16.56
C ASN A 15 8.02 8.86 -15.09
N VAL A 16 9.33 8.75 -14.82
CA VAL A 16 9.89 8.32 -13.54
C VAL A 16 10.37 9.47 -12.64
N LEU A 17 9.71 9.77 -11.53
CA LEU A 17 10.00 10.95 -10.75
C LEU A 17 10.94 10.68 -9.57
N LYS A 18 12.20 11.13 -9.63
CA LYS A 18 13.13 11.08 -8.50
C LYS A 18 12.99 12.34 -7.65
N PHE A 19 12.60 12.14 -6.39
CA PHE A 19 12.13 13.23 -5.55
C PHE A 19 12.16 12.87 -4.06
N LYS A 20 12.76 13.78 -3.25
CA LYS A 20 12.81 13.64 -1.80
C LYS A 20 13.38 12.26 -1.45
N SER A 21 14.41 11.86 -2.23
CA SER A 21 15.17 10.67 -1.93
C SER A 21 14.38 9.38 -2.20
N THR A 22 13.28 9.50 -2.94
CA THR A 22 12.42 8.38 -3.32
C THR A 22 12.00 8.59 -4.77
N THR A 23 12.15 7.49 -5.55
CA THR A 23 11.87 7.59 -6.98
C THR A 23 10.57 6.86 -7.30
N ILE A 24 9.74 7.35 -8.26
CA ILE A 24 8.43 6.77 -8.55
C ILE A 24 8.25 6.64 -10.07
N MET A 25 7.87 5.46 -10.57
CA MET A 25 7.53 5.31 -11.98
C MET A 25 6.04 5.58 -12.19
N LEU A 26 5.70 6.82 -12.59
CA LEU A 26 4.33 7.33 -12.65
C LEU A 26 3.32 6.60 -13.56
N ASP A 27 3.82 5.72 -14.40
CA ASP A 27 2.94 4.88 -15.18
C ASP A 27 3.78 3.78 -15.81
N CYS A 28 3.12 2.70 -16.28
CA CYS A 28 3.76 1.69 -17.10
C CYS A 28 2.84 1.38 -18.28
N GLY A 29 3.27 1.65 -19.54
CA GLY A 29 2.40 1.67 -20.71
C GLY A 29 2.93 0.84 -21.89
N LEU A 30 2.06 0.13 -22.63
CA LEU A 30 2.40 -0.58 -23.87
C LEU A 30 1.82 0.12 -25.09
N ASP A 31 2.68 0.64 -25.99
CA ASP A 31 2.32 1.57 -27.07
C ASP A 31 1.42 1.00 -28.18
N MET A 32 1.80 -0.09 -28.82
CA MET A 32 0.98 -0.88 -29.76
C MET A 32 0.86 -0.35 -31.20
N THR A 33 1.62 0.67 -31.60
CA THR A 33 1.71 1.07 -32.98
C THR A 33 2.69 0.14 -33.74
N SER A 34 3.65 -0.41 -33.02
CA SER A 34 4.57 -1.41 -33.58
C SER A 34 3.83 -2.66 -34.10
N THR A 35 2.83 -3.05 -33.29
CA THR A 35 1.94 -4.15 -33.61
C THR A 35 1.13 -3.81 -34.85
N LEU A 36 0.58 -2.59 -34.94
CA LEU A 36 -0.10 -2.23 -36.19
C LEU A 36 0.81 -2.29 -37.43
N ASN A 37 2.11 -2.18 -37.19
CA ASN A 37 3.13 -2.21 -38.25
C ASN A 37 3.31 -3.59 -38.87
N PHE A 38 3.13 -4.66 -38.11
CA PHE A 38 3.33 -6.01 -38.64
C PHE A 38 2.11 -6.45 -39.48
N LEU A 39 2.25 -7.58 -40.21
CA LEU A 39 1.19 -8.11 -41.05
C LEU A 39 0.16 -8.83 -40.19
N PRO A 40 -1.17 -8.64 -40.41
CA PRO A 40 -2.20 -9.20 -39.53
C PRO A 40 -2.23 -10.71 -39.49
N LEU A 41 -2.54 -11.26 -38.30
CA LEU A 41 -2.49 -12.68 -37.99
C LEU A 41 -3.89 -13.21 -37.69
N PRO A 42 -4.44 -14.08 -38.57
CA PRO A 42 -5.80 -14.61 -38.42
C PRO A 42 -5.89 -15.90 -37.61
N LEU A 43 -7.07 -16.12 -36.99
CA LEU A 43 -7.33 -17.29 -36.15
C LEU A 43 -7.29 -18.57 -36.98
N VAL A 44 -7.87 -18.50 -38.19
CA VAL A 44 -7.90 -19.54 -39.21
C VAL A 44 -7.14 -19.00 -40.43
N GLN A 45 -6.29 -19.83 -41.04
CA GLN A 45 -5.47 -19.40 -42.17
C GLN A 45 -6.31 -18.66 -43.21
N SER A 46 -5.85 -17.46 -43.61
CA SER A 46 -6.53 -16.64 -44.61
C SER A 46 -5.82 -16.78 -45.96
N PRO A 47 -6.54 -17.06 -47.08
CA PRO A 47 -5.91 -17.26 -48.37
C PRO A 47 -4.88 -16.20 -48.75
N ARG A 48 -5.22 -14.92 -48.55
CA ARG A 48 -4.44 -13.76 -48.94
C ARG A 48 -3.00 -13.86 -48.37
N LEU A 49 -2.90 -14.09 -47.05
CA LEU A 49 -1.63 -14.11 -46.33
C LEU A 49 -0.70 -15.17 -46.93
N SER A 50 -1.27 -16.33 -47.26
CA SER A 50 -0.53 -17.45 -47.80
C SER A 50 0.00 -17.12 -49.19
N ASN A 51 -0.81 -16.40 -49.98
CA ASN A 51 -0.52 -16.11 -51.38
C ASN A 51 0.12 -14.73 -51.57
N LEU A 52 0.47 -14.04 -50.47
CA LEU A 52 1.08 -12.72 -50.54
C LEU A 52 2.46 -12.79 -51.19
N PRO A 53 2.92 -11.72 -51.91
CA PRO A 53 4.28 -11.70 -52.47
C PRO A 53 5.27 -11.07 -51.48
N GLY A 54 6.57 -11.03 -51.85
CA GLY A 54 7.55 -10.20 -51.17
C GLY A 54 7.62 -8.81 -51.79
N TRP A 55 8.35 -7.89 -51.14
CA TRP A 55 8.48 -6.51 -51.59
C TRP A 55 9.74 -6.28 -52.43
N SER A 56 10.56 -7.32 -52.61
CA SER A 56 11.73 -7.28 -53.48
C SER A 56 12.70 -6.19 -53.01
N LEU A 57 13.02 -6.23 -51.71
CA LEU A 57 14.00 -5.33 -51.11
C LEU A 57 15.39 -5.55 -51.73
N LYS A 58 15.66 -6.81 -52.10
CA LYS A 58 16.88 -7.25 -52.76
C LYS A 58 18.10 -6.78 -51.97
N ASP A 59 19.09 -6.18 -52.66
CA ASP A 59 20.32 -5.69 -52.05
C ASP A 59 20.96 -6.80 -51.21
N GLY A 60 21.08 -7.99 -51.82
CA GLY A 60 21.55 -9.19 -51.16
C GLY A 60 20.54 -9.66 -50.11
N ASN A 61 21.02 -9.78 -48.86
CA ASN A 61 20.25 -10.19 -47.70
C ASN A 61 19.15 -11.18 -48.13
N LEU A 64 16.12 -12.34 -46.61
CA LEU A 64 15.21 -11.27 -46.10
C LEU A 64 13.92 -11.19 -46.92
N ASP A 65 14.00 -11.66 -48.17
CA ASP A 65 12.86 -11.72 -49.07
C ASP A 65 11.75 -12.60 -48.49
N LYS A 66 12.11 -13.46 -47.53
CA LYS A 66 11.22 -14.33 -46.79
C LYS A 66 10.38 -13.54 -45.78
N GLU A 67 11.02 -12.59 -45.06
CA GLU A 67 10.48 -11.97 -43.86
C GLU A 67 9.93 -10.55 -44.11
N LEU A 68 9.89 -10.09 -45.35
CA LEU A 68 9.23 -8.84 -45.71
C LEU A 68 8.24 -9.12 -46.85
N LYS A 69 6.98 -8.63 -46.70
CA LYS A 69 5.90 -8.83 -47.69
C LYS A 69 5.44 -7.49 -48.26
N GLU A 70 4.55 -7.52 -49.28
CA GLU A 70 3.99 -6.32 -49.88
C GLU A 70 2.47 -6.44 -50.02
N CYS A 71 1.73 -5.48 -49.45
CA CYS A 71 0.27 -5.37 -49.60
C CYS A 71 -0.10 -3.95 -50.03
N SER A 72 -0.65 -3.82 -51.25
CA SER A 72 -1.13 -2.56 -51.81
C SER A 72 -0.01 -1.52 -51.82
N GLY A 73 1.23 -1.98 -52.10
CA GLY A 73 2.41 -1.13 -52.24
C GLY A 73 3.03 -0.68 -50.90
N HIS A 74 2.54 -1.25 -49.79
CA HIS A 74 3.07 -1.01 -48.45
C HIS A 74 3.67 -2.30 -47.90
N VAL A 75 4.87 -2.21 -47.33
CA VAL A 75 5.53 -3.35 -46.72
C VAL A 75 4.85 -3.64 -45.38
N PHE A 76 4.83 -4.93 -45.01
CA PHE A 76 4.51 -5.42 -43.67
C PHE A 76 5.61 -6.41 -43.26
N VAL A 77 5.58 -6.97 -42.05
CA VAL A 77 6.58 -7.98 -41.72
C VAL A 77 5.89 -9.30 -41.36
N ASP A 78 6.43 -10.44 -41.85
CA ASP A 78 5.81 -11.76 -41.63
C ASP A 78 6.25 -12.44 -40.33
N SER A 79 6.38 -11.64 -39.27
CA SER A 79 6.55 -12.09 -37.90
C SER A 79 5.31 -11.71 -37.06
N VAL A 80 5.24 -12.20 -35.81
CA VAL A 80 4.17 -11.86 -34.88
C VAL A 80 4.23 -10.38 -34.49
N PRO A 81 3.10 -9.65 -34.41
CA PRO A 81 3.12 -8.24 -33.96
C PRO A 81 3.89 -8.07 -32.65
N GLU A 82 4.86 -7.15 -32.64
CA GLU A 82 5.73 -6.89 -31.51
C GLU A 82 5.52 -5.47 -31.00
N PHE A 83 5.34 -5.37 -29.70
CA PHE A 83 4.88 -4.17 -29.05
C PHE A 83 6.06 -3.33 -28.57
N CYS A 84 6.04 -2.03 -28.88
CA CYS A 84 7.05 -1.14 -28.35
C CYS A 84 6.82 -0.93 -26.87
N LEU A 85 7.90 -0.95 -26.10
CA LEU A 85 7.80 -0.72 -24.65
C LEU A 85 8.74 0.41 -24.21
N PRO A 86 8.48 1.06 -23.05
CA PRO A 86 9.24 2.23 -22.62
C PRO A 86 10.69 1.81 -22.38
N GLU A 87 11.63 2.66 -22.77
CA GLU A 87 13.06 2.37 -22.63
C GLU A 87 13.32 2.10 -21.15
N THR A 88 14.17 1.08 -20.92
CA THR A 88 14.48 0.60 -19.57
C THR A 88 15.89 0.99 -19.14
N GLU A 89 16.67 1.47 -20.10
CA GLU A 89 18.10 1.62 -19.94
C GLU A 89 18.48 2.89 -19.19
N LEU A 90 17.77 4.02 -19.37
CA LEU A 90 18.28 5.30 -18.89
C LEU A 90 18.37 5.41 -17.39
N ILE A 91 17.46 4.70 -16.73
CA ILE A 91 17.41 4.62 -15.28
C ILE A 91 17.13 3.16 -14.91
N ASP A 92 17.83 2.65 -13.90
CA ASP A 92 17.61 1.28 -13.48
C ASP A 92 16.23 1.16 -12.84
N LEU A 93 15.55 0.04 -13.08
CA LEU A 93 14.21 -0.14 -12.57
C LEU A 93 14.22 -0.25 -11.04
N SER A 94 15.29 -0.89 -10.50
CA SER A 94 15.44 -1.13 -9.07
C SER A 94 15.28 0.16 -8.27
N THR A 95 15.88 1.20 -8.81
CA THR A 95 16.04 2.49 -8.16
C THR A 95 14.78 3.35 -8.26
N VAL A 96 13.73 2.84 -8.95
CA VAL A 96 12.48 3.58 -9.14
C VAL A 96 11.44 3.17 -8.10
N ASP A 97 11.82 2.34 -7.13
CA ASP A 97 11.04 2.08 -5.93
C ASP A 97 9.61 1.63 -6.29
N VAL A 98 8.55 2.38 -5.97
CA VAL A 98 7.17 2.01 -6.28
C VAL A 98 6.77 2.49 -7.68
N ILE A 99 5.81 1.81 -8.33
CA ILE A 99 5.20 2.26 -9.58
C ILE A 99 3.75 2.71 -9.32
N LEU A 100 3.38 3.94 -9.69
CA LEU A 100 1.95 4.30 -9.67
C LEU A 100 1.36 4.08 -11.05
N ILE A 101 0.13 3.54 -11.07
CA ILE A 101 -0.53 3.29 -12.35
C ILE A 101 -1.87 3.96 -12.42
N SER A 102 -2.09 4.79 -13.44
CA SER A 102 -3.24 5.71 -13.47
C SER A 102 -4.51 5.01 -13.97
N ASN A 103 -4.59 4.63 -15.26
CA ASN A 103 -5.80 4.09 -15.90
C ASN A 103 -5.55 2.66 -16.36
N TYR A 104 -6.63 1.90 -16.59
CA TYR A 104 -6.47 0.47 -16.88
C TYR A 104 -5.90 0.29 -18.28
N HIS A 105 -6.18 1.26 -19.15
CA HIS A 105 -5.69 1.30 -20.53
C HIS A 105 -4.20 1.64 -20.56
N CYS A 106 -3.77 2.47 -19.61
CA CYS A 106 -2.42 3.00 -19.49
C CYS A 106 -1.51 2.13 -18.64
N MET A 107 -2.01 1.01 -18.10
CA MET A 107 -1.24 0.19 -17.18
C MET A 107 -0.70 -1.09 -17.85
N MET A 108 -0.90 -1.24 -19.17
CA MET A 108 -0.34 -2.39 -19.89
C MET A 108 1.19 -2.23 -19.95
N ALA A 109 1.90 -3.35 -20.07
CA ALA A 109 3.37 -3.34 -19.96
C ALA A 109 3.89 -3.35 -18.53
N LEU A 110 2.99 -3.34 -17.55
CA LEU A 110 3.40 -3.59 -16.16
C LEU A 110 4.12 -4.93 -16.08
N PRO A 111 3.58 -6.04 -16.62
CA PRO A 111 4.17 -7.34 -16.46
C PRO A 111 5.42 -7.58 -17.24
N TYR A 112 5.62 -6.81 -18.31
CA TYR A 112 6.89 -6.88 -19.03
C TYR A 112 7.99 -6.62 -18.04
N ILE A 113 7.96 -5.39 -17.50
CA ILE A 113 9.01 -4.94 -16.61
C ILE A 113 9.18 -5.84 -15.38
N THR A 114 8.09 -6.16 -14.69
CA THR A 114 8.19 -6.92 -13.45
C THR A 114 8.82 -8.30 -13.64
N GLU A 115 8.60 -8.99 -14.79
CA GLU A 115 9.11 -10.35 -14.98
C GLU A 115 10.41 -10.42 -15.79
N HIS A 116 10.73 -9.33 -16.50
CA HIS A 116 11.91 -9.30 -17.35
C HIS A 116 13.06 -8.66 -16.58
N THR A 117 12.97 -7.32 -16.41
CA THR A 117 14.04 -6.51 -15.87
C THR A 117 13.76 -6.20 -14.41
N GLY A 118 14.77 -6.43 -13.56
CA GLY A 118 14.64 -6.62 -12.12
C GLY A 118 14.05 -5.40 -11.42
N PHE A 119 13.08 -5.64 -10.53
CA PHE A 119 12.34 -4.58 -9.83
C PHE A 119 11.59 -5.14 -8.63
N THR A 120 11.88 -4.62 -7.44
CA THR A 120 11.30 -5.18 -6.22
C THR A 120 10.55 -4.11 -5.41
N GLY A 121 9.45 -3.60 -5.95
CA GLY A 121 8.66 -2.59 -5.26
C GLY A 121 7.15 -2.90 -5.28
N THR A 122 6.31 -1.95 -4.83
CA THR A 122 4.88 -2.27 -4.80
C THR A 122 4.11 -1.28 -5.65
N VAL A 123 3.46 -1.79 -6.69
CA VAL A 123 2.62 -0.97 -7.55
C VAL A 123 1.34 -0.58 -6.82
N TYR A 124 0.94 0.68 -6.91
CA TYR A 124 -0.30 1.15 -6.27
C TYR A 124 -1.31 1.59 -7.31
N ALA A 125 -2.47 0.94 -7.35
CA ALA A 125 -3.49 1.18 -8.35
C ALA A 125 -4.83 0.91 -7.76
N THR A 126 -5.80 1.76 -8.09
CA THR A 126 -7.09 1.70 -7.45
C THR A 126 -7.87 0.47 -7.91
N GLU A 127 -8.82 -0.05 -7.12
CA GLU A 127 -9.37 -1.40 -7.28
C GLU A 127 -9.97 -1.64 -8.67
N PRO A 128 -10.75 -0.69 -9.28
CA PRO A 128 -11.44 -0.96 -10.54
C PRO A 128 -10.45 -1.22 -11.65
N THR A 129 -9.52 -0.25 -11.83
CA THR A 129 -8.53 -0.30 -12.87
C THR A 129 -7.74 -1.61 -12.84
N VAL A 130 -7.35 -2.12 -11.68
CA VAL A 130 -6.57 -3.35 -11.61
C VAL A 130 -7.31 -4.44 -12.36
N GLN A 131 -8.57 -4.70 -12.03
CA GLN A 131 -9.38 -5.77 -12.60
C GLN A 131 -9.63 -5.54 -14.08
N ILE A 132 -9.98 -4.30 -14.47
CA ILE A 132 -10.27 -4.02 -15.86
C ILE A 132 -9.02 -4.29 -16.66
N GLY A 133 -7.88 -3.81 -16.18
CA GLY A 133 -6.60 -4.01 -16.83
C GLY A 133 -6.24 -5.50 -16.89
N ARG A 134 -6.59 -6.25 -15.86
CA ARG A 134 -6.34 -7.66 -15.80
C ARG A 134 -7.06 -8.35 -16.94
N LEU A 135 -8.34 -8.04 -17.14
CA LEU A 135 -9.08 -8.78 -18.15
C LEU A 135 -8.72 -8.29 -19.55
N LEU A 136 -8.06 -7.14 -19.62
CA LEU A 136 -7.72 -6.56 -20.90
C LEU A 136 -6.43 -7.21 -21.42
N MET A 137 -5.43 -7.39 -20.54
CA MET A 137 -4.20 -8.09 -20.87
C MET A 137 -4.45 -9.56 -21.16
N GLU A 138 -5.36 -10.18 -20.40
CA GLU A 138 -5.75 -11.57 -20.64
C GLU A 138 -6.36 -11.68 -22.03
N GLU A 139 -7.21 -10.73 -22.37
CA GLU A 139 -7.75 -10.60 -23.71
C GLU A 139 -6.63 -10.49 -24.73
N LEU A 140 -5.59 -9.69 -24.43
CA LEU A 140 -4.51 -9.46 -25.38
C LEU A 140 -3.70 -10.74 -25.58
N VAL A 141 -3.30 -11.37 -24.46
CA VAL A 141 -2.52 -12.60 -24.50
C VAL A 141 -3.25 -13.71 -25.24
N ASN A 142 -4.54 -13.85 -25.01
CA ASN A 142 -5.36 -14.85 -25.67
C ASN A 142 -5.24 -14.66 -27.18
N PHE A 143 -5.29 -13.41 -27.68
CA PHE A 143 -5.38 -13.16 -29.10
C PHE A 143 -4.13 -13.53 -29.84
N ILE A 144 -2.96 -13.26 -29.23
CA ILE A 144 -1.69 -13.52 -29.89
C ILE A 144 -1.28 -15.00 -29.82
N GLU A 145 -1.80 -15.70 -28.80
CA GLU A 145 -1.50 -17.11 -28.51
C GLU A 145 -2.58 -18.07 -29.04
N ARG A 146 -3.70 -17.52 -29.54
CA ARG A 146 -4.72 -18.26 -30.27
C ARG A 146 -4.08 -18.93 -31.48
N VAL A 147 -3.15 -18.21 -32.13
CA VAL A 147 -2.42 -18.68 -33.29
C VAL A 147 -0.92 -18.64 -32.96
N PRO A 148 -0.19 -19.77 -33.00
CA PRO A 148 1.25 -19.76 -32.76
C PRO A 148 2.06 -19.55 -34.05
N LYS A 149 2.13 -18.28 -34.49
CA LYS A 149 2.91 -17.87 -35.65
C LYS A 149 4.10 -16.99 -35.24
N ALA A 150 4.51 -17.10 -33.98
CA ALA A 150 5.57 -16.28 -33.39
C ALA A 150 6.94 -16.90 -33.61
N GLN A 151 6.96 -18.05 -34.29
CA GLN A 151 8.15 -18.82 -34.63
C GLN A 151 9.08 -17.97 -35.50
N SER A 152 8.49 -17.21 -36.42
CA SER A 152 9.20 -16.37 -37.39
C SER A 152 9.88 -15.22 -36.68
N ALA A 153 10.92 -14.68 -37.31
CA ALA A 153 11.68 -13.54 -36.80
C ALA A 153 11.54 -12.35 -37.77
N SER A 154 11.49 -11.12 -37.22
CA SER A 154 11.26 -9.91 -37.98
C SER A 154 12.39 -9.67 -39.01
N LEU A 155 13.65 -9.77 -38.54
CA LEU A 155 14.88 -9.70 -39.32
C LEU A 155 14.96 -8.47 -40.22
N TRP A 156 14.52 -7.32 -39.71
CA TRP A 156 14.54 -6.07 -40.46
C TRP A 156 15.06 -4.92 -39.59
N LYS A 157 15.41 -5.22 -38.34
CA LYS A 157 15.73 -4.23 -37.32
C LYS A 157 17.00 -3.46 -37.66
N ASN A 158 17.91 -4.06 -38.47
CA ASN A 158 19.19 -3.44 -38.81
C ASN A 158 18.97 -2.08 -39.45
N LYS A 159 19.85 -1.14 -39.07
CA LYS A 159 19.81 0.25 -39.48
C LYS A 159 19.89 0.35 -41.01
N ASP A 160 20.84 -0.43 -41.56
CA ASP A 160 21.10 -0.51 -42.99
C ASP A 160 19.84 -0.91 -43.73
N ILE A 161 19.16 -1.95 -43.22
CA ILE A 161 17.93 -2.46 -43.80
C ILE A 161 16.87 -1.35 -43.78
N GLN A 162 16.79 -0.59 -42.67
CA GLN A 162 15.81 0.46 -42.48
C GLN A 162 16.00 1.62 -43.45
N ARG A 163 17.26 1.95 -43.79
CA ARG A 163 17.57 3.10 -44.64
C ARG A 163 17.02 2.91 -46.05
N LEU A 164 17.14 1.69 -46.58
CA LEU A 164 16.79 1.33 -47.94
C LEU A 164 15.29 1.09 -48.09
N LEU A 165 14.66 0.41 -47.10
CA LEU A 165 13.27 -0.02 -47.20
C LEU A 165 12.34 1.20 -47.29
N PRO A 166 11.03 1.05 -47.61
CA PRO A 166 10.17 2.21 -47.90
C PRO A 166 9.62 2.89 -46.64
N SER A 167 8.71 3.85 -46.84
CA SER A 167 8.26 4.79 -45.83
C SER A 167 7.58 4.13 -44.62
N PRO A 168 6.64 3.14 -44.76
CA PRO A 168 5.81 2.74 -43.61
C PRO A 168 6.64 2.21 -42.45
N LEU A 169 7.63 1.37 -42.75
CA LEU A 169 8.53 0.82 -41.76
C LEU A 169 9.55 1.86 -41.30
N LYS A 170 10.11 2.64 -42.24
CA LYS A 170 11.19 3.59 -42.02
C LYS A 170 11.00 4.37 -40.71
N ASP A 171 9.79 4.89 -40.48
CA ASP A 171 9.47 5.69 -39.32
C ASP A 171 9.07 4.78 -38.16
N ALA A 172 10.07 4.14 -37.56
CA ALA A 172 10.00 3.50 -36.26
C ALA A 172 11.06 4.20 -35.43
N VAL A 173 10.61 4.82 -34.33
CA VAL A 173 11.42 5.63 -33.41
C VAL A 173 12.46 4.79 -32.66
N GLU A 174 12.08 3.53 -32.37
CA GLU A 174 12.96 2.47 -31.90
C GLU A 174 12.53 1.22 -32.65
N VAL A 175 13.52 0.42 -33.02
CA VAL A 175 13.31 -0.83 -33.76
C VAL A 175 13.77 -2.03 -32.93
N SER A 176 14.74 -1.81 -32.04
CA SER A 176 15.56 -2.82 -31.41
C SER A 176 14.96 -3.27 -30.08
N THR A 177 13.96 -2.53 -29.59
CA THR A 177 13.40 -2.74 -28.26
C THR A 177 12.12 -3.57 -28.33
N TRP A 178 11.72 -3.97 -29.54
CA TRP A 178 10.48 -4.69 -29.77
C TRP A 178 10.61 -6.13 -29.27
N ARG A 179 9.55 -6.62 -28.61
CA ARG A 179 9.54 -7.92 -27.95
C ARG A 179 8.20 -8.61 -28.20
N ARG A 180 8.22 -9.94 -28.19
CA ARG A 180 7.01 -10.72 -28.35
C ARG A 180 6.28 -10.68 -27.01
N CYS A 181 4.98 -10.95 -27.06
CA CYS A 181 4.13 -10.70 -25.90
C CYS A 181 4.41 -11.63 -24.72
N TYR A 182 4.23 -11.13 -23.49
CA TYR A 182 4.44 -11.88 -22.26
C TYR A 182 3.37 -12.96 -22.08
N THR A 183 3.69 -13.98 -21.26
CA THR A 183 2.81 -15.09 -20.96
C THR A 183 1.87 -14.73 -19.80
N MET A 184 0.88 -15.60 -19.52
CA MET A 184 -0.15 -15.35 -18.52
C MET A 184 0.41 -15.38 -17.10
N GLN A 185 1.61 -15.93 -16.94
CA GLN A 185 2.30 -16.03 -15.65
C GLN A 185 2.80 -14.66 -15.22
N GLU A 186 3.38 -13.96 -16.19
CA GLU A 186 3.88 -12.62 -15.94
C GLU A 186 2.71 -11.67 -15.64
N VAL A 187 1.63 -11.82 -16.41
CA VAL A 187 0.42 -11.07 -16.13
C VAL A 187 0.04 -11.24 -14.65
N ASN A 188 0.06 -12.50 -14.17
CA ASN A 188 -0.35 -12.86 -12.82
C ASN A 188 0.58 -12.20 -11.79
N SER A 189 1.89 -12.28 -12.04
CA SER A 189 2.84 -11.69 -11.13
C SER A 189 2.56 -10.19 -10.99
N ALA A 190 2.38 -9.53 -12.13
CA ALA A 190 2.10 -8.11 -12.13
C ALA A 190 0.87 -7.77 -11.30
N LEU A 191 -0.23 -8.48 -11.54
CA LEU A 191 -1.45 -8.14 -10.83
C LEU A 191 -1.32 -8.44 -9.32
N SER A 192 -0.53 -9.46 -8.99
CA SER A 192 -0.29 -9.83 -7.60
C SER A 192 0.41 -8.70 -6.84
N LYS A 193 1.35 -8.02 -7.50
CA LYS A 193 2.17 -7.05 -6.80
C LYS A 193 1.42 -5.74 -6.55
N ILE A 194 0.37 -5.51 -7.35
CA ILE A 194 -0.48 -4.35 -7.20
C ILE A 194 -1.16 -4.50 -5.85
N GLN A 195 -1.07 -3.45 -5.02
CA GLN A 195 -1.89 -3.32 -3.82
C GLN A 195 -3.07 -2.41 -4.11
N LEU A 196 -4.29 -2.83 -3.76
CA LEU A 196 -5.45 -2.10 -4.23
C LEU A 196 -5.75 -0.98 -3.25
N VAL A 197 -5.66 0.28 -3.71
CA VAL A 197 -5.77 1.47 -2.88
C VAL A 197 -6.93 2.34 -3.34
N GLY A 198 -7.85 2.63 -2.43
CA GLY A 198 -8.99 3.43 -2.81
C GLY A 198 -8.60 4.89 -3.06
N TYR A 199 -9.60 5.68 -3.51
CA TYR A 199 -9.47 7.09 -3.81
C TYR A 199 -9.30 7.90 -2.53
N SER A 200 -8.58 9.03 -2.67
CA SER A 200 -8.29 9.98 -1.62
C SER A 200 -7.58 9.34 -0.42
N GLN A 201 -7.01 8.14 -0.62
CA GLN A 201 -6.35 7.38 0.44
C GLN A 201 -4.88 7.82 0.55
N LYS A 202 -4.46 8.25 1.74
CA LYS A 202 -3.12 8.81 1.86
C LYS A 202 -2.10 7.70 2.12
N ILE A 203 -1.72 6.94 1.08
CA ILE A 203 -0.73 5.87 1.13
C ILE A 203 0.68 6.47 1.08
N GLU A 204 1.42 6.35 2.19
CA GLU A 204 2.75 6.95 2.32
C GLU A 204 3.85 5.90 2.22
N LEU A 205 4.87 6.25 1.45
CA LEU A 205 5.94 5.34 1.10
C LEU A 205 7.17 5.71 1.92
N PHE A 206 7.56 4.80 2.82
CA PHE A 206 8.86 4.82 3.50
C PHE A 206 9.00 6.10 4.31
N GLY A 207 7.89 6.61 4.81
CA GLY A 207 7.87 7.79 5.66
C GLY A 207 8.62 8.94 5.02
N ALA A 208 8.48 9.11 3.71
CA ALA A 208 9.16 10.15 2.96
C ALA A 208 8.17 11.11 2.32
N VAL A 209 7.45 10.62 1.28
CA VAL A 209 6.42 11.37 0.56
C VAL A 209 5.07 10.68 0.75
N GLN A 210 3.97 11.42 0.52
CA GLN A 210 2.60 10.90 0.62
C GLN A 210 1.96 10.97 -0.77
N VAL A 211 1.59 9.82 -1.34
CA VAL A 211 0.92 9.72 -2.63
C VAL A 211 -0.54 9.34 -2.43
N THR A 212 -1.45 9.85 -3.26
CA THR A 212 -2.88 9.57 -3.09
C THR A 212 -3.60 9.59 -4.43
N PRO A 213 -4.37 8.56 -4.82
CA PRO A 213 -5.07 8.60 -6.09
C PRO A 213 -6.37 9.41 -6.09
N LEU A 214 -6.30 10.64 -6.61
CA LEU A 214 -7.46 11.48 -6.85
C LEU A 214 -8.29 10.98 -8.04
N SER A 215 -9.56 11.37 -8.06
CA SER A 215 -10.49 11.06 -9.12
C SER A 215 -10.19 11.99 -10.29
N SER A 216 -10.29 11.43 -11.49
CA SER A 216 -9.81 12.10 -12.70
C SER A 216 -10.97 12.54 -13.58
N GLY A 217 -12.13 11.90 -13.39
CA GLY A 217 -13.30 12.17 -14.22
C GLY A 217 -13.44 11.17 -15.38
N TYR A 218 -12.35 10.50 -15.82
CA TYR A 218 -12.38 9.58 -16.97
C TYR A 218 -12.90 8.21 -16.54
N ALA A 219 -12.86 7.20 -17.43
CA ALA A 219 -13.48 5.91 -17.19
C ALA A 219 -12.99 5.24 -15.92
N LEU A 220 -13.84 4.35 -15.40
CA LEU A 220 -13.80 3.80 -14.04
C LEU A 220 -12.40 3.32 -13.68
N GLY A 221 -11.82 3.77 -12.55
CA GLY A 221 -10.44 3.41 -12.25
C GLY A 221 -9.41 4.48 -12.64
N SER A 222 -9.87 5.54 -13.31
CA SER A 222 -9.01 6.62 -13.75
C SER A 222 -8.62 7.44 -12.54
N SER A 223 -7.32 7.47 -12.28
CA SER A 223 -6.80 7.92 -11.02
C SER A 223 -5.59 8.77 -11.34
N ASN A 224 -5.78 10.08 -11.40
CA ASN A 224 -4.61 10.94 -11.47
C ASN A 224 -3.96 10.98 -10.07
N TRP A 225 -2.66 11.25 -9.92
CA TRP A 225 -2.01 11.12 -8.62
C TRP A 225 -1.39 12.45 -8.18
N ILE A 226 -1.41 12.71 -6.87
CA ILE A 226 -0.66 13.82 -6.29
C ILE A 226 0.44 13.30 -5.36
N ILE A 227 1.72 13.71 -5.58
CA ILE A 227 2.86 13.32 -4.75
C ILE A 227 3.38 14.55 -3.99
N GLN A 228 2.99 14.67 -2.71
CA GLN A 228 3.37 15.79 -1.86
C GLN A 228 4.24 15.32 -0.69
N SER A 229 4.98 16.28 -0.11
CA SER A 229 5.97 16.07 0.96
C SER A 229 5.91 17.11 2.06
N HIS A 230 4.77 17.80 2.19
CA HIS A 230 4.55 18.84 3.21
C HIS A 230 5.07 20.22 2.80
N TYR A 231 5.74 20.28 1.64
CA TYR A 231 6.39 21.48 1.14
C TYR A 231 6.20 21.57 -0.37
N GLU A 232 6.56 20.51 -1.11
CA GLU A 232 6.39 20.51 -2.56
C GLU A 232 5.29 19.52 -2.94
N LYS A 233 4.26 19.99 -3.65
CA LYS A 233 3.22 19.11 -4.17
C LYS A 233 3.42 18.91 -5.67
N VAL A 234 3.77 17.68 -6.07
CA VAL A 234 3.89 17.34 -7.48
C VAL A 234 2.65 16.54 -7.88
N SER A 235 1.92 16.98 -8.92
CA SER A 235 0.67 16.38 -9.35
C SER A 235 0.74 15.84 -10.77
N TYR A 236 0.20 14.64 -10.98
CA TYR A 236 0.39 13.91 -12.22
C TYR A 236 -0.98 13.71 -12.86
N VAL A 237 -1.17 14.10 -14.13
CA VAL A 237 -2.52 14.38 -14.62
C VAL A 237 -2.79 13.60 -15.92
N SER A 238 -3.08 12.29 -15.78
CA SER A 238 -3.28 11.44 -16.96
C SER A 238 -4.69 10.87 -17.00
N GLY A 239 -5.25 10.59 -18.20
CA GLY A 239 -6.62 10.12 -18.36
C GLY A 239 -7.65 10.91 -17.51
N SER A 240 -7.65 12.23 -17.67
CA SER A 240 -8.38 13.03 -16.68
C SER A 240 -9.47 13.84 -17.35
N SER A 241 -10.26 13.16 -18.18
CA SER A 241 -11.48 13.69 -18.77
C SER A 241 -12.33 14.39 -17.73
N LEU A 242 -12.88 15.55 -18.13
CA LEU A 242 -13.59 16.40 -17.19
C LEU A 242 -14.94 15.78 -16.89
N LEU A 243 -15.78 15.88 -17.94
CA LEU A 243 -17.11 15.29 -17.92
C LEU A 243 -17.19 14.06 -18.82
N THR A 244 -17.41 12.91 -18.16
CA THR A 244 -17.81 11.64 -18.75
C THR A 244 -18.87 11.01 -17.85
N THR A 245 -19.96 11.73 -17.58
CA THR A 245 -21.15 11.14 -16.98
C THR A 245 -20.83 10.34 -15.71
N HIS A 246 -21.02 9.01 -15.76
CA HIS A 246 -21.08 8.12 -14.61
C HIS A 246 -19.86 8.20 -13.69
N PRO A 247 -18.59 7.99 -14.15
CA PRO A 247 -17.42 8.03 -13.25
C PRO A 247 -17.32 9.34 -12.45
N GLN A 248 -16.85 9.26 -11.20
CA GLN A 248 -16.78 10.42 -10.32
C GLN A 248 -15.94 11.50 -10.99
N PRO A 249 -16.38 12.80 -10.95
CA PRO A 249 -15.74 13.85 -11.74
C PRO A 249 -14.31 14.22 -11.34
N MET A 250 -13.66 15.07 -12.13
CA MET A 250 -12.29 15.49 -11.93
C MET A 250 -12.14 16.37 -10.67
N ASP A 251 -11.16 16.06 -9.81
CA ASP A 251 -10.93 16.79 -8.55
C ASP A 251 -9.90 17.91 -8.75
N GLN A 252 -10.37 18.96 -9.42
CA GLN A 252 -9.56 20.13 -9.69
C GLN A 252 -9.04 20.78 -8.40
N ALA A 253 -9.93 20.88 -7.39
CA ALA A 253 -9.63 21.53 -6.11
C ALA A 253 -8.52 20.78 -5.38
N SER A 254 -8.54 19.43 -5.45
CA SER A 254 -7.51 18.61 -4.84
C SER A 254 -6.19 18.70 -5.59
N LEU A 255 -6.26 19.06 -6.88
CA LEU A 255 -5.08 19.23 -7.72
C LEU A 255 -4.58 20.67 -7.67
N LYS A 256 -5.21 21.55 -6.87
CA LYS A 256 -4.90 22.97 -6.82
C LYS A 256 -3.64 23.16 -6.01
N ASN A 257 -2.98 24.31 -6.26
CA ASN A 257 -1.79 24.76 -5.54
C ASN A 257 -0.74 23.67 -5.48
N SER A 258 -0.41 23.12 -6.66
CA SER A 258 0.63 22.12 -6.86
C SER A 258 1.88 22.80 -7.38
N ASP A 259 3.01 22.58 -6.69
CA ASP A 259 4.30 23.17 -7.08
C ASP A 259 4.64 22.79 -8.51
N VAL A 260 4.50 21.50 -8.87
CA VAL A 260 4.93 21.03 -10.17
C VAL A 260 3.92 20.05 -10.74
N LEU A 261 3.20 20.47 -11.79
CA LEU A 261 2.17 19.67 -12.45
C LEU A 261 2.70 18.97 -13.67
N VAL A 262 2.55 17.66 -13.72
CA VAL A 262 2.85 16.89 -14.90
C VAL A 262 1.53 16.52 -15.54
N LEU A 263 1.31 16.97 -16.79
CA LEU A 263 0.11 16.64 -17.53
C LEU A 263 0.50 15.81 -18.73
N THR A 264 -0.11 14.64 -18.91
CA THR A 264 0.35 13.77 -19.96
C THR A 264 -0.81 13.22 -20.77
N GLY A 265 -1.82 12.71 -20.08
CA GLY A 265 -3.00 12.27 -20.79
C GLY A 265 -3.74 13.49 -21.33
N LEU A 266 -4.12 13.42 -22.62
CA LEU A 266 -4.78 14.53 -23.27
C LEU A 266 -5.40 13.98 -24.55
N THR A 267 -6.32 14.72 -25.21
CA THR A 267 -7.06 14.24 -26.40
C THR A 267 -6.13 13.76 -27.52
N GLN A 268 -6.34 12.55 -28.01
CA GLN A 268 -5.58 12.02 -29.12
C GLN A 268 -5.95 12.80 -30.38
N ILE A 269 -7.25 13.12 -30.52
CA ILE A 269 -7.81 13.98 -31.55
C ILE A 269 -8.29 15.31 -30.95
N PRO A 270 -7.68 16.47 -31.26
CA PRO A 270 -8.10 17.76 -30.69
C PRO A 270 -9.48 18.27 -31.15
N THR A 271 -9.89 17.84 -32.36
CA THR A 271 -11.17 18.15 -32.97
C THR A 271 -12.15 16.98 -32.74
N ALA A 272 -12.16 16.49 -31.50
CA ALA A 272 -12.91 15.30 -31.09
C ALA A 272 -14.41 15.48 -31.30
N ASN A 273 -14.93 16.64 -30.92
CA ASN A 273 -16.37 16.90 -30.86
C ASN A 273 -17.10 15.64 -30.40
N PRO A 274 -16.88 15.15 -29.16
CA PRO A 274 -17.41 13.86 -28.72
C PRO A 274 -18.87 13.54 -29.07
N ASP A 275 -19.79 14.41 -28.63
CA ASP A 275 -21.23 14.20 -28.71
C ASP A 275 -21.69 13.99 -30.15
N GLY A 276 -21.27 14.91 -31.02
CA GLY A 276 -21.58 14.87 -32.45
C GLY A 276 -21.19 13.54 -33.09
N MET A 277 -19.98 13.07 -32.76
CA MET A 277 -19.45 11.83 -33.29
C MET A 277 -20.28 10.66 -32.81
N VAL A 278 -20.73 10.66 -31.54
CA VAL A 278 -21.58 9.58 -31.06
C VAL A 278 -22.86 9.50 -31.92
N GLY A 279 -23.49 10.66 -32.12
CA GLY A 279 -24.68 10.77 -32.95
C GLY A 279 -24.49 10.22 -34.36
N GLU A 280 -23.39 10.64 -35.01
CA GLU A 280 -23.06 10.24 -36.37
C GLU A 280 -22.86 8.75 -36.41
N PHE A 281 -22.11 8.25 -35.44
CA PHE A 281 -21.88 6.83 -35.32
C PHE A 281 -23.20 6.09 -35.51
N CYS A 282 -24.24 6.57 -34.80
CA CYS A 282 -25.41 5.72 -34.62
C CYS A 282 -26.28 5.76 -35.87
N SER A 283 -26.44 6.98 -36.42
CA SER A 283 -26.92 7.19 -37.81
C SER A 283 -26.30 6.16 -38.76
N ASN A 284 -24.97 6.14 -38.87
CA ASN A 284 -24.32 5.32 -39.89
C ASN A 284 -24.68 3.86 -39.73
N LEU A 285 -24.59 3.40 -38.48
CA LEU A 285 -24.92 2.03 -38.13
C LEU A 285 -26.33 1.74 -38.64
N ALA A 286 -27.27 2.64 -38.29
CA ALA A 286 -28.69 2.49 -38.61
C ALA A 286 -28.87 2.36 -40.12
N LEU A 287 -28.25 3.29 -40.86
CA LEU A 287 -28.36 3.35 -42.31
C LEU A 287 -28.01 1.99 -42.92
N THR A 288 -26.87 1.48 -42.49
CA THR A 288 -26.37 0.25 -43.06
C THR A 288 -27.23 -0.95 -42.67
N VAL A 289 -27.70 -1.04 -41.42
CA VAL A 289 -28.56 -2.16 -41.07
C VAL A 289 -29.87 -2.12 -41.83
N ARG A 290 -30.34 -0.91 -42.18
CA ARG A 290 -31.56 -0.70 -42.95
C ARG A 290 -31.42 -1.23 -44.38
N ASN A 291 -30.29 -0.95 -45.04
CA ASN A 291 -30.04 -1.44 -46.39
C ASN A 291 -29.79 -2.95 -46.37
N GLY A 292 -29.55 -3.51 -45.19
CA GLY A 292 -29.41 -4.96 -45.05
C GLY A 292 -27.96 -5.45 -44.98
N GLY A 293 -26.99 -4.57 -45.25
CA GLY A 293 -25.59 -4.87 -45.03
C GLY A 293 -25.24 -4.96 -43.54
N ASN A 294 -24.14 -5.63 -43.24
CA ASN A 294 -23.73 -5.89 -41.86
C ASN A 294 -22.91 -4.70 -41.36
N VAL A 295 -22.67 -4.66 -40.04
CA VAL A 295 -21.89 -3.61 -39.39
C VAL A 295 -20.81 -4.25 -38.52
N LEU A 296 -19.58 -3.75 -38.65
CA LEU A 296 -18.47 -4.21 -37.82
C LEU A 296 -17.89 -3.07 -36.99
N VAL A 297 -17.79 -3.28 -35.67
CA VAL A 297 -17.20 -2.28 -34.81
C VAL A 297 -15.97 -2.87 -34.08
N PRO A 298 -14.76 -2.37 -34.37
CA PRO A 298 -13.57 -2.72 -33.59
C PRO A 298 -13.31 -1.87 -32.33
N CYS A 299 -13.57 -2.49 -31.16
CA CYS A 299 -13.51 -1.75 -29.91
C CYS A 299 -12.85 -2.60 -28.83
N TYR A 300 -12.55 -1.97 -27.68
CA TYR A 300 -11.92 -2.60 -26.54
C TYR A 300 -13.02 -3.13 -25.61
N PRO A 301 -12.67 -3.86 -24.54
CA PRO A 301 -13.66 -4.37 -23.59
C PRO A 301 -14.05 -3.44 -22.42
N SER A 302 -13.72 -2.14 -22.46
CA SER A 302 -14.19 -1.21 -21.45
C SER A 302 -14.11 0.21 -21.97
N GLY A 303 -14.83 1.11 -21.29
CA GLY A 303 -14.77 2.54 -21.55
C GLY A 303 -15.72 2.94 -22.68
N VAL A 304 -15.17 3.00 -23.90
CA VAL A 304 -15.88 3.47 -25.07
C VAL A 304 -17.03 2.51 -25.39
N ILE A 305 -16.83 1.20 -25.19
CA ILE A 305 -17.80 0.17 -25.54
C ILE A 305 -19.15 0.46 -24.88
N TYR A 306 -19.19 0.75 -23.59
CA TYR A 306 -20.42 0.91 -22.83
C TYR A 306 -21.15 2.21 -23.15
N ASP A 307 -20.42 3.29 -23.44
CA ASP A 307 -21.00 4.56 -23.84
C ASP A 307 -21.71 4.45 -25.18
N LEU A 308 -21.14 3.66 -26.10
CA LEU A 308 -21.69 3.46 -27.44
C LEU A 308 -22.89 2.53 -27.39
N LEU A 309 -22.98 1.66 -26.38
CA LEU A 309 -24.05 0.66 -26.27
C LEU A 309 -25.34 1.32 -25.85
N GLU A 310 -25.26 2.31 -24.92
CA GLU A 310 -26.38 3.03 -24.32
C GLU A 310 -27.08 3.93 -25.32
N CYS A 311 -26.31 4.43 -26.28
CA CYS A 311 -26.79 5.29 -27.35
C CYS A 311 -27.50 4.47 -28.43
N LEU A 312 -26.91 3.30 -28.77
CA LEU A 312 -27.45 2.37 -29.74
C LEU A 312 -28.85 1.91 -29.32
N TYR A 313 -29.00 1.49 -28.05
CA TYR A 313 -30.28 1.08 -27.49
C TYR A 313 -31.32 2.20 -27.63
N GLN A 314 -30.93 3.43 -27.27
CA GLN A 314 -31.79 4.60 -27.35
C GLN A 314 -32.26 4.85 -28.79
N TYR A 315 -31.34 4.74 -29.77
CA TYR A 315 -31.67 4.93 -31.18
C TYR A 315 -32.63 3.85 -31.67
N ILE A 316 -32.40 2.61 -31.25
CA ILE A 316 -33.29 1.52 -31.61
C ILE A 316 -34.70 1.76 -31.06
N ASP A 317 -34.79 2.22 -29.80
CA ASP A 317 -36.05 2.61 -29.16
C ASP A 317 -36.76 3.69 -29.98
N SER A 318 -35.96 4.64 -30.49
CA SER A 318 -36.43 5.80 -31.23
C SER A 318 -36.66 5.49 -32.73
N ALA A 319 -35.93 4.50 -33.28
CA ALA A 319 -35.98 4.16 -34.70
C ALA A 319 -36.78 2.89 -34.94
N GLY A 320 -37.08 2.14 -33.86
CA GLY A 320 -37.70 0.82 -33.88
C GLY A 320 -36.97 -0.10 -34.87
N LEU A 321 -35.63 -0.14 -34.75
CA LEU A 321 -34.77 -0.98 -35.58
C LEU A 321 -34.37 -2.21 -34.78
N SER A 322 -35.37 -2.99 -34.36
CA SER A 322 -35.12 -4.16 -33.53
C SER A 322 -34.87 -5.36 -34.45
N SER A 323 -34.62 -6.52 -33.81
CA SER A 323 -34.35 -7.80 -34.46
C SER A 323 -33.04 -7.79 -35.26
N VAL A 324 -32.19 -6.78 -35.00
CA VAL A 324 -30.83 -6.69 -35.50
C VAL A 324 -29.92 -7.10 -34.34
N PRO A 325 -29.41 -8.35 -34.35
CA PRO A 325 -28.65 -8.84 -33.20
C PRO A 325 -27.39 -8.01 -32.98
N LEU A 326 -27.27 -7.43 -31.78
CA LEU A 326 -26.06 -6.77 -31.36
C LEU A 326 -25.14 -7.83 -30.75
N TYR A 327 -24.35 -8.54 -31.57
CA TYR A 327 -23.51 -9.64 -31.13
C TYR A 327 -22.11 -9.17 -30.73
N PHE A 328 -21.79 -9.06 -29.44
CA PHE A 328 -20.45 -8.72 -28.95
C PHE A 328 -19.60 -10.00 -28.83
N ILE A 329 -18.50 -10.09 -29.57
CA ILE A 329 -17.70 -11.29 -29.62
C ILE A 329 -16.33 -10.97 -29.04
N SER A 330 -16.02 -11.52 -27.86
CA SER A 330 -14.73 -11.37 -27.16
C SER A 330 -14.71 -12.31 -25.97
N PRO A 331 -13.56 -12.93 -25.60
CA PRO A 331 -13.49 -13.86 -24.46
C PRO A 331 -13.96 -13.33 -23.11
N VAL A 332 -13.60 -12.06 -22.81
CA VAL A 332 -13.80 -11.47 -21.51
C VAL A 332 -15.08 -10.63 -21.46
N ALA A 333 -15.92 -10.84 -22.47
CA ALA A 333 -17.20 -10.18 -22.57
C ALA A 333 -18.01 -10.50 -21.33
N ASN A 334 -17.90 -11.77 -20.91
CA ASN A 334 -18.55 -12.26 -19.71
C ASN A 334 -18.24 -11.31 -18.55
N SER A 335 -16.94 -11.21 -18.28
CA SER A 335 -16.33 -10.37 -17.26
C SER A 335 -16.69 -8.90 -17.44
N SER A 336 -16.64 -8.41 -18.69
CA SER A 336 -16.88 -7.02 -18.99
C SER A 336 -18.25 -6.57 -18.46
N LEU A 337 -19.29 -7.34 -18.80
CA LEU A 337 -20.65 -7.07 -18.40
C LEU A 337 -20.80 -7.19 -16.88
N GLU A 338 -20.06 -8.16 -16.30
CA GLU A 338 -20.09 -8.42 -14.87
C GLU A 338 -19.70 -7.15 -14.10
N PHE A 339 -18.61 -6.50 -14.54
CA PHE A 339 -18.08 -5.28 -13.92
C PHE A 339 -19.07 -4.12 -14.04
N SER A 340 -19.72 -4.02 -15.20
CA SER A 340 -20.73 -3.01 -15.43
C SER A 340 -21.85 -3.17 -14.39
N GLN A 341 -22.26 -4.43 -14.15
CA GLN A 341 -23.26 -4.76 -13.13
C GLN A 341 -22.74 -4.38 -11.74
N ILE A 342 -21.50 -4.76 -11.42
CA ILE A 342 -20.86 -4.54 -10.12
C ILE A 342 -20.75 -3.05 -9.82
N PHE A 343 -20.35 -2.26 -10.83
CA PHE A 343 -20.18 -0.82 -10.69
C PHE A 343 -21.28 -0.07 -11.45
N LYS A 372 -30.71 -5.52 -25.75
CA LYS A 372 -30.80 -6.78 -26.55
C LYS A 372 -29.41 -7.08 -27.11
N LEU A 373 -28.42 -7.16 -26.19
CA LEU A 373 -27.04 -7.45 -26.55
C LEU A 373 -26.64 -8.85 -26.06
N LYS A 374 -26.16 -9.68 -26.99
CA LYS A 374 -25.82 -11.07 -26.74
C LYS A 374 -24.32 -11.27 -26.94
N HIS A 375 -23.62 -11.67 -25.88
CA HIS A 375 -22.17 -11.76 -25.85
C HIS A 375 -21.75 -13.22 -25.82
N TYR A 376 -20.76 -13.57 -26.65
CA TYR A 376 -20.29 -14.93 -26.86
C TYR A 376 -18.77 -14.95 -26.73
N PRO A 377 -18.23 -15.48 -25.61
CA PRO A 377 -16.77 -15.66 -25.43
C PRO A 377 -16.03 -16.39 -26.53
N SER A 378 -16.71 -17.34 -27.16
CA SER A 378 -16.12 -18.19 -28.16
C SER A 378 -16.76 -17.91 -29.52
N ILE A 379 -15.94 -17.58 -30.52
CA ILE A 379 -16.41 -17.60 -31.94
C ILE A 379 -16.47 -19.05 -32.40
N HIS A 380 -17.21 -19.33 -33.48
CA HIS A 380 -17.36 -20.73 -33.96
C HIS A 380 -17.94 -21.60 -32.85
N GLY A 381 -18.90 -21.05 -32.08
CA GLY A 381 -19.53 -21.82 -30.98
C GLY A 381 -20.99 -21.46 -30.83
N ASP A 382 -21.40 -20.97 -29.66
CA ASP A 382 -22.72 -20.39 -29.48
C ASP A 382 -23.01 -19.41 -30.63
N PHE A 383 -21.96 -18.66 -31.00
CA PHE A 383 -22.08 -17.63 -32.01
C PHE A 383 -22.50 -18.25 -33.35
N SER A 384 -21.82 -19.35 -33.75
CA SER A 384 -22.01 -19.97 -35.05
C SER A 384 -23.43 -20.51 -35.18
N ASN A 385 -23.90 -21.16 -34.11
CA ASN A 385 -25.24 -21.73 -34.03
C ASN A 385 -26.30 -20.63 -34.12
N ASP A 386 -26.06 -19.48 -33.48
CA ASP A 386 -27.02 -18.39 -33.36
C ASP A 386 -26.88 -17.32 -34.46
N PHE A 387 -25.82 -17.39 -35.28
CA PHE A 387 -25.53 -16.35 -36.27
C PHE A 387 -26.74 -16.07 -37.18
N ARG A 388 -27.09 -14.78 -37.36
CA ARG A 388 -28.16 -14.29 -38.22
C ARG A 388 -27.61 -13.41 -39.34
N GLN A 389 -28.37 -13.28 -40.43
CA GLN A 389 -27.90 -12.73 -41.69
C GLN A 389 -27.46 -11.26 -41.59
N PRO A 390 -28.19 -10.33 -40.89
CA PRO A 390 -27.72 -8.98 -40.55
C PRO A 390 -27.49 -8.91 -39.02
N CYS A 391 -26.58 -8.01 -38.57
CA CYS A 391 -26.10 -7.94 -37.19
C CYS A 391 -25.06 -6.85 -37.04
N VAL A 392 -24.73 -6.48 -35.80
CA VAL A 392 -23.75 -5.45 -35.44
C VAL A 392 -22.75 -6.13 -34.50
N VAL A 393 -21.55 -6.45 -34.98
CA VAL A 393 -20.62 -7.27 -34.24
C VAL A 393 -19.46 -6.46 -33.65
N PHE A 394 -19.38 -6.35 -32.31
CA PHE A 394 -18.31 -5.62 -31.65
C PHE A 394 -17.13 -6.54 -31.28
N THR A 395 -16.01 -6.41 -31.97
CA THR A 395 -15.01 -7.48 -32.09
C THR A 395 -13.77 -7.24 -31.22
N GLY A 396 -12.88 -8.25 -31.26
CA GLY A 396 -11.68 -8.46 -30.45
C GLY A 396 -10.75 -7.26 -30.26
N HIS A 397 -10.13 -6.75 -31.35
CA HIS A 397 -9.10 -5.71 -31.15
C HIS A 397 -9.16 -4.58 -32.15
N PRO A 398 -8.91 -3.29 -31.79
CA PRO A 398 -8.93 -2.20 -32.76
C PRO A 398 -7.70 -2.13 -33.67
N SER A 399 -6.64 -2.80 -33.27
CA SER A 399 -5.42 -2.78 -34.04
C SER A 399 -5.54 -3.48 -35.38
N LEU A 400 -6.37 -4.52 -35.43
CA LEU A 400 -6.72 -5.28 -36.62
C LEU A 400 -5.66 -6.31 -36.99
N ARG A 401 -4.66 -6.45 -36.10
CA ARG A 401 -3.59 -7.39 -36.29
C ARG A 401 -3.86 -8.69 -35.53
N PHE A 402 -4.21 -8.59 -34.25
CA PHE A 402 -4.34 -9.74 -33.39
C PHE A 402 -5.74 -9.65 -32.81
N GLY A 403 -6.52 -10.74 -32.95
CA GLY A 403 -7.89 -10.78 -32.46
C GLY A 403 -8.84 -11.44 -33.45
N ASP A 404 -10.15 -11.18 -33.29
CA ASP A 404 -11.24 -11.83 -34.02
C ASP A 404 -11.77 -10.92 -35.13
N VAL A 405 -11.54 -9.61 -34.95
CA VAL A 405 -11.83 -8.56 -35.90
C VAL A 405 -11.26 -8.97 -37.25
N VAL A 406 -10.03 -9.50 -37.25
CA VAL A 406 -9.32 -9.82 -38.46
C VAL A 406 -10.19 -10.68 -39.37
N HIS A 407 -10.70 -11.77 -38.80
CA HIS A 407 -11.44 -12.79 -39.51
C HIS A 407 -12.78 -12.26 -40.01
N PHE A 408 -13.50 -11.52 -39.18
CA PHE A 408 -14.76 -10.98 -39.64
C PHE A 408 -14.48 -9.94 -40.72
N MET A 409 -13.37 -9.20 -40.59
CA MET A 409 -13.02 -8.17 -41.55
C MET A 409 -12.90 -8.78 -42.94
N GLU A 410 -12.18 -9.91 -43.03
CA GLU A 410 -11.99 -10.70 -44.23
C GLU A 410 -13.30 -11.15 -44.89
N LEU A 411 -14.26 -11.67 -44.10
CA LEU A 411 -15.56 -12.17 -44.56
C LEU A 411 -16.41 -11.05 -45.14
N TRP A 412 -16.45 -9.94 -44.41
CA TRP A 412 -17.29 -8.85 -44.84
C TRP A 412 -16.56 -7.89 -45.78
N GLY A 413 -15.26 -8.07 -45.99
CA GLY A 413 -14.50 -7.13 -46.81
C GLY A 413 -15.05 -6.97 -48.23
N LYS A 414 -15.45 -8.11 -48.80
CA LYS A 414 -15.72 -8.30 -50.22
C LYS A 414 -17.13 -7.83 -50.59
N SER A 415 -17.90 -7.33 -49.60
CA SER A 415 -19.25 -6.83 -49.79
C SER A 415 -19.28 -5.34 -49.53
N SER A 416 -19.74 -4.60 -50.55
CA SER A 416 -19.86 -3.14 -50.44
C SER A 416 -20.84 -2.75 -49.34
N LEU A 417 -21.92 -3.53 -49.24
CA LEU A 417 -23.01 -3.37 -48.30
C LEU A 417 -22.48 -3.19 -46.87
N ASN A 418 -21.60 -4.11 -46.47
CA ASN A 418 -21.09 -4.19 -45.11
C ASN A 418 -20.19 -2.99 -44.81
N THR A 419 -20.32 -2.40 -43.62
CA THR A 419 -19.51 -1.26 -43.19
C THR A 419 -18.61 -1.65 -42.01
N VAL A 420 -17.58 -0.84 -41.74
CA VAL A 420 -16.72 -0.92 -40.56
C VAL A 420 -16.63 0.46 -39.94
N ILE A 421 -16.92 0.58 -38.65
CA ILE A 421 -16.80 1.87 -38.00
C ILE A 421 -15.66 1.80 -36.98
N PHE A 422 -14.68 2.71 -37.10
CA PHE A 422 -13.59 2.82 -36.14
C PHE A 422 -13.92 3.87 -35.08
N THR A 423 -14.26 3.37 -33.90
CA THR A 423 -14.66 4.20 -32.78
C THR A 423 -13.43 4.60 -31.97
N GLU A 424 -12.29 3.92 -32.21
CA GLU A 424 -11.11 3.96 -31.35
C GLU A 424 -10.06 4.96 -31.85
N PRO A 425 -9.59 5.89 -30.98
CA PRO A 425 -8.60 6.88 -31.40
C PRO A 425 -7.16 6.38 -31.44
N ASP A 426 -6.87 5.36 -30.61
CA ASP A 426 -5.56 4.80 -30.37
C ASP A 426 -4.82 4.59 -31.69
N PHE A 427 -5.51 3.95 -32.64
CA PHE A 427 -4.94 3.55 -33.92
C PHE A 427 -5.47 4.47 -35.01
N SER A 428 -4.56 5.01 -35.82
CA SER A 428 -4.94 5.86 -36.94
C SER A 428 -5.81 5.08 -37.93
N TYR A 429 -6.81 5.78 -38.49
CA TYR A 429 -7.74 5.29 -39.48
C TYR A 429 -6.99 4.45 -40.52
N LEU A 430 -5.84 4.99 -40.99
CA LEU A 430 -5.23 4.62 -42.26
C LEU A 430 -4.35 3.39 -42.14
N GLU A 431 -3.91 3.02 -40.94
CA GLU A 431 -3.04 1.86 -40.83
C GLU A 431 -3.85 0.59 -41.06
N ALA A 432 -5.00 0.49 -40.41
CA ALA A 432 -5.87 -0.63 -40.61
C ALA A 432 -6.24 -0.75 -42.09
N LEU A 433 -6.64 0.36 -42.68
CA LEU A 433 -6.96 0.37 -44.10
C LEU A 433 -5.78 -0.17 -44.92
N ALA A 434 -4.53 0.14 -44.53
CA ALA A 434 -3.34 -0.16 -45.32
C ALA A 434 -3.26 -1.62 -45.82
N PRO A 435 -3.15 -2.70 -44.99
CA PRO A 435 -3.00 -4.06 -45.52
C PRO A 435 -4.26 -4.53 -46.23
N TYR A 436 -5.42 -4.06 -45.76
CA TYR A 436 -6.70 -4.45 -46.32
C TYR A 436 -7.24 -3.38 -47.28
N GLN A 437 -6.35 -2.64 -47.97
CA GLN A 437 -6.69 -1.52 -48.84
C GLN A 437 -7.69 -1.90 -49.92
N PRO A 438 -7.58 -3.07 -50.60
CA PRO A 438 -8.59 -3.46 -51.59
C PRO A 438 -9.81 -4.11 -50.91
N LEU A 439 -10.59 -3.31 -50.16
CA LEU A 439 -11.78 -3.74 -49.44
C LEU A 439 -13.01 -3.02 -50.00
N ALA A 440 -14.10 -3.76 -50.16
CA ALA A 440 -15.33 -3.19 -50.71
C ALA A 440 -16.06 -2.36 -49.65
N MET A 441 -15.91 -2.75 -48.37
CA MET A 441 -16.68 -2.22 -47.23
C MET A 441 -16.63 -0.70 -47.21
N LYS A 442 -17.78 -0.08 -46.96
CA LYS A 442 -17.78 1.37 -46.75
C LYS A 442 -17.05 1.62 -45.45
N CYS A 443 -16.05 2.52 -45.47
CA CYS A 443 -15.24 2.81 -44.29
C CYS A 443 -15.68 4.14 -43.70
N ILE A 444 -15.97 4.11 -42.39
CA ILE A 444 -16.42 5.26 -41.64
C ILE A 444 -15.49 5.43 -40.45
N TYR A 445 -15.13 6.68 -40.12
CA TYR A 445 -14.36 7.00 -38.92
C TYR A 445 -15.25 7.81 -37.97
N CYS A 446 -15.41 7.32 -36.73
CA CYS A 446 -16.21 7.97 -35.69
C CYS A 446 -15.47 7.96 -34.35
N PRO A 447 -14.29 8.61 -34.25
CA PRO A 447 -13.48 8.47 -33.04
C PRO A 447 -13.98 9.39 -31.97
N ILE A 448 -14.11 8.85 -30.74
CA ILE A 448 -14.64 9.56 -29.59
C ILE A 448 -13.65 9.49 -28.42
N ASP A 449 -13.13 10.65 -28.01
CA ASP A 449 -12.22 10.73 -26.88
C ASP A 449 -12.82 11.70 -25.87
N THR A 450 -13.05 11.18 -24.67
CA THR A 450 -13.67 11.94 -23.61
C THR A 450 -12.61 12.75 -22.87
N ARG A 451 -11.30 12.41 -23.06
CA ARG A 451 -10.16 13.04 -22.37
C ARG A 451 -10.15 14.55 -22.60
N LEU A 452 -9.71 15.32 -21.58
CA LEU A 452 -9.70 16.78 -21.61
C LEU A 452 -9.26 17.25 -22.99
N ASN A 453 -9.94 18.24 -23.56
CA ASN A 453 -9.56 18.93 -24.79
C ASN A 453 -8.49 19.95 -24.47
N PHE A 454 -7.88 20.60 -25.50
CA PHE A 454 -6.83 21.55 -25.18
C PHE A 454 -7.41 22.78 -24.53
N ILE A 455 -8.60 23.20 -24.97
CA ILE A 455 -9.29 24.30 -24.30
C ILE A 455 -9.58 23.93 -22.83
N GLN A 456 -10.03 22.69 -22.60
CA GLN A 456 -10.32 22.21 -21.27
C GLN A 456 -9.07 22.25 -20.40
N VAL A 457 -7.93 21.80 -20.92
CA VAL A 457 -6.63 21.77 -20.25
C VAL A 457 -6.17 23.19 -19.95
N SER A 458 -6.45 24.12 -20.85
CA SER A 458 -6.10 25.52 -20.68
C SER A 458 -6.88 26.20 -19.56
N LYS A 459 -8.16 25.84 -19.45
CA LYS A 459 -9.00 26.41 -18.42
C LYS A 459 -8.71 25.79 -17.06
N LEU A 460 -8.41 24.49 -17.05
CA LEU A 460 -8.01 23.74 -15.88
C LEU A 460 -6.81 24.40 -15.20
N LEU A 461 -5.82 24.77 -16.02
CA LEU A 461 -4.47 25.14 -15.58
C LEU A 461 -4.35 26.59 -15.16
N LYS A 462 -5.31 27.43 -15.58
CA LYS A 462 -5.39 28.80 -15.09
C LYS A 462 -5.71 28.78 -13.60
N GLU A 463 -6.72 27.98 -13.24
CA GLU A 463 -7.22 27.87 -11.89
C GLU A 463 -6.28 27.07 -11.00
N VAL A 464 -5.92 25.86 -11.43
CA VAL A 464 -5.06 25.00 -10.62
C VAL A 464 -3.79 25.76 -10.22
N GLN A 465 -3.30 26.59 -11.17
CA GLN A 465 -2.28 27.62 -10.98
C GLN A 465 -0.92 27.05 -10.58
N PRO A 466 -0.37 26.02 -11.30
CA PRO A 466 0.94 25.44 -10.96
C PRO A 466 2.14 26.13 -11.61
N LEU A 467 3.29 26.18 -10.89
CA LEU A 467 4.42 27.05 -11.21
C LEU A 467 5.24 26.56 -12.39
N HIS A 468 5.45 25.25 -12.44
CA HIS A 468 6.09 24.68 -13.61
C HIS A 468 5.28 23.46 -14.00
N VAL A 469 5.17 23.23 -15.31
CA VAL A 469 4.42 22.11 -15.85
C VAL A 469 5.29 21.41 -16.85
N VAL A 470 5.27 20.09 -16.85
CA VAL A 470 6.06 19.30 -17.77
C VAL A 470 5.11 18.47 -18.60
N CYS A 471 5.24 18.49 -19.92
CA CYS A 471 4.30 17.86 -20.82
C CYS A 471 5.07 17.64 -22.09
N PRO A 472 4.74 16.59 -22.85
CA PRO A 472 5.51 16.23 -24.04
C PRO A 472 5.57 17.31 -25.12
N GLU A 473 6.55 17.17 -26.03
CA GLU A 473 6.79 18.06 -27.15
C GLU A 473 5.54 18.17 -27.99
N GLN A 474 4.83 17.05 -28.09
CA GLN A 474 3.65 16.94 -28.92
C GLN A 474 2.67 18.06 -28.57
N TYR A 475 2.47 18.28 -27.28
CA TYR A 475 1.56 19.30 -26.81
C TYR A 475 2.17 20.68 -27.04
N THR A 476 3.49 20.81 -26.90
CA THR A 476 4.18 22.09 -26.99
C THR A 476 3.97 22.76 -28.35
N GLN A 477 4.09 21.96 -29.43
CA GLN A 477 3.96 22.45 -30.80
C GLN A 477 2.52 22.20 -31.27
N PRO A 478 1.98 22.93 -32.29
CA PRO A 478 0.66 22.59 -32.85
C PRO A 478 0.73 21.25 -33.60
N PRO A 479 -0.39 20.50 -33.72
CA PRO A 479 -0.35 19.14 -34.27
C PRO A 479 0.06 19.17 -35.75
N PRO A 480 0.78 18.13 -36.25
CA PRO A 480 1.33 18.15 -37.60
C PRO A 480 0.29 18.47 -38.68
N ALA A 481 -0.89 17.84 -38.55
CA ALA A 481 -2.05 17.94 -39.42
C ALA A 481 -2.51 19.38 -39.62
N GLN A 482 -2.71 20.09 -38.50
CA GLN A 482 -3.34 21.40 -38.57
C GLN A 482 -2.36 22.49 -38.13
N SER A 483 -2.24 23.51 -39.00
CA SER A 483 -1.55 24.80 -38.86
C SER A 483 -1.95 25.61 -37.61
N HIS A 484 -3.23 25.50 -37.23
CA HIS A 484 -3.89 26.29 -36.18
C HIS A 484 -3.30 26.13 -34.79
N ARG A 485 -3.36 27.21 -34.00
CA ARG A 485 -2.69 27.34 -32.72
C ARG A 485 -3.53 26.83 -31.54
N MET A 486 -3.88 25.54 -31.57
CA MET A 486 -4.66 24.87 -30.53
C MET A 486 -3.75 24.32 -29.42
N ASP A 487 -2.44 24.43 -29.61
CA ASP A 487 -1.40 23.81 -28.77
C ASP A 487 -1.52 24.26 -27.32
N LEU A 488 -1.01 23.43 -26.40
CA LEU A 488 -1.06 23.64 -24.96
C LEU A 488 0.03 24.62 -24.56
N MET A 489 -0.43 25.76 -24.00
CA MET A 489 0.42 26.85 -23.58
C MET A 489 0.09 27.27 -22.16
N ILE A 490 1.13 27.53 -21.35
CA ILE A 490 1.00 28.09 -20.01
C ILE A 490 1.93 29.30 -19.90
N ASP A 491 1.63 30.17 -18.92
CA ASP A 491 2.34 31.43 -18.71
C ASP A 491 3.83 31.19 -18.46
N CYS A 492 4.16 30.07 -17.80
CA CYS A 492 5.52 29.78 -17.38
C CYS A 492 6.38 29.17 -18.51
N GLN A 493 5.79 28.96 -19.71
CA GLN A 493 6.49 28.39 -20.85
C GLN A 493 7.04 26.99 -20.51
N PRO A 494 6.18 25.96 -20.45
CA PRO A 494 6.52 24.68 -19.80
C PRO A 494 7.53 23.80 -20.54
N PRO A 495 8.55 23.23 -19.86
CA PRO A 495 9.50 22.27 -20.45
C PRO A 495 8.83 21.10 -21.16
N ALA A 496 9.26 20.86 -22.40
CA ALA A 496 8.70 19.78 -23.18
C ALA A 496 9.48 18.51 -22.88
N MET A 497 8.80 17.38 -22.60
CA MET A 497 9.44 16.09 -22.43
C MET A 497 9.87 15.60 -23.78
N SER A 498 10.49 14.43 -23.83
CA SER A 498 10.82 13.71 -25.07
C SER A 498 11.26 12.31 -24.65
N TYR A 499 11.41 11.38 -25.59
CA TYR A 499 12.01 10.10 -25.25
C TYR A 499 13.46 10.32 -24.81
N ARG A 500 13.97 9.46 -23.92
CA ARG A 500 15.35 9.44 -23.46
C ARG A 500 15.83 10.83 -23.11
N ARG A 501 14.99 11.58 -22.38
CA ARG A 501 15.34 12.94 -22.00
C ARG A 501 15.21 13.10 -20.49
N ALA A 502 16.34 13.26 -19.79
CA ALA A 502 16.30 13.44 -18.33
C ALA A 502 16.35 14.93 -18.04
N GLU A 503 15.20 15.44 -17.59
CA GLU A 503 15.01 16.86 -17.47
C GLU A 503 14.86 17.20 -15.99
N VAL A 504 15.63 18.20 -15.54
CA VAL A 504 15.69 18.59 -14.14
C VAL A 504 14.99 19.93 -13.99
N LEU A 505 13.90 19.95 -13.22
CA LEU A 505 13.17 21.18 -12.99
C LEU A 505 13.82 21.94 -11.84
N ALA A 506 13.52 23.26 -11.75
CA ALA A 506 14.21 24.17 -10.84
C ALA A 506 13.57 24.26 -9.45
N LEU A 507 13.68 23.18 -8.65
CA LEU A 507 13.28 23.17 -7.24
C LEU A 507 14.38 22.57 -6.38
N PRO A 508 15.03 23.31 -5.45
CA PRO A 508 15.69 22.71 -4.28
C PRO A 508 14.79 22.77 -3.04
N PHE A 509 14.77 21.66 -2.31
CA PHE A 509 14.19 21.57 -0.99
C PHE A 509 14.87 22.61 -0.09
N LYS A 510 14.10 23.44 0.63
CA LYS A 510 14.65 24.48 1.50
C LYS A 510 14.38 24.29 2.99
N ARG A 511 13.22 23.74 3.34
CA ARG A 511 12.84 23.51 4.73
C ARG A 511 12.02 22.22 4.78
N ARG A 512 12.30 21.38 5.80
CA ARG A 512 11.63 20.11 6.11
C ARG A 512 11.15 20.07 7.54
N TYR A 513 10.03 19.38 7.79
CA TYR A 513 9.38 19.29 9.08
C TYR A 513 10.25 18.53 10.09
N GLU A 514 9.98 18.83 11.38
CA GLU A 514 10.52 18.15 12.55
C GLU A 514 9.66 18.51 13.77
N LYS A 515 8.97 17.51 14.32
CA LYS A 515 8.08 17.66 15.47
C LYS A 515 8.92 17.77 16.74
N ILE A 516 8.33 18.35 17.80
CA ILE A 516 8.96 18.58 19.09
C ILE A 516 8.30 17.66 20.12
N GLU A 517 9.11 17.21 21.08
CA GLU A 517 8.70 16.25 22.11
C GLU A 517 7.71 16.90 23.08
N ILE A 518 6.98 16.06 23.80
CA ILE A 518 5.89 16.49 24.67
C ILE A 518 6.43 16.67 26.09
N MET A 519 6.83 15.58 26.76
CA MET A 519 7.12 15.57 28.20
C MET A 519 8.44 16.27 28.49
N PRO A 520 9.55 15.94 27.76
CA PRO A 520 10.84 16.57 28.00
C PRO A 520 11.18 17.90 27.31
N GLU A 521 10.86 18.05 26.01
CA GLU A 521 11.46 19.06 25.16
C GLU A 521 10.67 20.36 25.17
N LEU A 522 9.36 20.27 24.94
CA LEU A 522 8.49 21.42 24.73
C LEU A 522 8.89 22.50 25.72
N ALA A 523 8.91 22.14 27.01
CA ALA A 523 9.22 23.06 28.10
C ALA A 523 10.50 23.83 27.81
N ASP A 524 11.63 23.12 27.66
CA ASP A 524 12.93 23.77 27.54
C ASP A 524 12.98 24.63 26.27
N SER A 525 12.26 24.19 25.21
CA SER A 525 12.23 24.84 23.90
C SER A 525 11.11 25.87 23.77
N LEU A 526 10.40 26.13 24.88
CA LEU A 526 9.44 27.21 25.06
C LEU A 526 10.08 28.29 25.92
N VAL A 527 11.16 28.89 25.40
CA VAL A 527 11.90 29.95 26.07
C VAL A 527 12.07 31.16 25.13
N PRO A 528 11.00 31.79 24.59
CA PRO A 528 11.14 32.85 23.59
C PRO A 528 11.59 34.18 24.19
N MET A 529 12.43 34.92 23.45
CA MET A 529 12.91 36.24 23.85
C MET A 529 12.63 37.21 22.70
N GLU A 530 11.81 38.22 23.00
CA GLU A 530 11.18 39.02 21.96
C GLU A 530 12.14 40.10 21.44
N ILE A 531 12.33 40.12 20.11
CA ILE A 531 13.17 41.09 19.42
C ILE A 531 12.27 42.14 18.79
N LYS A 532 11.23 41.64 18.10
CA LYS A 532 10.26 42.42 17.36
C LYS A 532 8.86 42.09 17.90
N PRO A 533 7.83 42.92 17.57
CA PRO A 533 6.44 42.62 17.94
C PRO A 533 5.97 41.26 17.42
N GLY A 534 6.35 40.93 16.18
CA GLY A 534 5.85 39.74 15.51
C GLY A 534 6.89 38.65 15.32
N ILE A 535 8.07 38.82 15.92
CA ILE A 535 9.14 37.84 15.85
C ILE A 535 9.64 37.55 17.27
N SER A 536 9.88 36.26 17.54
CA SER A 536 10.45 35.81 18.79
C SER A 536 11.59 34.84 18.50
N LEU A 537 12.44 34.58 19.51
CA LEU A 537 13.59 33.72 19.34
C LEU A 537 13.83 32.88 20.58
N ALA A 538 14.01 31.57 20.38
CA ALA A 538 14.20 30.65 21.48
C ALA A 538 15.42 29.79 21.21
N THR A 539 16.34 29.68 22.17
CA THR A 539 17.49 28.78 22.01
C THR A 539 17.07 27.32 22.22
N VAL A 540 17.18 26.55 21.14
CA VAL A 540 16.76 25.16 21.21
C VAL A 540 18.00 24.28 21.21
N SER A 541 18.15 23.50 22.28
CA SER A 541 19.14 22.44 22.39
C SER A 541 18.42 21.14 22.66
N ALA A 542 18.68 20.11 21.83
CA ALA A 542 18.10 18.80 22.05
C ALA A 542 18.95 17.76 21.34
N VAL A 543 18.44 16.53 21.23
CA VAL A 543 19.10 15.49 20.42
C VAL A 543 18.05 14.81 19.56
N LEU A 544 18.45 14.45 18.33
CA LEU A 544 17.51 13.99 17.33
C LEU A 544 17.64 12.48 17.09
N HIS A 545 16.51 11.76 17.22
CA HIS A 545 16.35 10.39 16.78
C HIS A 545 15.66 10.39 15.42
N THR A 546 16.33 9.81 14.43
CA THR A 546 15.84 9.75 13.06
C THR A 546 15.12 8.40 12.86
N LYS A 547 13.95 8.21 13.47
CA LYS A 547 13.26 6.93 13.41
C LYS A 547 12.31 6.84 12.23
N ASP A 548 12.54 5.84 11.36
CA ASP A 548 11.75 5.55 10.16
C ASP A 548 11.51 6.80 9.33
N ASN A 549 12.61 7.54 9.16
CA ASN A 549 12.74 8.73 8.33
C ASN A 549 11.85 9.87 8.85
N LYS A 550 11.67 9.97 10.15
CA LYS A 550 10.95 11.08 10.77
C LYS A 550 11.80 11.68 11.88
N HIS A 551 11.57 12.97 12.16
CA HIS A 551 12.50 13.75 12.97
C HIS A 551 11.82 14.23 14.25
N LEU A 552 12.49 13.99 15.39
CA LEU A 552 12.01 14.31 16.73
C LEU A 552 13.17 14.74 17.62
N LEU A 553 13.15 16.00 18.09
CA LEU A 553 14.20 16.57 18.91
C LEU A 553 13.69 16.61 20.36
N GLN A 554 14.49 16.07 21.30
CA GLN A 554 14.14 15.95 22.72
C GLN A 554 15.39 16.04 23.61
N PRO A 555 15.40 16.75 24.77
CA PRO A 555 16.67 17.07 25.46
C PRO A 555 17.30 15.79 26.02
N PRO A 556 18.65 15.63 25.95
CA PRO A 556 19.31 14.45 26.54
C PRO A 556 19.54 14.51 28.06
N LYS A 582 28.86 26.98 22.25
CA LYS A 582 28.99 28.45 22.54
C LYS A 582 28.13 29.29 21.60
N PRO A 583 27.24 30.17 22.15
CA PRO A 583 26.34 30.92 21.27
C PRO A 583 27.08 32.01 20.51
N LEU A 584 26.49 32.39 19.37
CA LEU A 584 26.96 33.58 18.69
C LEU A 584 26.42 34.80 19.44
N LEU A 585 27.20 35.89 19.42
CA LEU A 585 26.84 37.10 20.14
C LEU A 585 26.43 38.23 19.18
N SER A 586 25.55 39.12 19.66
CA SER A 586 25.16 40.26 18.84
C SER A 586 24.83 41.45 19.73
N GLY A 587 25.23 42.63 19.28
CA GLY A 587 24.84 43.83 19.99
C GLY A 587 25.98 44.80 20.15
N SER A 588 25.75 45.77 21.03
CA SER A 588 26.66 46.87 21.22
C SER A 588 26.76 47.13 22.73
N ILE A 589 27.91 47.65 23.15
CA ILE A 589 28.13 47.90 24.56
C ILE A 589 27.99 49.39 24.82
N PRO A 590 26.93 49.83 25.52
CA PRO A 590 26.82 51.24 25.87
C PRO A 590 27.83 51.53 26.98
N VAL A 591 28.82 52.36 26.65
CA VAL A 591 30.00 52.56 27.48
C VAL A 591 29.63 53.11 28.86
N GLU A 592 28.74 54.09 28.87
CA GLU A 592 28.30 54.73 30.10
C GLU A 592 27.67 53.68 31.02
N GLN A 593 26.74 52.88 30.49
CA GLN A 593 26.05 51.91 31.34
C GLN A 593 27.02 50.78 31.73
N PHE A 594 28.01 50.47 30.87
CA PHE A 594 29.01 49.44 31.15
C PHE A 594 29.88 49.83 32.36
N VAL A 595 30.45 51.05 32.30
CA VAL A 595 31.23 51.62 33.40
C VAL A 595 30.41 51.63 34.70
N GLN A 596 29.14 52.04 34.63
CA GLN A 596 28.28 52.02 35.81
C GLN A 596 28.13 50.59 36.36
N THR A 597 28.04 49.60 35.48
CA THR A 597 27.94 48.22 35.91
C THR A 597 29.24 47.81 36.63
N LEU A 598 30.38 48.19 36.02
CA LEU A 598 31.68 47.91 36.59
C LEU A 598 31.77 48.53 37.99
N GLU A 599 31.35 49.79 38.12
CA GLU A 599 31.35 50.47 39.41
C GLU A 599 30.46 49.76 40.43
N LYS A 600 29.30 49.22 39.98
CA LYS A 600 28.40 48.52 40.90
C LYS A 600 29.08 47.28 41.49
N HIS A 601 29.99 46.66 40.72
CA HIS A 601 30.67 45.43 41.12
C HIS A 601 32.00 45.73 41.83
N GLY A 602 32.22 47.01 42.17
CA GLY A 602 33.33 47.40 43.04
C GLY A 602 34.60 47.91 42.35
N PHE A 603 34.66 47.84 41.01
CA PHE A 603 35.86 48.27 40.31
C PHE A 603 36.09 49.76 40.48
N SER A 604 37.32 50.08 40.84
CA SER A 604 37.67 51.44 41.17
C SER A 604 38.59 51.94 40.07
N ASP A 605 38.72 53.27 39.98
CA ASP A 605 39.77 53.88 39.19
C ASP A 605 39.53 53.62 37.71
N ILE A 606 38.30 53.79 37.26
CA ILE A 606 37.98 53.54 35.87
C ILE A 606 38.12 54.82 35.07
N LYS A 607 38.85 54.72 33.94
CA LYS A 607 38.95 55.81 32.99
C LYS A 607 38.51 55.36 31.59
N VAL A 608 37.84 56.29 30.89
CA VAL A 608 37.33 56.02 29.56
C VAL A 608 38.00 57.01 28.61
N GLU A 609 38.58 56.52 27.52
CA GLU A 609 39.05 57.46 26.51
C GLU A 609 38.41 57.17 25.14
N ASP A 610 38.22 58.25 24.38
CA ASP A 610 37.74 58.15 23.01
C ASP A 610 38.90 57.59 22.17
N THR A 611 38.59 56.68 21.26
CA THR A 611 39.59 56.25 20.31
C THR A 611 38.94 56.32 18.95
N ALA A 612 39.75 56.23 17.88
CA ALA A 612 39.20 56.02 16.55
C ALA A 612 38.23 54.84 16.62
N LYS A 613 37.00 55.07 16.13
CA LYS A 613 35.91 54.09 16.04
C LYS A 613 35.52 53.41 17.36
N GLY A 614 35.81 54.02 18.51
CA GLY A 614 35.23 53.50 19.73
C GLY A 614 35.67 54.18 21.02
N HIS A 615 35.80 53.36 22.06
CA HIS A 615 36.30 53.79 23.36
C HIS A 615 37.18 52.70 23.93
N ILE A 616 38.14 53.10 24.78
CA ILE A 616 38.83 52.13 25.61
C ILE A 616 38.43 52.41 27.07
N VAL A 617 38.09 51.35 27.80
CA VAL A 617 37.83 51.43 29.24
C VAL A 617 39.06 50.86 29.95
N LEU A 618 39.67 51.71 30.78
CA LEU A 618 40.88 51.35 31.49
C LEU A 618 40.52 51.09 32.93
N LEU A 619 40.72 49.84 33.36
CA LEU A 619 40.56 49.49 34.76
C LEU A 619 41.95 49.51 35.36
N GLN A 620 42.32 50.66 35.90
CA GLN A 620 43.69 50.84 36.34
C GLN A 620 44.00 49.97 37.56
N GLU A 621 43.03 49.87 38.48
CA GLU A 621 43.13 49.04 39.69
C GLU A 621 43.27 47.54 39.35
N ALA A 622 42.89 47.16 38.12
CA ALA A 622 42.94 45.76 37.74
C ALA A 622 43.83 45.47 36.53
N GLU A 623 44.69 46.42 36.12
CA GLU A 623 45.60 46.31 34.98
C GLU A 623 44.93 45.76 33.70
N THR A 624 43.74 46.28 33.40
CA THR A 624 42.87 45.74 32.36
C THR A 624 42.47 46.83 31.37
N LEU A 625 42.41 46.48 30.08
CA LEU A 625 41.83 47.33 29.05
C LEU A 625 40.64 46.62 28.40
N ILE A 626 39.56 47.36 28.17
CA ILE A 626 38.45 46.85 27.36
C ILE A 626 38.22 47.80 26.19
N GLN A 627 38.61 47.35 24.98
CA GLN A 627 38.38 48.11 23.76
C GLN A 627 36.96 47.83 23.28
N ILE A 628 36.17 48.90 23.18
CA ILE A 628 34.77 48.80 22.82
C ILE A 628 34.56 49.46 21.46
N GLU A 629 34.33 48.63 20.45
CA GLU A 629 34.14 49.10 19.07
C GLU A 629 32.82 48.54 18.52
N GLU A 630 32.40 49.00 17.33
CA GLU A 630 31.20 48.42 16.74
C GLU A 630 31.40 46.94 16.44
N ASP A 631 30.55 46.09 17.01
CA ASP A 631 30.59 44.63 16.86
C ASP A 631 31.92 43.99 17.29
N SER A 632 32.62 44.61 18.25
CA SER A 632 33.94 44.16 18.67
C SER A 632 34.22 44.62 20.11
N THR A 633 34.41 43.67 21.02
CA THR A 633 34.83 43.96 22.39
C THR A 633 36.12 43.19 22.62
N HIS A 634 37.17 43.87 23.05
CA HIS A 634 38.46 43.25 23.28
C HIS A 634 38.86 43.45 24.72
N ILE A 635 38.89 42.37 25.50
CA ILE A 635 39.31 42.41 26.90
C ILE A 635 40.78 41.99 26.97
N ILE A 636 41.63 42.90 27.46
CA ILE A 636 43.06 42.62 27.61
C ILE A 636 43.42 42.70 29.10
N CYS A 637 43.90 41.59 29.66
CA CYS A 637 44.31 41.59 31.07
C CYS A 637 45.44 40.58 31.29
N ASP A 638 45.87 40.47 32.56
CA ASP A 638 46.88 39.51 32.96
C ASP A 638 46.26 38.12 33.02
N ASN A 639 47.12 37.12 33.21
CA ASN A 639 46.66 35.75 33.32
C ASN A 639 46.01 35.49 34.67
N ASP A 640 44.79 36.01 34.83
CA ASP A 640 43.97 35.91 36.02
C ASP A 640 42.59 35.47 35.53
N GLU A 641 42.33 34.17 35.64
CA GLU A 641 41.16 33.61 34.99
C GLU A 641 39.87 34.12 35.64
N MET A 642 39.89 34.26 36.97
CA MET A 642 38.75 34.79 37.72
C MET A 642 38.41 36.21 37.25
N LEU A 643 39.42 37.06 37.06
CA LEU A 643 39.21 38.42 36.56
C LEU A 643 38.63 38.39 35.14
N ARG A 644 39.23 37.58 34.25
CA ARG A 644 38.73 37.43 32.88
C ARG A 644 37.24 37.03 32.87
N VAL A 645 36.91 36.01 33.66
CA VAL A 645 35.56 35.47 33.75
C VAL A 645 34.57 36.53 34.25
N ARG A 646 34.98 37.28 35.29
CA ARG A 646 34.10 38.33 35.81
C ARG A 646 33.83 39.39 34.74
N LEU A 647 34.89 39.85 34.04
CA LEU A 647 34.71 40.84 32.97
C LEU A 647 33.91 40.26 31.80
N ARG A 648 34.19 39.00 31.42
CA ARG A 648 33.44 38.37 30.34
C ARG A 648 31.94 38.38 30.66
N ASP A 649 31.60 37.97 31.90
CA ASP A 649 30.22 37.88 32.36
C ASP A 649 29.53 39.25 32.31
N LEU A 650 30.26 40.29 32.72
CA LEU A 650 29.73 41.65 32.73
C LEU A 650 29.48 42.15 31.31
N VAL A 651 30.39 41.80 30.38
CA VAL A 651 30.23 42.17 28.97
C VAL A 651 29.04 41.42 28.38
N LEU A 652 28.97 40.09 28.60
CA LEU A 652 27.94 39.23 28.01
C LEU A 652 26.52 39.70 28.37
N LYS A 653 26.34 40.29 29.55
CA LYS A 653 25.04 40.77 29.99
C LYS A 653 24.49 41.81 29.02
N PHE A 654 25.39 42.52 28.30
CA PHE A 654 24.97 43.53 27.33
C PHE A 654 24.73 42.98 25.92
N LEU A 655 24.95 41.67 25.67
CA LEU A 655 24.88 41.17 24.30
C LEU A 655 23.75 40.14 24.19
N GLN A 656 23.12 40.06 23.01
CA GLN A 656 22.14 39.03 22.72
C GLN A 656 22.86 37.73 22.37
N LYS A 657 22.30 36.60 22.80
CA LYS A 657 22.88 35.30 22.52
C LYS A 657 22.01 34.64 21.46
N PHE A 658 22.67 34.11 20.42
CA PHE A 658 21.99 33.36 19.39
C PHE A 658 22.73 32.03 19.20
N LYS B 51 36.93 -0.36 -34.71
CA LYS B 51 35.92 0.74 -34.63
C LYS B 51 36.11 1.56 -33.36
N SER B 52 37.06 1.16 -32.51
CA SER B 52 37.21 1.62 -31.13
C SER B 52 37.47 3.13 -31.05
N ALA B 53 38.28 3.64 -32.00
CA ALA B 53 38.74 5.02 -32.01
C ALA B 53 37.71 5.97 -32.64
N ALA B 54 36.78 5.42 -33.43
CA ALA B 54 35.68 6.17 -34.02
C ALA B 54 34.70 6.56 -32.93
N LEU B 55 34.46 5.59 -32.03
CA LEU B 55 33.52 5.69 -30.93
C LEU B 55 33.96 6.83 -30.01
N HIS B 56 35.29 6.88 -29.79
CA HIS B 56 36.00 7.89 -29.03
C HIS B 56 35.56 9.28 -29.50
N ILE B 57 35.72 9.52 -30.80
CA ILE B 57 35.44 10.77 -31.49
C ILE B 57 33.95 11.14 -31.37
N ASP B 58 33.06 10.17 -31.54
CA ASP B 58 31.61 10.42 -31.52
C ASP B 58 31.16 10.97 -30.17
N LEU B 59 31.76 10.46 -29.09
CA LEU B 59 31.36 10.77 -27.71
C LEU B 59 31.55 12.25 -27.37
N CYS B 60 32.67 12.87 -27.79
CA CYS B 60 33.01 14.26 -27.53
C CYS B 60 32.28 15.24 -28.46
N LYS B 61 32.02 14.82 -29.71
CA LYS B 61 31.38 15.61 -30.74
C LYS B 61 29.91 15.93 -30.43
N ALA B 62 29.37 15.39 -29.31
CA ALA B 62 28.01 15.66 -28.88
C ALA B 62 27.79 17.16 -28.74
N THR B 63 26.68 17.63 -29.34
CA THR B 63 26.35 19.05 -29.40
C THR B 63 25.94 19.56 -28.02
N SER B 64 25.08 18.80 -27.32
CA SER B 64 24.45 19.17 -26.06
C SER B 64 24.61 18.03 -25.05
N PRO B 65 24.39 18.26 -23.74
CA PRO B 65 24.43 17.20 -22.72
C PRO B 65 23.55 15.99 -22.98
N ALA B 66 22.37 16.23 -23.56
CA ALA B 66 21.36 15.20 -23.75
C ALA B 66 21.53 14.46 -25.08
N ASP B 67 22.35 15.04 -25.96
CA ASP B 67 22.81 14.37 -27.18
C ASP B 67 23.75 13.25 -26.80
N ALA B 68 24.69 13.57 -25.91
CA ALA B 68 25.65 12.61 -25.40
C ALA B 68 24.93 11.42 -24.77
N LEU B 69 23.88 11.75 -24.01
CA LEU B 69 23.12 10.77 -23.26
C LEU B 69 22.57 9.68 -24.18
N GLN B 70 21.92 10.10 -25.29
CA GLN B 70 21.25 9.22 -26.24
C GLN B 70 22.23 8.32 -26.97
N TYR B 71 23.38 8.89 -27.35
CA TYR B 71 24.37 8.12 -28.07
C TYR B 71 24.85 6.94 -27.21
N LEU B 72 25.11 7.24 -25.93
CA LEU B 72 25.54 6.22 -24.99
C LEU B 72 24.45 5.16 -24.92
N LEU B 73 23.19 5.62 -24.87
CA LEU B 73 22.07 4.73 -24.75
C LEU B 73 22.04 3.78 -25.95
N GLN B 74 22.23 4.34 -27.15
CA GLN B 74 22.19 3.58 -28.39
C GLN B 74 23.32 2.55 -28.42
N PHE B 75 24.51 2.95 -27.96
CA PHE B 75 25.65 2.06 -27.91
C PHE B 75 25.38 0.87 -26.97
N ALA B 76 24.67 1.13 -25.88
CA ALA B 76 24.27 0.10 -24.94
C ALA B 76 23.62 -1.10 -25.65
N ARG B 77 22.90 -0.81 -26.75
CA ARG B 77 22.04 -1.78 -27.39
C ARG B 77 22.79 -2.59 -28.45
N LYS B 78 24.06 -2.26 -28.72
CA LYS B 78 24.93 -3.05 -29.60
C LYS B 78 25.95 -3.80 -28.73
N PRO B 79 26.08 -5.14 -28.85
CA PRO B 79 26.99 -5.88 -27.97
C PRO B 79 28.45 -5.72 -28.39
N VAL B 80 29.35 -5.93 -27.42
CA VAL B 80 30.78 -5.65 -27.55
C VAL B 80 31.54 -6.93 -27.14
N GLU B 81 32.53 -7.31 -27.96
CA GLU B 81 33.39 -8.48 -27.82
C GLU B 81 34.53 -8.20 -26.83
N ALA B 82 35.36 -9.21 -26.54
CA ALA B 82 36.35 -9.18 -25.47
C ALA B 82 37.30 -7.97 -25.53
N GLU B 83 37.82 -7.66 -26.73
CA GLU B 83 38.93 -6.71 -26.91
C GLU B 83 38.43 -5.30 -27.16
N SER B 84 37.23 -5.20 -27.71
CA SER B 84 36.55 -3.92 -27.91
C SER B 84 35.96 -3.41 -26.59
N VAL B 85 35.59 -4.31 -25.67
CA VAL B 85 35.11 -3.98 -24.32
C VAL B 85 36.25 -3.32 -23.55
N GLU B 86 37.49 -3.81 -23.71
CA GLU B 86 38.64 -3.13 -23.12
C GLU B 86 38.78 -1.73 -23.72
N GLY B 87 38.58 -1.61 -25.03
CA GLY B 87 38.70 -0.34 -25.74
C GLY B 87 37.79 0.73 -25.16
N VAL B 88 36.50 0.39 -25.06
CA VAL B 88 35.42 1.31 -24.77
C VAL B 88 35.43 1.68 -23.30
N VAL B 89 35.70 0.70 -22.41
CA VAL B 89 35.84 1.01 -20.99
C VAL B 89 36.75 2.23 -20.81
N ARG B 90 37.96 2.16 -21.37
CA ARG B 90 38.92 3.23 -21.19
C ARG B 90 38.35 4.56 -21.66
N ILE B 91 37.84 4.56 -22.89
CA ILE B 91 37.29 5.75 -23.50
C ILE B 91 36.18 6.38 -22.64
N LEU B 92 35.32 5.49 -22.09
CA LEU B 92 34.14 5.92 -21.36
C LEU B 92 34.51 6.47 -20.00
N LEU B 93 35.64 6.00 -19.44
CA LEU B 93 36.21 6.55 -18.22
C LEU B 93 36.73 7.95 -18.47
N GLU B 94 37.44 8.11 -19.60
CA GLU B 94 38.02 9.38 -19.98
C GLU B 94 36.91 10.43 -20.06
N HIS B 95 35.82 10.09 -20.76
CA HIS B 95 34.69 11.00 -20.95
C HIS B 95 34.08 11.38 -19.62
N TYR B 96 33.96 10.40 -18.71
CA TYR B 96 33.39 10.54 -17.38
C TYR B 96 34.12 11.63 -16.58
N TYR B 97 35.45 11.64 -16.70
CA TYR B 97 36.25 12.64 -16.01
C TYR B 97 35.82 14.07 -16.38
N LYS B 98 35.64 14.33 -17.68
CA LYS B 98 35.53 15.64 -18.32
C LYS B 98 34.08 16.15 -18.44
N GLU B 99 33.10 15.34 -18.02
CA GLU B 99 31.70 15.66 -18.25
C GLU B 99 31.05 16.12 -16.95
N ASN B 100 30.32 17.25 -17.03
CA ASN B 100 29.87 17.96 -15.85
C ASN B 100 28.42 17.70 -15.50
N ASP B 101 27.71 16.95 -16.36
CA ASP B 101 26.31 16.61 -16.10
C ASP B 101 26.15 15.21 -15.55
N PRO B 102 25.36 15.05 -14.47
CA PRO B 102 25.25 13.76 -13.78
C PRO B 102 24.56 12.72 -14.64
N SER B 103 23.48 13.13 -15.29
CA SER B 103 22.69 12.29 -16.16
C SER B 103 23.61 11.37 -16.95
N VAL B 104 24.55 11.97 -17.68
CA VAL B 104 25.48 11.27 -18.54
C VAL B 104 26.47 10.45 -17.74
N ARG B 105 26.88 10.95 -16.57
CA ARG B 105 27.83 10.22 -15.75
C ARG B 105 27.20 8.89 -15.37
N LEU B 106 25.90 8.92 -15.04
CA LEU B 106 25.15 7.79 -14.52
C LEU B 106 25.13 6.64 -15.52
N LYS B 107 24.83 6.93 -16.79
CA LYS B 107 24.76 5.96 -17.87
C LYS B 107 26.14 5.41 -18.23
N ILE B 108 27.12 6.32 -18.15
CA ILE B 108 28.50 5.92 -18.36
C ILE B 108 28.78 4.79 -17.38
N ALA B 109 28.31 4.96 -16.15
CA ALA B 109 28.48 3.94 -15.11
C ALA B 109 27.71 2.66 -15.46
N SER B 110 26.48 2.81 -15.96
CA SER B 110 25.71 1.64 -16.34
C SER B 110 26.42 0.84 -17.45
N LEU B 111 26.91 1.59 -18.46
CA LEU B 111 27.67 1.03 -19.57
C LEU B 111 28.86 0.25 -19.05
N LEU B 112 29.54 0.85 -18.07
CA LEU B 112 30.72 0.26 -17.45
C LEU B 112 30.39 -1.10 -16.85
N GLY B 113 29.27 -1.14 -16.12
CA GLY B 113 28.80 -2.40 -15.55
C GLY B 113 28.52 -3.47 -16.60
N LEU B 114 27.85 -3.06 -17.68
CA LEU B 114 27.49 -3.96 -18.76
C LEU B 114 28.79 -4.55 -19.35
N LEU B 115 29.80 -3.68 -19.53
CA LEU B 115 31.08 -4.09 -20.12
C LEU B 115 31.82 -5.05 -19.18
N SER B 116 31.69 -4.81 -17.87
CA SER B 116 32.25 -5.70 -16.85
C SER B 116 31.69 -7.12 -16.98
N LYS B 117 30.39 -7.22 -17.33
CA LYS B 117 29.66 -8.48 -17.33
C LYS B 117 29.92 -9.34 -18.58
N THR B 118 30.81 -8.89 -19.49
CA THR B 118 31.06 -9.53 -20.77
C THR B 118 31.83 -10.83 -20.53
N ALA B 119 31.36 -11.93 -21.15
CA ALA B 119 31.89 -13.29 -20.98
C ALA B 119 33.40 -13.35 -21.21
N GLY B 120 33.82 -12.82 -22.37
CA GLY B 120 35.21 -12.80 -22.78
C GLY B 120 36.07 -11.93 -21.89
N PHE B 121 35.57 -10.72 -21.57
CA PHE B 121 36.24 -9.72 -20.74
C PHE B 121 36.57 -10.28 -19.36
N SER B 122 37.80 -9.93 -18.90
CA SER B 122 38.33 -10.05 -17.54
C SER B 122 38.56 -8.64 -16.98
N PRO B 123 37.87 -8.26 -15.87
CA PRO B 123 37.93 -6.89 -15.35
C PRO B 123 39.16 -6.64 -14.47
N ASP B 124 40.31 -6.52 -15.15
CA ASP B 124 41.60 -6.25 -14.55
C ASP B 124 42.17 -5.01 -15.22
N CYS B 125 42.91 -4.22 -14.42
CA CYS B 125 43.61 -3.01 -14.83
C CYS B 125 42.66 -1.80 -14.84
N ILE B 126 41.40 -2.02 -14.47
CA ILE B 126 40.37 -0.99 -14.47
C ILE B 126 39.48 -1.08 -13.24
N MET B 127 39.85 -1.94 -12.28
CA MET B 127 39.18 -1.92 -10.98
C MET B 127 39.76 -0.77 -10.16
N ASP B 128 41.08 -0.57 -10.28
CA ASP B 128 41.81 0.50 -9.62
C ASP B 128 41.25 1.86 -10.05
N ASP B 129 41.01 2.02 -11.35
CA ASP B 129 40.43 3.22 -11.94
C ASP B 129 39.06 3.51 -11.32
N ALA B 130 38.22 2.46 -11.26
CA ALA B 130 36.91 2.54 -10.67
C ALA B 130 37.00 3.05 -9.21
N ILE B 131 37.89 2.44 -8.44
CA ILE B 131 38.06 2.80 -7.04
C ILE B 131 38.48 4.27 -6.92
N ASN B 132 39.39 4.69 -7.81
CA ASN B 132 39.90 6.05 -7.83
C ASN B 132 38.77 7.04 -8.06
N ILE B 133 37.91 6.76 -9.05
CA ILE B 133 36.78 7.63 -9.35
C ILE B 133 35.76 7.68 -8.21
N LEU B 134 35.62 6.58 -7.47
CA LEU B 134 34.72 6.52 -6.33
C LEU B 134 35.06 7.59 -5.30
N GLN B 135 36.35 7.68 -4.94
CA GLN B 135 36.90 8.56 -3.94
C GLN B 135 36.57 10.03 -4.22
N ASN B 136 36.62 10.41 -5.50
CA ASN B 136 36.43 11.76 -6.01
C ASN B 136 35.18 11.84 -6.86
N GLU B 137 34.04 11.39 -6.32
CA GLU B 137 32.71 11.58 -6.88
C GLU B 137 31.78 12.06 -5.79
N LYS B 138 30.66 12.68 -6.21
CA LYS B 138 30.07 13.85 -5.58
C LYS B 138 28.55 13.82 -5.55
N SER B 139 27.90 13.00 -6.41
CA SER B 139 26.44 12.81 -6.38
C SER B 139 26.12 11.38 -6.02
N HIS B 140 25.15 11.16 -5.11
CA HIS B 140 24.97 9.88 -4.48
C HIS B 140 24.48 8.82 -5.48
N GLN B 141 23.64 9.22 -6.44
CA GLN B 141 23.06 8.29 -7.40
C GLN B 141 24.17 7.64 -8.20
N VAL B 142 25.05 8.46 -8.75
CA VAL B 142 26.13 7.99 -9.61
C VAL B 142 27.03 7.04 -8.83
N LEU B 143 27.33 7.39 -7.58
CA LEU B 143 28.20 6.58 -6.73
C LEU B 143 27.56 5.23 -6.50
N ALA B 144 26.24 5.20 -6.24
CA ALA B 144 25.53 3.96 -6.04
C ALA B 144 25.59 3.06 -7.28
N GLN B 145 25.42 3.67 -8.45
CA GLN B 145 25.51 2.95 -9.70
C GLN B 145 26.91 2.35 -9.88
N LEU B 146 27.94 3.13 -9.54
CA LEU B 146 29.31 2.68 -9.66
C LEU B 146 29.56 1.53 -8.70
N LEU B 147 28.99 1.58 -7.48
CA LEU B 147 29.09 0.52 -6.48
C LEU B 147 28.46 -0.75 -7.02
N ASP B 148 27.34 -0.59 -7.74
CA ASP B 148 26.65 -1.71 -8.37
C ASP B 148 27.57 -2.36 -9.42
N THR B 149 28.24 -1.52 -10.21
CA THR B 149 29.21 -1.97 -11.20
C THR B 149 30.33 -2.75 -10.51
N LEU B 150 30.78 -2.23 -9.37
CA LEU B 150 31.85 -2.83 -8.59
C LEU B 150 31.41 -4.21 -8.11
N LEU B 151 30.15 -4.35 -7.66
CA LEU B 151 29.61 -5.64 -7.23
C LEU B 151 29.58 -6.63 -8.38
N ALA B 152 29.19 -6.14 -9.55
CA ALA B 152 29.18 -6.96 -10.74
C ALA B 152 30.58 -7.48 -11.04
N ILE B 153 31.58 -6.59 -10.91
CA ILE B 153 32.98 -6.89 -11.18
C ILE B 153 33.47 -7.95 -10.20
N GLY B 154 33.11 -7.79 -8.91
CA GLY B 154 33.48 -8.68 -7.83
C GLY B 154 33.05 -10.13 -8.09
N THR B 155 31.79 -10.30 -8.50
CA THR B 155 31.24 -11.62 -8.77
C THR B 155 31.77 -12.24 -10.07
N LYS B 156 32.22 -11.38 -11.00
CA LYS B 156 32.66 -11.80 -12.32
C LYS B 156 33.89 -12.70 -12.21
N LEU B 157 34.86 -12.30 -11.35
CA LEU B 157 36.07 -13.06 -11.09
C LEU B 157 36.13 -13.46 -9.61
N PRO B 158 36.13 -14.78 -9.26
CA PRO B 158 36.29 -15.23 -7.87
C PRO B 158 37.75 -15.43 -7.47
N GLU B 159 38.47 -14.32 -7.24
CA GLU B 159 39.82 -14.28 -6.71
C GLU B 159 39.77 -13.59 -5.34
N ASN B 160 40.48 -14.16 -4.35
CA ASN B 160 40.31 -13.75 -2.96
C ASN B 160 40.75 -12.30 -2.73
N GLN B 161 41.85 -11.85 -3.37
CA GLN B 161 42.51 -10.59 -3.03
C GLN B 161 41.68 -9.37 -3.41
N ALA B 162 41.32 -9.33 -4.70
CA ALA B 162 40.60 -8.21 -5.30
C ALA B 162 39.24 -8.02 -4.64
N ILE B 163 38.59 -9.14 -4.33
CA ILE B 163 37.29 -9.17 -3.67
C ILE B 163 37.38 -8.42 -2.34
N GLN B 164 38.42 -8.73 -1.56
CA GLN B 164 38.64 -8.14 -0.25
C GLN B 164 38.87 -6.64 -0.38
N MET B 165 39.66 -6.25 -1.40
CA MET B 165 39.91 -4.84 -1.66
C MET B 165 38.58 -4.13 -1.85
N ARG B 166 37.75 -4.72 -2.73
CA ARG B 166 36.44 -4.17 -3.09
C ARG B 166 35.58 -4.01 -1.85
N LEU B 167 35.59 -5.03 -0.99
CA LEU B 167 34.81 -5.05 0.25
C LEU B 167 35.20 -3.88 1.15
N VAL B 168 36.51 -3.65 1.31
CA VAL B 168 37.01 -2.55 2.14
C VAL B 168 36.53 -1.22 1.56
N ASP B 169 36.64 -1.07 0.24
CA ASP B 169 36.21 0.13 -0.47
C ASP B 169 34.76 0.42 -0.15
N VAL B 170 33.95 -0.65 -0.13
CA VAL B 170 32.52 -0.49 0.08
C VAL B 170 32.17 -0.28 1.56
N ALA B 171 33.00 -0.76 2.49
CA ALA B 171 32.83 -0.38 3.90
C ALA B 171 33.01 1.15 4.04
N CYS B 172 34.01 1.67 3.33
CA CYS B 172 34.22 3.10 3.28
C CYS B 172 32.96 3.77 2.75
N LYS B 173 32.42 3.25 1.63
CA LYS B 173 31.26 3.89 1.03
C LYS B 173 30.00 3.63 1.84
N HIS B 174 30.02 2.66 2.78
CA HIS B 174 28.90 2.31 3.64
C HIS B 174 28.54 3.40 4.65
N LEU B 175 29.50 4.26 4.95
CA LEU B 175 29.31 5.21 6.03
C LEU B 175 28.61 6.47 5.53
N THR B 176 28.32 6.53 4.22
CA THR B 176 27.68 7.65 3.51
C THR B 176 26.37 8.00 4.18
N ASP B 177 26.07 9.30 4.13
CA ASP B 177 25.12 9.96 5.00
C ASP B 177 24.00 10.54 4.13
N THR B 178 22.80 10.53 4.70
CA THR B 178 21.56 10.98 4.10
C THR B 178 21.47 10.54 2.64
N SER B 179 22.11 9.40 2.35
CA SER B 179 22.03 8.69 1.07
C SER B 179 21.48 7.30 1.38
N HIS B 180 20.15 7.12 1.22
CA HIS B 180 19.49 5.85 1.48
C HIS B 180 20.11 4.84 0.54
N GLY B 181 20.54 5.25 -0.67
CA GLY B 181 20.91 4.33 -1.72
C GLY B 181 22.37 3.86 -1.73
N VAL B 182 23.29 4.74 -1.33
CA VAL B 182 24.66 4.26 -1.23
C VAL B 182 24.64 3.21 -0.13
N ARG B 183 23.90 3.49 0.94
CA ARG B 183 23.91 2.59 2.08
C ARG B 183 23.45 1.24 1.61
N ASN B 184 22.29 1.14 0.93
CA ASN B 184 21.72 -0.12 0.50
C ASN B 184 22.68 -0.90 -0.41
N LYS B 185 23.29 -0.20 -1.39
CA LYS B 185 24.21 -0.82 -2.34
C LYS B 185 25.40 -1.44 -1.59
N CYS B 186 25.90 -0.69 -0.61
CA CYS B 186 27.03 -1.11 0.20
C CYS B 186 26.66 -2.37 0.95
N LEU B 187 25.49 -2.39 1.60
CA LEU B 187 25.10 -3.57 2.33
C LEU B 187 25.14 -4.73 1.38
N GLN B 188 24.52 -4.56 0.19
CA GLN B 188 24.40 -5.64 -0.80
C GLN B 188 25.81 -6.16 -1.10
N LEU B 189 26.75 -5.26 -1.42
CA LEU B 189 28.07 -5.68 -1.86
C LEU B 189 28.82 -6.39 -0.74
N LEU B 190 28.75 -5.87 0.50
CA LEU B 190 29.39 -6.51 1.65
C LEU B 190 28.93 -7.95 1.70
N GLY B 191 27.60 -8.09 1.72
CA GLY B 191 26.95 -9.40 1.73
C GLY B 191 27.46 -10.32 0.63
N ASN B 192 27.60 -9.80 -0.59
CA ASN B 192 27.94 -10.55 -1.77
C ASN B 192 29.41 -10.97 -1.76
N LEU B 193 30.36 -10.11 -1.37
CA LEU B 193 31.77 -10.42 -1.55
C LEU B 193 32.38 -10.97 -0.26
N GLY B 194 31.54 -11.17 0.76
CA GLY B 194 31.99 -11.39 2.13
C GLY B 194 32.77 -12.68 2.38
N SER B 195 33.48 -12.70 3.52
CA SER B 195 34.33 -13.79 4.01
C SER B 195 33.60 -15.10 4.38
N LEU B 196 34.29 -16.23 4.03
CA LEU B 196 34.00 -17.62 4.36
C LEU B 196 32.61 -18.01 3.84
N ARG B 210 33.32 -12.45 10.07
CA ARG B 210 33.03 -12.00 11.47
C ARG B 210 32.86 -10.49 11.52
N ASP B 211 33.87 -9.76 11.00
CA ASP B 211 33.86 -8.30 10.97
C ASP B 211 32.67 -7.84 10.15
N VAL B 212 32.46 -8.50 9.00
CA VAL B 212 31.36 -8.22 8.10
C VAL B 212 30.03 -8.31 8.85
N GLN B 213 29.85 -9.41 9.59
CA GLN B 213 28.62 -9.71 10.34
C GLN B 213 28.37 -8.63 11.37
N LYS B 214 29.44 -8.26 12.09
CA LYS B 214 29.37 -7.24 13.11
C LYS B 214 28.95 -5.91 12.50
N ILE B 215 29.52 -5.58 11.33
CA ILE B 215 29.22 -4.33 10.64
C ILE B 215 27.72 -4.24 10.35
N ILE B 216 27.15 -5.35 9.87
CA ILE B 216 25.80 -5.31 9.34
C ILE B 216 24.75 -4.94 10.41
N GLY B 217 25.00 -5.27 11.68
CA GLY B 217 24.11 -4.89 12.75
C GLY B 217 23.99 -3.38 12.95
N ASP B 218 25.07 -2.65 12.71
CA ASP B 218 25.03 -1.19 12.79
C ASP B 218 23.85 -0.67 11.98
N TYR B 219 23.76 -1.16 10.72
CA TYR B 219 22.76 -0.70 9.77
C TYR B 219 21.43 -1.42 9.95
N PHE B 220 21.40 -2.53 10.73
CA PHE B 220 20.14 -3.06 11.26
C PHE B 220 19.30 -1.95 11.88
N SER B 221 19.93 -1.20 12.76
CA SER B 221 19.24 -0.05 13.33
C SER B 221 19.58 1.19 12.53
N ASP B 222 18.88 1.42 11.40
CA ASP B 222 19.11 2.58 10.58
C ASP B 222 17.82 3.38 10.42
N GLN B 223 17.92 4.67 10.06
CA GLN B 223 16.75 5.53 9.90
C GLN B 223 15.70 4.93 8.96
N ASP B 224 16.12 4.54 7.75
CA ASP B 224 15.19 4.08 6.71
C ASP B 224 14.92 2.61 6.87
N PRO B 225 13.66 2.18 6.67
CA PRO B 225 13.31 0.77 6.74
C PRO B 225 13.98 0.07 5.56
N ARG B 226 14.34 0.86 4.54
CA ARG B 226 14.81 0.39 3.26
C ARG B 226 16.24 -0.18 3.40
N VAL B 227 17.01 0.41 4.33
CA VAL B 227 18.33 -0.02 4.72
C VAL B 227 18.22 -1.21 5.66
N ARG B 228 17.24 -1.17 6.57
CA ARG B 228 16.99 -2.24 7.52
C ARG B 228 16.85 -3.57 6.76
N THR B 229 15.97 -3.56 5.75
CA THR B 229 15.67 -4.73 4.96
C THR B 229 16.93 -5.23 4.31
N ALA B 230 17.69 -4.31 3.73
CA ALA B 230 18.86 -4.69 2.98
C ALA B 230 19.85 -5.45 3.86
N ALA B 231 20.02 -4.95 5.11
CA ALA B 231 20.89 -5.55 6.09
C ALA B 231 20.47 -6.99 6.37
N ILE B 232 19.17 -7.20 6.62
CA ILE B 232 18.66 -8.54 6.88
C ILE B 232 18.95 -9.48 5.72
N LYS B 233 18.68 -9.01 4.50
CA LYS B 233 18.87 -9.84 3.33
C LYS B 233 20.35 -10.17 3.17
N ALA B 234 21.22 -9.20 3.47
CA ALA B 234 22.67 -9.38 3.35
C ALA B 234 23.13 -10.51 4.25
N MET B 235 22.69 -10.51 5.50
CA MET B 235 23.00 -11.57 6.45
C MET B 235 22.45 -12.89 5.91
N LEU B 236 21.24 -12.78 5.36
CA LEU B 236 20.57 -13.97 4.89
C LEU B 236 21.43 -14.57 3.79
N GLN B 237 21.98 -13.72 2.91
CA GLN B 237 22.84 -14.08 1.79
C GLN B 237 24.10 -14.76 2.30
N LEU B 238 24.74 -14.16 3.31
CA LEU B 238 25.95 -14.70 3.88
C LEU B 238 25.72 -16.14 4.32
N HIS B 239 24.52 -16.45 4.82
CA HIS B 239 24.22 -17.80 5.24
C HIS B 239 24.32 -18.76 4.07
N GLU B 240 23.73 -18.34 2.95
CA GLU B 240 23.48 -19.15 1.77
C GLU B 240 24.72 -19.37 0.92
N ARG B 241 25.86 -18.81 1.34
CA ARG B 241 27.16 -19.05 0.73
C ARG B 241 28.03 -19.84 1.70
N GLY B 242 27.38 -20.50 2.66
CA GLY B 242 28.01 -21.47 3.52
C GLY B 242 28.58 -20.89 4.83
N LEU B 243 28.25 -19.64 5.17
CA LEU B 243 28.71 -19.08 6.44
C LEU B 243 27.76 -19.47 7.61
N LYS B 244 28.27 -19.33 8.85
CA LYS B 244 27.54 -19.53 10.09
C LYS B 244 27.37 -18.24 10.91
N LEU B 245 26.12 -17.79 10.99
CA LEU B 245 25.75 -16.60 11.73
C LEU B 245 25.81 -16.89 13.23
N HIS B 246 25.93 -15.80 14.01
CA HIS B 246 25.98 -15.87 15.47
C HIS B 246 24.65 -15.62 16.18
N GLN B 247 24.66 -15.94 17.48
CA GLN B 247 23.47 -15.80 18.29
C GLN B 247 23.22 -14.32 18.61
N THR B 248 24.26 -13.50 18.47
CA THR B 248 24.12 -12.05 18.49
C THR B 248 23.10 -11.62 17.43
N ILE B 249 23.28 -12.18 16.21
CA ILE B 249 22.43 -11.95 15.07
C ILE B 249 21.03 -12.41 15.41
N TYR B 250 20.91 -13.55 16.10
CA TYR B 250 19.60 -14.01 16.54
C TYR B 250 18.89 -12.95 17.38
N ASN B 251 19.59 -12.39 18.35
CA ASN B 251 18.95 -11.44 19.24
C ASN B 251 18.53 -10.21 18.45
N GLN B 252 19.41 -9.78 17.53
CA GLN B 252 19.15 -8.63 16.69
C GLN B 252 17.88 -8.87 15.85
N ALA B 253 17.73 -10.07 15.32
CA ALA B 253 16.58 -10.44 14.52
C ALA B 253 15.31 -10.42 15.36
N CYS B 254 15.37 -10.87 16.62
CA CYS B 254 14.20 -10.87 17.49
C CYS B 254 13.80 -9.43 17.85
N LYS B 255 14.75 -8.48 17.77
CA LYS B 255 14.54 -7.10 18.20
C LYS B 255 13.73 -6.30 17.17
N LEU B 256 13.71 -6.76 15.91
CA LEU B 256 13.14 -6.08 14.75
C LEU B 256 12.03 -6.87 14.07
N LEU B 257 11.50 -7.87 14.78
CA LEU B 257 10.39 -8.65 14.29
C LEU B 257 9.10 -7.83 14.30
N SER B 258 9.06 -6.75 15.09
CA SER B 258 7.87 -5.94 15.30
C SER B 258 8.06 -4.46 14.93
N ASP B 259 8.71 -4.23 13.78
CA ASP B 259 8.90 -2.92 13.20
C ASP B 259 7.63 -2.52 12.47
N ASP B 260 7.47 -1.21 12.29
CA ASP B 260 6.31 -0.68 11.63
C ASP B 260 6.17 -1.18 10.18
N TYR B 261 7.25 -1.18 9.38
CA TYR B 261 7.19 -1.43 7.95
C TYR B 261 7.03 -2.91 7.65
N GLU B 262 6.33 -3.22 6.54
CA GLU B 262 5.93 -4.57 6.25
C GLU B 262 7.13 -5.35 5.73
N GLN B 263 7.95 -4.72 4.88
CA GLN B 263 9.17 -5.28 4.33
C GLN B 263 10.06 -5.86 5.43
N VAL B 264 10.32 -4.98 6.41
CA VAL B 264 11.24 -5.27 7.49
C VAL B 264 10.78 -6.55 8.17
N ARG B 265 9.52 -6.62 8.61
CA ARG B 265 8.94 -7.78 9.29
C ARG B 265 9.12 -9.01 8.41
N SER B 266 8.88 -8.91 7.11
CA SER B 266 8.98 -10.06 6.26
C SER B 266 10.37 -10.67 6.42
N ALA B 267 11.38 -9.81 6.26
CA ALA B 267 12.77 -10.22 6.28
C ALA B 267 13.15 -10.80 7.65
N ALA B 268 12.65 -10.16 8.70
CA ALA B 268 13.02 -10.45 10.07
C ALA B 268 12.72 -11.89 10.47
N VAL B 269 11.51 -12.38 10.17
CA VAL B 269 11.11 -13.75 10.46
C VAL B 269 11.94 -14.71 9.61
N GLN B 270 12.17 -14.29 8.36
CA GLN B 270 12.98 -15.08 7.49
C GLN B 270 14.26 -15.46 8.25
N LEU B 271 14.92 -14.47 8.83
CA LEU B 271 16.20 -14.58 9.54
C LEU B 271 16.04 -15.34 10.86
N ILE B 272 14.94 -15.06 11.57
CA ILE B 272 14.69 -15.73 12.84
C ILE B 272 14.62 -17.22 12.60
N TRP B 273 13.87 -17.60 11.56
CA TRP B 273 13.85 -18.99 11.15
C TRP B 273 15.26 -19.51 10.84
N VAL B 274 16.09 -18.69 10.16
CA VAL B 274 17.41 -19.08 9.72
C VAL B 274 18.26 -19.47 10.92
N VAL B 275 18.28 -18.59 11.93
CA VAL B 275 19.15 -18.76 13.07
C VAL B 275 18.58 -19.82 14.01
N SER B 276 17.25 -19.95 13.98
CA SER B 276 16.57 -20.98 14.74
C SER B 276 17.04 -22.38 14.31
N GLN B 277 17.10 -22.63 13.00
CA GLN B 277 17.57 -23.87 12.41
C GLN B 277 19.07 -24.07 12.68
N LEU B 278 19.80 -22.94 12.82
CA LEU B 278 21.23 -22.94 13.10
C LEU B 278 21.54 -23.39 14.53
N TYR B 279 20.72 -22.95 15.51
CA TYR B 279 20.96 -23.23 16.92
C TYR B 279 19.70 -23.74 17.66
N PRO B 280 19.03 -24.83 17.22
CA PRO B 280 17.86 -25.33 17.96
C PRO B 280 18.26 -25.86 19.33
N GLU B 281 19.42 -26.53 19.40
CA GLU B 281 19.87 -27.18 20.62
C GLU B 281 20.17 -26.13 21.69
N SER B 282 20.75 -24.99 21.29
CA SER B 282 21.07 -23.89 22.18
C SER B 282 19.79 -23.40 22.85
N ILE B 283 19.92 -22.80 24.04
CA ILE B 283 18.80 -22.33 24.84
C ILE B 283 18.99 -20.84 25.15
N VAL B 284 17.85 -20.17 25.38
CA VAL B 284 17.76 -18.78 25.83
C VAL B 284 17.65 -18.76 27.34
N PRO B 285 18.68 -18.29 28.07
CA PRO B 285 18.64 -18.31 29.54
C PRO B 285 17.56 -17.40 30.12
N ILE B 286 17.34 -16.24 29.48
CA ILE B 286 16.41 -15.21 29.92
C ILE B 286 15.04 -15.86 30.18
N PRO B 287 14.46 -15.71 31.40
CA PRO B 287 13.16 -16.31 31.70
C PRO B 287 12.04 -15.69 30.85
N SER B 288 12.05 -14.36 30.73
CA SER B 288 11.03 -13.58 30.03
C SER B 288 9.64 -13.92 30.56
N SER B 289 9.51 -14.00 31.90
CA SER B 289 8.28 -14.21 32.66
C SER B 289 7.86 -15.68 32.75
N ASN B 290 8.70 -16.59 32.26
CA ASN B 290 8.50 -18.03 32.32
C ASN B 290 9.82 -18.73 32.63
N GLU B 291 9.83 -20.06 32.81
CA GLU B 291 11.07 -20.79 33.00
C GLU B 291 11.81 -20.88 31.67
N GLU B 292 13.13 -21.11 31.74
CA GLU B 292 14.01 -21.20 30.58
C GLU B 292 13.58 -22.35 29.66
N ILE B 293 13.47 -22.04 28.36
CA ILE B 293 13.00 -22.96 27.32
C ILE B 293 14.00 -22.92 26.17
N ARG B 294 13.80 -23.74 25.13
CA ARG B 294 14.76 -23.82 24.04
C ARG B 294 14.67 -22.62 23.08
N LEU B 295 15.81 -22.29 22.47
CA LEU B 295 15.86 -21.28 21.41
C LEU B 295 14.78 -21.59 20.37
N VAL B 296 14.76 -22.82 19.86
CA VAL B 296 13.84 -23.21 18.80
C VAL B 296 12.41 -23.00 19.28
N ASP B 297 12.16 -23.30 20.56
CA ASP B 297 10.83 -23.22 21.15
C ASP B 297 10.30 -21.80 20.97
N ASP B 298 11.14 -20.83 21.37
CA ASP B 298 10.84 -19.41 21.31
C ASP B 298 10.70 -18.95 19.86
N ALA B 299 11.57 -19.43 18.98
CA ALA B 299 11.52 -19.11 17.55
C ALA B 299 10.19 -19.53 16.95
N PHE B 300 9.76 -20.76 17.28
CA PHE B 300 8.49 -21.29 16.83
C PHE B 300 7.36 -20.37 17.29
N GLY B 301 7.37 -20.01 18.57
CA GLY B 301 6.43 -19.08 19.14
C GLY B 301 6.34 -17.74 18.41
N LYS B 302 7.50 -17.14 18.14
CA LYS B 302 7.58 -15.83 17.51
C LYS B 302 7.02 -15.93 16.09
N ILE B 303 7.32 -17.04 15.39
CA ILE B 303 6.80 -17.24 14.04
C ILE B 303 5.28 -17.43 14.07
N CYS B 304 4.72 -18.08 15.10
CA CYS B 304 3.27 -18.20 15.28
C CYS B 304 2.62 -16.82 15.36
N HIS B 305 3.11 -16.01 16.29
CA HIS B 305 2.60 -14.66 16.47
C HIS B 305 2.40 -13.97 15.11
N MET B 306 3.36 -14.18 14.22
CA MET B 306 3.36 -13.55 12.90
C MET B 306 2.22 -14.07 12.03
N VAL B 307 1.79 -15.32 12.27
CA VAL B 307 0.67 -15.87 11.53
C VAL B 307 -0.53 -15.00 11.83
N SER B 308 -0.58 -14.51 13.08
CA SER B 308 -1.66 -13.68 13.57
C SER B 308 -1.36 -12.18 13.46
N ASP B 309 -0.35 -11.79 12.66
CA ASP B 309 0.04 -10.40 12.46
C ASP B 309 -0.89 -9.73 11.45
N GLY B 310 -0.89 -8.39 11.47
CA GLY B 310 -1.80 -7.56 10.69
C GLY B 310 -1.22 -7.22 9.33
N SER B 311 -1.08 -8.25 8.48
CA SER B 311 -0.72 -8.15 7.08
C SER B 311 -1.06 -9.49 6.44
N TRP B 312 -1.21 -9.50 5.11
CA TRP B 312 -1.59 -10.74 4.44
C TRP B 312 -0.35 -11.44 3.88
N VAL B 313 0.75 -10.70 3.73
CA VAL B 313 2.02 -11.17 3.16
C VAL B 313 3.04 -11.54 4.23
N VAL B 314 2.90 -10.94 5.43
CA VAL B 314 3.70 -11.26 6.60
C VAL B 314 3.37 -12.68 7.03
N ARG B 315 2.10 -13.07 6.93
CA ARG B 315 1.59 -14.39 7.29
C ARG B 315 2.15 -15.46 6.36
N VAL B 316 2.26 -15.11 5.08
CA VAL B 316 2.81 -16.02 4.11
C VAL B 316 4.24 -16.37 4.51
N GLN B 317 5.06 -15.34 4.85
CA GLN B 317 6.40 -15.53 5.35
C GLN B 317 6.41 -16.59 6.46
N ALA B 318 5.53 -16.40 7.47
CA ALA B 318 5.46 -17.20 8.69
C ALA B 318 5.12 -18.65 8.36
N ALA B 319 4.12 -18.83 7.49
CA ALA B 319 3.47 -20.10 7.28
C ALA B 319 4.48 -21.14 6.80
N LYS B 320 5.23 -20.81 5.75
CA LYS B 320 6.25 -21.69 5.21
C LYS B 320 7.29 -22.06 6.25
N LEU B 321 7.75 -21.06 7.01
CA LEU B 321 8.80 -21.23 8.00
C LEU B 321 8.27 -22.05 9.17
N LEU B 322 7.02 -21.80 9.61
CA LEU B 322 6.40 -22.50 10.72
C LEU B 322 6.33 -24.00 10.40
N GLY B 323 5.88 -24.29 9.19
CA GLY B 323 5.83 -25.67 8.73
C GLY B 323 7.20 -26.32 8.66
N SER B 324 8.21 -25.58 8.22
CA SER B 324 9.56 -26.10 8.01
C SER B 324 10.32 -26.32 9.32
N MET B 325 9.80 -25.79 10.44
CA MET B 325 10.46 -25.89 11.73
C MET B 325 10.55 -27.36 12.18
N GLU B 326 11.70 -27.75 12.79
CA GLU B 326 11.94 -29.12 13.24
C GLU B 326 12.45 -29.16 14.68
N GLN B 327 12.14 -30.27 15.35
CA GLN B 327 12.58 -30.51 16.72
C GLN B 327 12.02 -29.45 17.67
N VAL B 328 10.92 -28.78 17.26
CA VAL B 328 9.99 -28.12 18.16
C VAL B 328 9.61 -29.17 19.21
N SER B 329 9.49 -28.75 20.46
CA SER B 329 9.05 -29.68 21.50
C SER B 329 7.63 -30.16 21.20
N SER B 330 7.35 -31.44 21.45
CA SER B 330 6.07 -32.09 21.21
C SER B 330 4.92 -31.31 21.85
N HIS B 331 5.15 -30.82 23.08
CA HIS B 331 4.18 -29.92 23.76
C HIS B 331 3.79 -28.76 22.84
N PHE B 332 4.77 -27.92 22.47
CA PHE B 332 4.53 -26.69 21.74
C PHE B 332 3.97 -26.96 20.35
N LEU B 333 4.50 -28.00 19.69
CA LEU B 333 4.05 -28.39 18.37
C LEU B 333 2.58 -28.80 18.37
N GLU B 334 2.15 -29.52 19.41
CA GLU B 334 0.78 -29.96 19.57
C GLU B 334 -0.15 -28.76 19.75
N GLN B 335 0.33 -27.75 20.48
CA GLN B 335 -0.47 -26.64 20.98
C GLN B 335 -0.88 -25.65 19.88
N THR B 336 -0.44 -25.89 18.63
CA THR B 336 -0.26 -24.85 17.60
C THR B 336 -1.59 -24.22 17.16
N LEU B 337 -1.55 -22.89 16.93
CA LEU B 337 -2.68 -22.08 16.49
C LEU B 337 -2.62 -21.87 14.97
N ASP B 338 -2.12 -22.91 14.27
CA ASP B 338 -1.99 -22.96 12.81
C ASP B 338 -3.36 -23.21 12.18
N LYS B 339 -4.38 -23.36 13.03
CA LYS B 339 -5.79 -23.58 12.67
C LYS B 339 -6.53 -22.24 12.68
N LYS B 340 -5.77 -21.13 12.70
CA LYS B 340 -6.27 -19.77 12.56
C LYS B 340 -6.30 -19.33 11.09
N LEU B 341 -6.23 -20.29 10.14
CA LEU B 341 -6.38 -20.12 8.70
C LEU B 341 -7.73 -19.45 8.40
N MET B 342 -7.71 -18.27 7.74
CA MET B 342 -8.85 -17.38 7.52
C MET B 342 -8.60 -16.45 6.33
N SER B 343 -9.54 -15.52 6.12
CA SER B 343 -9.54 -14.40 5.18
C SER B 343 -9.04 -14.80 3.81
N ASP B 344 -7.91 -14.20 3.40
CA ASP B 344 -7.26 -14.52 2.15
C ASP B 344 -7.00 -16.04 2.06
N LEU B 345 -7.44 -16.62 0.94
CA LEU B 345 -7.49 -18.06 0.79
C LEU B 345 -6.17 -18.63 0.22
N ARG B 346 -5.25 -17.72 -0.15
CA ARG B 346 -3.92 -18.10 -0.59
C ARG B 346 -3.10 -18.65 0.58
N ARG B 347 -3.08 -17.85 1.67
CA ARG B 347 -2.46 -18.24 2.93
C ARG B 347 -3.02 -19.57 3.41
N LYS B 348 -4.36 -19.68 3.38
CA LYS B 348 -5.05 -20.86 3.86
C LYS B 348 -4.46 -22.09 3.18
N ARG B 349 -4.45 -22.07 1.83
CA ARG B 349 -4.04 -23.21 1.02
C ARG B 349 -2.58 -23.57 1.31
N THR B 350 -1.74 -22.54 1.47
CA THR B 350 -0.31 -22.67 1.65
C THR B 350 0.04 -23.41 2.95
N ALA B 351 -0.77 -23.21 4.00
CA ALA B 351 -0.42 -23.63 5.35
C ALA B 351 -0.70 -25.10 5.63
N HIS B 352 -1.49 -25.74 4.74
CA HIS B 352 -1.84 -27.14 4.81
C HIS B 352 -0.76 -27.98 4.13
N GLU B 353 -0.17 -27.41 3.06
CA GLU B 353 0.85 -28.04 2.24
C GLU B 353 1.95 -28.62 3.13
N ARG B 354 2.55 -27.77 3.96
CA ARG B 354 3.69 -28.16 4.80
C ARG B 354 3.23 -28.93 6.03
N ALA B 355 2.00 -28.64 6.48
CA ALA B 355 1.38 -29.39 7.55
C ALA B 355 1.59 -30.88 7.26
N LYS B 356 1.20 -31.31 6.05
CA LYS B 356 1.25 -32.71 5.64
C LYS B 356 2.69 -33.21 5.46
N GLU B 357 3.58 -32.33 5.00
CA GLU B 357 4.99 -32.66 4.83
C GLU B 357 5.56 -33.08 6.18
N LEU B 358 5.13 -32.41 7.27
CA LEU B 358 5.70 -32.54 8.60
C LEU B 358 4.79 -33.25 9.61
N TYR B 359 3.63 -33.75 9.15
CA TYR B 359 2.82 -34.66 9.94
C TYR B 359 3.46 -36.06 9.90
N SER B 360 4.17 -36.31 8.79
CA SER B 360 5.11 -37.41 8.71
C SER B 360 5.95 -37.38 9.99
N SER B 361 6.64 -36.26 10.20
CA SER B 361 7.45 -36.01 11.39
C SER B 361 6.59 -35.93 12.65
N PRO C 47 -5.22 20.49 25.84
CA PRO C 47 -4.96 19.20 25.17
C PRO C 47 -5.66 18.02 25.84
N GLU C 48 -6.91 18.22 26.27
CA GLU C 48 -7.69 17.20 26.97
C GLU C 48 -8.86 16.79 26.08
N ILE C 49 -9.01 15.48 25.89
CA ILE C 49 -10.05 14.88 25.07
C ILE C 49 -11.11 14.22 25.96
N ARG C 50 -12.34 14.78 26.00
CA ARG C 50 -13.38 14.37 26.93
C ARG C 50 -14.41 13.49 26.24
N VAL C 51 -14.56 12.22 26.69
CA VAL C 51 -15.44 11.22 26.12
C VAL C 51 -16.49 10.81 27.14
N THR C 52 -17.78 11.05 26.82
CA THR C 52 -18.91 10.79 27.71
C THR C 52 -20.01 10.04 26.99
N PRO C 53 -20.19 8.72 27.23
CA PRO C 53 -21.22 7.95 26.54
C PRO C 53 -22.57 8.25 27.18
N LEU C 54 -23.44 8.89 26.38
CA LEU C 54 -24.78 9.28 26.82
C LEU C 54 -25.71 8.08 26.78
N GLY C 55 -25.41 7.14 25.90
CA GLY C 55 -26.20 5.94 25.80
C GLY C 55 -25.39 4.65 25.81
N ALA C 56 -24.11 4.75 25.45
CA ALA C 56 -23.23 3.59 25.54
C ALA C 56 -22.57 3.60 26.92
N GLY C 57 -21.52 2.80 27.10
CA GLY C 57 -20.82 2.70 28.35
C GLY C 57 -21.11 1.37 29.02
N GLN C 58 -21.77 1.40 30.17
CA GLN C 58 -22.15 0.20 30.90
C GLN C 58 -23.38 -0.49 30.28
N ASP C 59 -24.18 0.26 29.49
CA ASP C 59 -25.43 -0.23 28.90
C ASP C 59 -25.19 -0.64 27.44
N VAL C 60 -25.76 -1.79 27.04
CA VAL C 60 -25.66 -2.29 25.68
C VAL C 60 -26.90 -1.88 24.87
N GLY C 61 -26.70 -1.40 23.63
CA GLY C 61 -27.69 -0.69 22.83
C GLY C 61 -27.81 0.79 23.23
N ARG C 62 -28.50 1.61 22.41
CA ARG C 62 -28.48 3.08 22.47
C ARG C 62 -27.05 3.62 22.42
N SER C 63 -26.17 3.00 21.62
CA SER C 63 -24.78 3.40 21.55
C SER C 63 -24.71 4.85 21.12
N CYS C 64 -24.33 5.72 22.05
CA CYS C 64 -24.08 7.13 21.76
C CYS C 64 -22.86 7.58 22.58
N ILE C 65 -21.84 8.14 21.92
CA ILE C 65 -20.60 8.53 22.58
C ILE C 65 -20.15 9.88 22.03
N LEU C 66 -20.28 10.93 22.85
CA LEU C 66 -19.73 12.25 22.53
C LEU C 66 -18.22 12.32 22.81
N VAL C 67 -17.43 12.97 21.92
CA VAL C 67 -15.96 12.92 21.98
C VAL C 67 -15.41 14.29 21.65
N SER C 68 -14.74 14.93 22.59
CA SER C 68 -14.26 16.30 22.45
C SER C 68 -12.75 16.39 22.25
N ILE C 69 -12.24 15.87 21.12
CA ILE C 69 -10.82 16.02 20.76
C ILE C 69 -10.57 17.49 20.45
N ALA C 70 -9.65 18.13 21.18
CA ALA C 70 -9.40 19.57 21.09
C ALA C 70 -10.69 20.40 21.24
N GLY C 71 -10.92 21.33 20.30
CA GLY C 71 -12.06 22.23 20.36
C GLY C 71 -13.30 21.70 19.65
N LYS C 72 -13.23 20.42 19.21
CA LYS C 72 -14.22 19.82 18.34
C LYS C 72 -15.04 18.72 19.04
N ASN C 73 -16.36 18.83 19.00
CA ASN C 73 -17.25 17.80 19.54
C ASN C 73 -17.80 16.93 18.42
N VAL C 74 -17.75 15.59 18.59
CA VAL C 74 -18.22 14.65 17.59
C VAL C 74 -19.01 13.51 18.23
N MET C 75 -20.33 13.40 17.92
CA MET C 75 -21.15 12.31 18.41
C MET C 75 -20.94 11.07 17.55
N LEU C 76 -20.69 9.90 18.19
CA LEU C 76 -20.26 8.68 17.50
C LEU C 76 -21.40 7.72 17.13
N ASP C 77 -22.59 7.90 17.73
CA ASP C 77 -23.79 7.16 17.35
C ASP C 77 -24.99 7.79 18.09
N CYS C 78 -26.21 7.34 17.76
CA CYS C 78 -27.44 7.87 18.35
C CYS C 78 -28.58 6.87 18.20
N GLY C 79 -29.02 6.23 19.30
CA GLY C 79 -29.68 4.94 19.22
C GLY C 79 -31.10 4.83 19.82
N MET C 80 -31.75 3.71 19.50
CA MET C 80 -33.09 3.35 19.94
C MET C 80 -32.99 2.08 20.78
N HIS C 81 -32.65 2.24 22.07
CA HIS C 81 -32.69 1.12 23.01
C HIS C 81 -34.11 0.58 22.97
N MET C 82 -34.19 -0.75 22.82
CA MET C 82 -35.41 -1.53 22.58
C MET C 82 -35.85 -2.18 23.90
N GLY C 83 -37.12 -2.63 23.93
CA GLY C 83 -37.66 -3.35 25.08
C GLY C 83 -38.36 -2.44 26.09
N PHE C 84 -38.34 -1.13 25.80
CA PHE C 84 -38.94 -0.09 26.61
C PHE C 84 -39.91 0.69 25.73
N ASN C 85 -41.14 0.83 26.23
CA ASN C 85 -42.21 1.54 25.55
C ASN C 85 -41.83 3.01 25.42
N ASP C 86 -41.25 3.58 26.47
CA ASP C 86 -40.77 4.96 26.47
C ASP C 86 -39.50 5.07 27.32
N ASP C 87 -38.92 6.29 27.38
CA ASP C 87 -37.77 6.65 28.22
C ASP C 87 -36.45 6.20 27.60
N ARG C 88 -36.49 5.67 26.37
CA ARG C 88 -35.31 5.09 25.73
C ARG C 88 -35.39 5.17 24.20
N ARG C 89 -36.37 5.94 23.70
CA ARG C 89 -36.47 6.19 22.26
C ARG C 89 -35.17 6.81 21.77
N PHE C 90 -34.71 7.83 22.48
CA PHE C 90 -33.45 8.50 22.24
C PHE C 90 -32.73 8.61 23.59
N PRO C 91 -31.42 8.28 23.68
CA PRO C 91 -30.68 8.48 24.93
C PRO C 91 -30.67 9.99 25.16
N ASP C 92 -31.07 10.42 26.36
CA ASP C 92 -31.21 11.84 26.69
C ASP C 92 -29.91 12.60 26.41
N PHE C 93 -30.11 13.83 25.89
CA PHE C 93 -29.06 14.69 25.37
C PHE C 93 -28.77 15.93 26.26
N SER C 94 -27.84 15.75 27.22
CA SER C 94 -27.28 16.80 28.08
C SER C 94 -26.77 17.98 27.26
N TYR C 95 -25.97 17.69 26.22
CA TYR C 95 -25.36 18.70 25.37
C TYR C 95 -26.41 19.53 24.61
N ILE C 96 -27.52 18.88 24.21
CA ILE C 96 -28.64 19.53 23.55
C ILE C 96 -29.29 20.56 24.47
N THR C 97 -29.43 20.22 25.75
CA THR C 97 -30.12 21.04 26.73
C THR C 97 -29.40 22.37 27.01
N GLN C 98 -28.13 22.45 26.59
CA GLN C 98 -27.17 23.51 26.92
C GLN C 98 -27.12 24.59 25.83
N ASN C 99 -26.91 24.16 24.57
CA ASN C 99 -26.95 25.03 23.40
C ASN C 99 -28.18 24.66 22.57
N GLY C 100 -29.05 25.65 22.31
CA GLY C 100 -30.33 25.45 21.66
C GLY C 100 -30.20 24.76 20.30
N ARG C 101 -29.28 25.27 19.48
CA ARG C 101 -28.98 24.70 18.18
C ARG C 101 -27.78 23.76 18.32
N LEU C 102 -27.95 22.52 17.83
CA LEU C 102 -26.95 21.48 17.91
C LEU C 102 -25.76 21.80 17.01
N THR C 103 -26.04 22.39 15.83
CA THR C 103 -25.05 22.72 14.81
C THR C 103 -23.88 23.50 15.41
N ASP C 104 -24.21 24.46 16.28
CA ASP C 104 -23.24 25.34 16.91
C ASP C 104 -22.29 24.53 17.79
N PHE C 105 -22.87 23.68 18.66
CA PHE C 105 -22.13 22.90 19.63
C PHE C 105 -21.36 21.74 18.98
N LEU C 106 -22.03 21.03 18.05
CA LEU C 106 -21.51 19.80 17.45
C LEU C 106 -21.04 20.08 16.04
N ASP C 107 -19.78 19.73 15.78
CA ASP C 107 -19.15 19.94 14.49
C ASP C 107 -19.60 18.85 13.51
N CYS C 108 -19.82 17.62 14.00
CA CYS C 108 -19.93 16.46 13.13
C CYS C 108 -20.50 15.22 13.86
N VAL C 109 -21.04 14.25 13.09
CA VAL C 109 -21.65 13.01 13.58
C VAL C 109 -21.31 11.87 12.65
N ILE C 110 -20.63 10.87 13.18
CA ILE C 110 -20.34 9.67 12.44
C ILE C 110 -21.20 8.55 12.99
N ILE C 111 -21.90 7.85 12.09
CA ILE C 111 -22.74 6.72 12.42
C ILE C 111 -22.14 5.43 11.89
N SER C 112 -22.12 4.40 12.72
CA SER C 112 -21.31 3.23 12.45
C SER C 112 -21.94 2.38 11.34
N HIS C 113 -23.23 2.02 11.44
CA HIS C 113 -23.90 1.12 10.50
C HIS C 113 -25.40 1.09 10.78
N PHE C 114 -26.14 0.20 10.09
CA PHE C 114 -27.58 0.33 9.97
C PHE C 114 -28.37 -0.12 11.21
N HIS C 115 -27.76 -0.87 12.12
CA HIS C 115 -28.51 -1.44 13.23
C HIS C 115 -29.35 -0.41 13.99
N LEU C 116 -30.54 -0.82 14.45
CA LEU C 116 -31.38 0.13 15.17
C LEU C 116 -30.66 0.61 16.44
N ASP C 117 -29.79 -0.23 17.02
CA ASP C 117 -28.94 0.09 18.17
C ASP C 117 -28.26 1.44 17.97
N HIS C 118 -27.48 1.51 16.89
CA HIS C 118 -26.55 2.58 16.55
C HIS C 118 -27.30 3.73 15.84
N CYS C 119 -27.84 3.48 14.63
CA CYS C 119 -28.40 4.52 13.77
C CYS C 119 -29.92 4.67 13.91
N GLY C 120 -30.55 3.86 14.78
CA GLY C 120 -31.99 3.79 14.93
C GLY C 120 -32.67 5.12 15.21
N ALA C 121 -32.06 5.93 16.10
CA ALA C 121 -32.64 7.20 16.52
C ALA C 121 -31.99 8.39 15.82
N LEU C 122 -31.36 8.11 14.67
CA LEU C 122 -30.79 9.13 13.81
C LEU C 122 -31.86 10.07 13.25
N PRO C 123 -33.09 9.58 12.90
CA PRO C 123 -34.17 10.47 12.52
C PRO C 123 -34.81 11.23 13.67
N TYR C 124 -34.53 10.85 14.91
CA TYR C 124 -35.04 11.67 15.99
C TYR C 124 -34.70 13.13 15.68
N PHE C 125 -33.46 13.32 15.18
CA PHE C 125 -32.71 14.57 15.03
C PHE C 125 -33.05 15.43 13.81
N SER C 126 -34.18 15.15 13.15
CA SER C 126 -34.53 15.82 11.91
C SER C 126 -35.08 17.21 12.16
N GLU C 127 -35.95 17.30 13.18
CA GLU C 127 -36.80 18.47 13.37
C GLU C 127 -36.89 18.90 14.84
N MET C 128 -37.04 17.92 15.75
CA MET C 128 -37.38 18.12 17.16
C MET C 128 -36.24 18.76 17.96
N VAL C 129 -35.01 18.23 17.81
CA VAL C 129 -33.80 18.82 18.40
C VAL C 129 -32.96 19.53 17.34
N GLY C 130 -33.37 19.39 16.07
CA GLY C 130 -33.04 20.33 15.01
C GLY C 130 -31.56 20.40 14.65
N TYR C 131 -30.98 19.23 14.34
CA TYR C 131 -29.58 19.13 13.99
C TYR C 131 -29.37 19.33 12.49
N ASP C 132 -28.34 20.13 12.17
CA ASP C 132 -27.84 20.26 10.82
C ASP C 132 -26.31 20.21 10.77
N GLY C 133 -25.78 19.54 9.72
CA GLY C 133 -24.35 19.25 9.61
C GLY C 133 -24.11 17.96 8.83
N PRO C 134 -22.85 17.60 8.53
CA PRO C 134 -22.53 16.36 7.80
C PRO C 134 -22.61 15.10 8.68
N ILE C 135 -23.68 14.34 8.50
CA ILE C 135 -23.78 13.02 9.10
C ILE C 135 -23.05 12.06 8.17
N TYR C 136 -22.04 11.36 8.70
CA TYR C 136 -21.10 10.60 7.90
C TYR C 136 -21.25 9.11 8.14
N MET C 137 -21.79 8.39 7.15
CA MET C 137 -21.86 6.93 7.16
C MET C 137 -21.18 6.37 5.94
N THR C 138 -20.81 5.08 5.94
CA THR C 138 -20.28 4.49 4.72
C THR C 138 -21.43 4.28 3.72
N HIS C 139 -21.12 4.16 2.42
CA HIS C 139 -22.11 4.08 1.35
C HIS C 139 -23.10 2.92 1.51
N PRO C 140 -22.68 1.68 1.89
CA PRO C 140 -23.60 0.56 2.17
C PRO C 140 -24.53 0.87 3.33
N THR C 141 -24.02 1.49 4.39
CA THR C 141 -24.80 1.90 5.54
C THR C 141 -26.00 2.76 5.14
N GLN C 142 -25.75 3.87 4.43
CA GLN C 142 -26.76 4.88 4.16
C GLN C 142 -27.89 4.37 3.29
N ALA C 143 -27.59 3.38 2.44
CA ALA C 143 -28.60 2.75 1.60
C ALA C 143 -29.57 1.94 2.47
N ILE C 144 -29.03 1.13 3.40
CA ILE C 144 -29.82 0.22 4.22
C ILE C 144 -30.40 0.94 5.45
N CYS C 145 -29.81 2.08 5.81
CA CYS C 145 -30.18 2.77 7.03
C CYS C 145 -31.66 3.15 6.99
N PRO C 146 -32.22 3.74 5.90
CA PRO C 146 -33.62 4.16 5.87
C PRO C 146 -34.56 2.94 5.87
N ILE C 147 -34.05 1.83 5.33
CA ILE C 147 -34.82 0.60 5.19
C ILE C 147 -35.27 0.11 6.56
N LEU C 148 -34.34 0.02 7.53
CA LEU C 148 -34.59 -0.40 8.89
C LEU C 148 -35.28 0.69 9.72
N LEU C 149 -34.98 1.96 9.39
CA LEU C 149 -35.62 3.08 10.06
C LEU C 149 -37.11 2.97 9.80
N GLU C 150 -37.51 2.93 8.52
CA GLU C 150 -38.91 2.90 8.12
C GLU C 150 -39.62 1.64 8.64
N ASP C 151 -38.96 0.47 8.61
CA ASP C 151 -39.58 -0.77 9.06
C ASP C 151 -39.95 -0.71 10.55
N TYR C 152 -39.02 -0.17 11.35
CA TYR C 152 -39.32 0.09 12.75
C TYR C 152 -40.42 1.14 12.86
N ARG C 153 -40.37 2.16 12.00
CA ARG C 153 -41.41 3.18 11.93
C ARG C 153 -42.77 2.53 11.75
N LYS C 154 -42.84 1.54 10.87
CA LYS C 154 -44.04 0.75 10.62
C LYS C 154 -44.53 0.05 11.90
N ILE C 155 -43.64 -0.67 12.59
CA ILE C 155 -44.02 -1.48 13.74
C ILE C 155 -44.50 -0.57 14.88
N ALA C 156 -43.93 0.63 15.01
CA ALA C 156 -44.22 1.58 16.06
C ALA C 156 -45.63 2.16 15.95
N VAL C 157 -46.13 2.42 14.73
CA VAL C 157 -47.42 3.08 14.49
C VAL C 157 -48.61 2.13 14.64
N ASP C 158 -48.41 0.83 14.36
CA ASP C 158 -49.39 -0.23 14.61
C ASP C 158 -49.58 -0.47 16.10
N LYS C 159 -48.51 -0.28 16.89
CA LYS C 159 -48.62 -0.19 18.35
C LYS C 159 -49.48 1.03 18.71
N GLU C 162 -51.28 7.17 21.72
CA GLU C 162 -50.43 7.11 20.51
C GLU C 162 -49.03 7.65 20.82
N ALA C 163 -48.14 7.52 19.83
CA ALA C 163 -46.71 7.79 19.98
C ALA C 163 -46.29 8.89 19.00
N ASN C 164 -45.59 9.91 19.51
CA ASN C 164 -45.10 11.06 18.75
C ASN C 164 -43.77 10.69 18.07
N PHE C 165 -43.85 9.74 17.14
CA PHE C 165 -42.70 9.18 16.45
C PHE C 165 -42.39 10.02 15.21
N PHE C 166 -41.16 9.93 14.73
CA PHE C 166 -40.79 10.52 13.45
C PHE C 166 -41.62 9.82 12.36
N THR C 167 -42.30 10.61 11.52
CA THR C 167 -42.97 10.08 10.33
C THR C 167 -41.91 9.75 9.28
N SER C 168 -42.29 9.08 8.18
CA SER C 168 -41.35 8.92 7.08
C SER C 168 -40.88 10.30 6.60
N GLN C 169 -41.73 11.31 6.80
CA GLN C 169 -41.46 12.64 6.28
C GLN C 169 -40.13 13.11 6.86
N MET C 170 -40.03 13.05 8.18
CA MET C 170 -38.91 13.63 8.90
C MET C 170 -37.72 12.67 8.86
N ILE C 171 -37.95 11.34 8.70
CA ILE C 171 -36.82 10.43 8.52
C ILE C 171 -36.10 10.79 7.22
N LYS C 172 -36.87 11.08 6.17
CA LYS C 172 -36.33 11.44 4.87
C LYS C 172 -35.58 12.77 4.99
N ASP C 173 -36.17 13.71 5.76
CA ASP C 173 -35.53 15.00 6.02
C ASP C 173 -34.13 14.77 6.58
N CYS C 174 -34.02 13.93 7.64
CA CYS C 174 -32.76 13.62 8.29
C CYS C 174 -31.78 12.94 7.33
N MET C 175 -32.30 12.06 6.48
CA MET C 175 -31.46 11.33 5.53
C MET C 175 -30.88 12.24 4.44
N LYS C 176 -31.58 13.32 4.09
CA LYS C 176 -31.14 14.31 3.09
C LYS C 176 -29.91 15.11 3.54
N LYS C 177 -29.52 14.97 4.82
CA LYS C 177 -28.40 15.66 5.45
C LYS C 177 -27.27 14.67 5.73
N VAL C 178 -26.92 13.84 4.73
CA VAL C 178 -25.99 12.74 4.91
C VAL C 178 -24.93 12.78 3.82
N VAL C 179 -23.66 12.56 4.20
CA VAL C 179 -22.53 12.48 3.27
C VAL C 179 -21.96 11.07 3.36
N ALA C 180 -21.76 10.43 2.20
CA ALA C 180 -21.19 9.08 2.15
C ALA C 180 -19.67 9.15 2.03
N VAL C 181 -18.96 8.42 2.92
CA VAL C 181 -17.52 8.36 2.97
C VAL C 181 -17.06 6.94 2.65
N HIS C 182 -16.32 6.82 1.54
CA HIS C 182 -15.76 5.56 1.07
C HIS C 182 -14.73 5.02 2.07
N LEU C 183 -14.34 3.77 1.81
CA LEU C 183 -13.41 3.08 2.67
C LEU C 183 -12.01 3.68 2.56
N HIS C 184 -11.36 3.89 3.72
CA HIS C 184 -10.00 4.40 3.81
C HIS C 184 -9.88 5.71 3.04
N GLN C 185 -10.93 6.54 3.11
CA GLN C 185 -10.93 7.85 2.46
C GLN C 185 -10.86 8.94 3.53
N THR C 186 -9.81 9.78 3.44
CA THR C 186 -9.58 10.83 4.39
C THR C 186 -10.31 12.06 3.89
N VAL C 187 -11.35 12.44 4.64
CA VAL C 187 -12.17 13.58 4.29
C VAL C 187 -12.13 14.60 5.42
N GLN C 188 -11.74 15.83 5.08
CA GLN C 188 -11.74 16.89 6.07
C GLN C 188 -13.17 17.39 6.22
N VAL C 189 -13.77 17.13 7.38
CA VAL C 189 -15.11 17.57 7.69
C VAL C 189 -15.07 19.07 8.00
N ASP C 190 -14.00 19.49 8.70
CA ASP C 190 -13.74 20.87 9.04
C ASP C 190 -12.35 21.22 8.52
N ASP C 191 -12.00 22.50 8.59
CA ASP C 191 -10.68 23.01 8.29
C ASP C 191 -9.62 22.12 8.94
N GLU C 192 -9.82 21.77 10.21
CA GLU C 192 -8.81 21.08 11.00
C GLU C 192 -9.09 19.57 11.10
N LEU C 193 -10.30 19.17 11.57
CA LEU C 193 -10.61 17.77 11.83
C LEU C 193 -10.84 17.03 10.53
N GLU C 194 -10.53 15.73 10.52
CA GLU C 194 -10.81 14.85 9.39
C GLU C 194 -11.16 13.46 9.93
N ILE C 195 -11.82 12.62 9.12
CA ILE C 195 -12.33 11.33 9.57
C ILE C 195 -12.02 10.31 8.48
N LYS C 196 -11.56 9.11 8.88
CA LYS C 196 -11.23 8.10 7.89
C LYS C 196 -11.93 6.80 8.26
N ALA C 197 -12.69 6.22 7.33
CA ALA C 197 -13.30 4.90 7.48
C ALA C 197 -12.29 3.77 7.46
N TYR C 198 -12.69 2.63 8.05
CA TYR C 198 -11.90 1.41 8.01
C TYR C 198 -12.87 0.25 7.84
N TYR C 199 -12.32 -0.96 7.68
CA TYR C 199 -13.17 -2.12 7.51
C TYR C 199 -13.40 -2.72 8.88
N ALA C 200 -14.69 -2.77 9.29
CA ALA C 200 -15.08 -3.31 10.58
C ALA C 200 -15.72 -4.69 10.48
N GLY C 201 -15.92 -5.22 9.27
CA GLY C 201 -16.58 -6.52 9.13
C GLY C 201 -18.01 -6.47 9.69
N HIS C 202 -18.42 -7.49 10.44
CA HIS C 202 -19.71 -7.46 11.19
C HIS C 202 -20.90 -7.53 10.23
N VAL C 203 -21.11 -6.47 9.43
CA VAL C 203 -22.08 -6.43 8.33
C VAL C 203 -21.48 -5.64 7.17
N LEU C 204 -22.05 -5.77 5.96
CA LEU C 204 -21.72 -4.85 4.87
C LEU C 204 -21.94 -3.44 5.38
N GLY C 205 -20.94 -2.55 5.28
CA GLY C 205 -21.13 -1.18 5.73
C GLY C 205 -20.66 -0.87 7.15
N ALA C 206 -20.01 -1.84 7.83
CA ALA C 206 -19.50 -1.58 9.16
C ALA C 206 -18.19 -0.81 9.04
N ALA C 207 -18.24 0.49 9.38
CA ALA C 207 -17.12 1.40 9.20
C ALA C 207 -16.48 1.77 10.54
N MET C 208 -15.20 1.38 10.74
CA MET C 208 -14.43 1.83 11.90
C MET C 208 -13.83 3.21 11.65
N PHE C 209 -14.22 4.22 12.45
CA PHE C 209 -13.89 5.62 12.16
C PHE C 209 -12.88 6.21 13.11
N GLN C 210 -11.86 6.89 12.57
CA GLN C 210 -10.81 7.55 13.34
C GLN C 210 -10.90 9.05 13.16
N ILE C 211 -11.35 9.77 14.20
CA ILE C 211 -11.44 11.21 14.12
C ILE C 211 -10.12 11.75 14.63
N LYS C 212 -9.34 12.44 13.76
CA LYS C 212 -8.07 13.02 14.12
C LYS C 212 -8.04 14.52 13.82
N VAL C 213 -7.84 15.35 14.86
CA VAL C 213 -7.65 16.79 14.73
C VAL C 213 -6.29 17.18 15.29
N GLY C 214 -5.28 17.21 14.41
CA GLY C 214 -3.89 17.31 14.80
C GLY C 214 -3.20 15.94 14.78
N SER C 215 -2.46 15.64 15.87
CA SER C 215 -1.72 14.40 16.05
C SER C 215 -2.44 13.42 16.98
N GLU C 216 -3.53 13.85 17.64
CA GLU C 216 -4.25 13.02 18.60
C GLU C 216 -5.51 12.45 17.96
N SER C 217 -5.62 11.13 17.95
CA SER C 217 -6.61 10.44 17.16
C SER C 217 -7.47 9.64 18.13
N VAL C 218 -8.79 9.85 18.11
CA VAL C 218 -9.68 8.94 18.80
C VAL C 218 -10.31 8.00 17.78
N VAL C 219 -10.04 6.69 17.88
CA VAL C 219 -10.58 5.74 16.92
C VAL C 219 -11.63 4.86 17.58
N TYR C 220 -12.92 5.13 17.32
CA TYR C 220 -14.07 4.30 17.69
C TYR C 220 -14.08 3.05 16.83
N THR C 221 -14.42 1.91 17.41
CA THR C 221 -14.42 0.63 16.72
C THR C 221 -15.60 -0.16 17.26
N GLY C 222 -16.76 0.06 16.63
CA GLY C 222 -18.03 -0.40 17.21
C GLY C 222 -18.57 -1.49 16.34
N ASP C 223 -19.00 -2.59 16.96
CA ASP C 223 -19.46 -3.72 16.19
C ASP C 223 -18.40 -4.13 15.16
N TYR C 224 -17.20 -4.48 15.61
CA TYR C 224 -16.21 -5.04 14.69
C TYR C 224 -15.96 -6.53 14.99
N ASN C 225 -15.94 -7.36 13.94
CA ASN C 225 -15.74 -8.78 14.08
C ASN C 225 -14.35 -9.10 13.53
N MET C 226 -13.53 -9.81 14.34
CA MET C 226 -12.13 -10.05 14.01
C MET C 226 -11.88 -11.39 13.29
N THR C 227 -12.96 -12.00 12.81
CA THR C 227 -12.93 -13.26 12.09
C THR C 227 -13.59 -13.06 10.72
N PRO C 228 -13.26 -13.92 9.72
CA PRO C 228 -13.86 -13.84 8.38
C PRO C 228 -15.19 -14.60 8.31
N ASP C 229 -16.21 -14.05 9.00
CA ASP C 229 -17.59 -14.51 8.88
C ASP C 229 -18.05 -14.31 7.43
N ARG C 230 -19.14 -14.97 7.02
CA ARG C 230 -19.62 -14.84 5.65
C ARG C 230 -20.04 -13.39 5.40
N HIS C 231 -19.80 -12.93 4.16
CA HIS C 231 -19.98 -11.55 3.71
C HIS C 231 -18.90 -10.61 4.23
N LEU C 232 -17.99 -11.07 5.09
CA LEU C 232 -17.03 -10.18 5.72
C LEU C 232 -15.74 -10.89 6.17
N GLY C 233 -14.57 -10.43 5.67
CA GLY C 233 -13.29 -10.83 6.24
C GLY C 233 -13.03 -10.16 7.60
N ALA C 234 -11.80 -10.26 8.10
CA ALA C 234 -11.41 -9.69 9.38
C ALA C 234 -11.15 -8.19 9.26
N ALA C 235 -11.60 -7.43 10.28
CA ALA C 235 -11.47 -5.99 10.38
C ALA C 235 -10.00 -5.56 10.56
N TRP C 236 -9.47 -4.74 9.62
CA TRP C 236 -8.11 -4.21 9.72
C TRP C 236 -8.13 -2.71 9.96
N ILE C 237 -7.36 -2.35 10.97
CA ILE C 237 -6.94 -1.00 11.28
C ILE C 237 -5.41 -1.02 11.17
N ASP C 238 -4.82 0.02 10.58
CA ASP C 238 -3.38 0.19 10.49
C ASP C 238 -2.82 0.69 11.84
N LYS C 239 -1.50 0.92 11.91
CA LYS C 239 -0.81 1.28 13.15
C LYS C 239 -0.81 2.78 13.42
N CYS C 240 -1.97 3.32 13.81
CA CYS C 240 -2.13 4.77 13.89
C CYS C 240 -1.43 5.37 15.10
N ARG C 241 -1.36 4.54 16.15
CA ARG C 241 -0.99 4.93 17.51
C ARG C 241 -1.96 6.02 17.94
N PRO C 242 -3.27 5.73 18.10
CA PRO C 242 -4.20 6.81 18.45
C PRO C 242 -4.02 6.90 19.96
N ASN C 243 -4.39 8.05 20.51
CA ASN C 243 -4.34 8.32 21.94
C ASN C 243 -5.39 7.53 22.71
N LEU C 244 -6.62 7.57 22.21
CA LEU C 244 -7.72 6.85 22.82
C LEU C 244 -8.32 5.88 21.79
N LEU C 245 -8.47 4.63 22.20
CA LEU C 245 -9.21 3.64 21.43
C LEU C 245 -10.52 3.32 22.13
N ILE C 246 -11.67 3.46 21.46
CA ILE C 246 -12.98 3.11 22.00
C ILE C 246 -13.50 1.82 21.35
N THR C 247 -13.84 0.79 22.15
CA THR C 247 -14.17 -0.53 21.63
C THR C 247 -15.54 -1.04 22.13
N GLU C 248 -16.14 -1.94 21.34
CA GLU C 248 -17.27 -2.73 21.77
C GLU C 248 -16.76 -3.81 22.72
N SER C 249 -17.46 -4.02 23.85
CA SER C 249 -17.10 -5.05 24.82
C SER C 249 -18.25 -6.05 25.04
N THR C 250 -19.02 -6.29 23.98
CA THR C 250 -20.19 -7.13 24.05
C THR C 250 -19.79 -8.54 24.48
N TYR C 251 -18.69 -9.05 23.92
CA TYR C 251 -18.12 -10.32 24.35
C TYR C 251 -16.80 -10.05 25.06
N ALA C 252 -16.85 -10.23 26.38
CA ALA C 252 -15.69 -10.08 27.25
C ALA C 252 -15.17 -11.46 27.67
N THR C 253 -15.74 -12.52 27.09
CA THR C 253 -15.29 -13.90 27.29
C THR C 253 -14.78 -14.45 25.96
N THR C 254 -13.58 -15.06 25.98
CA THR C 254 -12.94 -15.58 24.78
C THR C 254 -13.74 -16.77 24.25
N ILE C 255 -13.96 -16.78 22.92
CA ILE C 255 -14.83 -17.74 22.25
C ILE C 255 -14.00 -18.60 21.30
N ARG C 256 -14.61 -19.67 20.78
CA ARG C 256 -13.99 -20.59 19.84
C ARG C 256 -14.06 -19.99 18.45
N ASP C 257 -13.64 -20.77 17.43
CA ASP C 257 -13.63 -20.36 16.03
C ASP C 257 -15.04 -19.88 15.66
N SER C 258 -15.14 -18.74 14.97
CA SER C 258 -16.41 -18.07 14.72
C SER C 258 -17.31 -18.91 13.81
N LYS C 259 -16.72 -19.53 12.77
CA LYS C 259 -17.48 -20.21 11.73
C LYS C 259 -17.69 -21.70 12.05
N ARG C 260 -16.62 -22.42 12.43
CA ARG C 260 -16.65 -23.87 12.64
C ARG C 260 -17.52 -24.24 13.85
N CYS C 261 -17.28 -23.54 14.97
CA CYS C 261 -18.03 -23.74 16.20
C CYS C 261 -19.52 -23.51 15.95
N ARG C 262 -19.88 -22.41 15.26
CA ARG C 262 -21.26 -22.04 15.00
C ARG C 262 -21.94 -23.02 14.05
N GLU C 263 -21.17 -23.69 13.17
CA GLU C 263 -21.70 -24.72 12.28
C GLU C 263 -22.01 -25.96 13.11
N ARG C 264 -21.05 -26.40 13.93
CA ARG C 264 -21.20 -27.58 14.76
C ARG C 264 -22.45 -27.44 15.63
N ASP C 265 -22.55 -26.30 16.34
CA ASP C 265 -23.64 -26.07 17.27
C ASP C 265 -24.98 -26.13 16.53
N PHE C 266 -25.05 -25.41 15.40
CA PHE C 266 -26.26 -25.33 14.59
C PHE C 266 -26.72 -26.72 14.19
N LEU C 267 -25.80 -27.51 13.64
CA LEU C 267 -26.12 -28.84 13.13
C LEU C 267 -26.65 -29.72 14.26
N LYS C 268 -25.95 -29.72 15.40
CA LYS C 268 -26.34 -30.50 16.55
C LYS C 268 -27.77 -30.14 16.97
N LYS C 269 -28.03 -28.84 17.12
CA LYS C 269 -29.33 -28.33 17.56
C LYS C 269 -30.42 -28.79 16.60
N VAL C 270 -30.17 -28.63 15.28
CA VAL C 270 -31.13 -29.00 14.25
C VAL C 270 -31.48 -30.48 14.37
N HIS C 271 -30.45 -31.35 14.47
CA HIS C 271 -30.63 -32.79 14.58
C HIS C 271 -31.48 -33.14 15.80
N GLU C 272 -31.18 -32.50 16.94
CA GLU C 272 -31.89 -32.70 18.20
C GLU C 272 -33.38 -32.38 18.04
N THR C 273 -33.69 -31.23 17.41
CA THR C 273 -35.06 -30.81 17.13
C THR C 273 -35.79 -31.87 16.27
N VAL C 274 -35.12 -32.32 15.20
CA VAL C 274 -35.68 -33.04 14.06
C VAL C 274 -36.41 -34.34 14.46
N GLU C 275 -36.19 -34.84 15.69
CA GLU C 275 -36.67 -36.14 16.12
C GLU C 275 -38.19 -36.27 15.96
N ARG C 276 -38.93 -35.25 16.42
CA ARG C 276 -40.39 -35.23 16.44
C ARG C 276 -40.92 -33.88 15.94
N GLY C 277 -40.83 -33.69 14.61
CA GLY C 277 -41.32 -32.52 13.91
C GLY C 277 -40.66 -31.23 14.39
N GLY C 278 -39.32 -31.24 14.43
CA GLY C 278 -38.51 -30.20 15.05
C GLY C 278 -38.68 -28.86 14.36
N LYS C 279 -39.28 -27.90 15.07
CA LYS C 279 -39.55 -26.55 14.59
C LYS C 279 -38.29 -25.69 14.72
N VAL C 280 -38.25 -24.60 13.94
CA VAL C 280 -37.23 -23.56 14.05
C VAL C 280 -37.91 -22.20 14.17
N LEU C 281 -37.62 -21.44 15.24
CA LEU C 281 -38.10 -20.06 15.44
C LEU C 281 -36.91 -19.19 15.82
N ILE C 282 -36.35 -18.48 14.82
CA ILE C 282 -35.09 -17.75 14.96
C ILE C 282 -35.30 -16.26 14.66
N PRO C 283 -35.00 -15.35 15.62
CA PRO C 283 -35.13 -13.92 15.34
C PRO C 283 -33.95 -13.46 14.48
N VAL C 284 -34.23 -12.53 13.54
CA VAL C 284 -33.23 -11.91 12.67
C VAL C 284 -33.60 -10.44 12.45
N PHE C 285 -32.69 -9.53 12.83
CA PHE C 285 -32.97 -8.11 12.97
C PHE C 285 -32.37 -7.29 11.81
N ALA C 286 -31.62 -7.95 10.92
CA ALA C 286 -30.85 -7.29 9.87
C ALA C 286 -31.05 -8.00 8.53
N LEU C 287 -30.75 -7.26 7.44
CA LEU C 287 -30.76 -7.73 6.07
C LEU C 287 -29.71 -8.82 5.83
N GLY C 288 -28.50 -8.61 6.36
CA GLY C 288 -27.34 -9.48 6.17
C GLY C 288 -27.27 -10.62 7.18
N ARG C 289 -28.11 -10.53 8.22
CA ARG C 289 -28.38 -11.58 9.18
C ARG C 289 -29.29 -12.63 8.53
N ALA C 290 -30.29 -12.19 7.76
CA ALA C 290 -31.20 -13.07 7.04
C ALA C 290 -30.40 -13.98 6.09
N GLN C 291 -29.44 -13.39 5.38
CA GLN C 291 -28.59 -14.10 4.45
C GLN C 291 -27.78 -15.17 5.18
N GLU C 292 -27.25 -14.83 6.37
CA GLU C 292 -26.49 -15.74 7.21
C GLU C 292 -27.34 -16.95 7.57
N LEU C 293 -28.58 -16.69 7.99
CA LEU C 293 -29.54 -17.72 8.35
C LEU C 293 -29.82 -18.64 7.16
N CYS C 294 -29.99 -18.05 5.97
CA CYS C 294 -30.23 -18.79 4.74
C CYS C 294 -29.06 -19.72 4.43
N ILE C 295 -27.82 -19.22 4.59
CA ILE C 295 -26.60 -20.00 4.36
C ILE C 295 -26.54 -21.16 5.35
N LEU C 296 -26.91 -20.92 6.61
CA LEU C 296 -26.94 -21.95 7.65
C LEU C 296 -27.95 -23.06 7.28
N LEU C 297 -29.13 -22.66 6.79
CA LEU C 297 -30.15 -23.59 6.35
C LEU C 297 -29.64 -24.44 5.17
N GLU C 298 -28.94 -23.78 4.23
CA GLU C 298 -28.31 -24.44 3.09
C GLU C 298 -27.34 -25.52 3.57
N THR C 299 -26.52 -25.16 4.57
CA THR C 299 -25.55 -26.06 5.17
C THR C 299 -26.23 -27.26 5.79
N PHE C 300 -27.33 -27.01 6.54
CA PHE C 300 -28.15 -28.05 7.13
C PHE C 300 -28.60 -29.05 6.06
N TRP C 301 -29.15 -28.53 4.96
CA TRP C 301 -29.66 -29.33 3.85
C TRP C 301 -28.54 -30.16 3.23
N GLU C 302 -27.36 -29.54 3.06
CA GLU C 302 -26.18 -30.19 2.50
C GLU C 302 -25.75 -31.40 3.34
N ARG C 303 -25.75 -31.24 4.67
CA ARG C 303 -25.22 -32.24 5.59
C ARG C 303 -26.20 -33.40 5.78
N MET C 304 -27.50 -33.10 5.69
CA MET C 304 -28.60 -33.96 6.16
C MET C 304 -29.54 -34.34 5.01
N ASN C 305 -30.45 -33.40 4.64
CA ASN C 305 -31.30 -33.42 3.46
C ASN C 305 -32.51 -34.35 3.61
N LEU C 306 -32.75 -34.83 4.84
CA LEU C 306 -33.78 -35.80 5.16
C LEU C 306 -35.17 -35.20 4.99
N LYS C 307 -35.34 -33.95 5.45
CA LYS C 307 -36.56 -33.18 5.31
C LYS C 307 -36.33 -32.06 4.30
N VAL C 308 -37.23 -31.99 3.30
CA VAL C 308 -37.15 -31.01 2.22
C VAL C 308 -37.44 -29.61 2.76
N PRO C 309 -38.25 -29.49 3.85
CA PRO C 309 -38.82 -28.21 4.29
C PRO C 309 -37.84 -27.10 4.66
N ILE C 310 -37.95 -25.97 3.95
CA ILE C 310 -37.13 -24.77 4.11
C ILE C 310 -38.04 -23.55 4.11
N TYR C 311 -37.74 -22.61 5.00
CA TYR C 311 -38.41 -21.32 5.07
C TYR C 311 -37.39 -20.19 5.02
N PHE C 312 -37.85 -18.99 4.62
CA PHE C 312 -37.03 -17.80 4.48
C PHE C 312 -37.50 -16.70 5.43
N SER C 313 -36.76 -15.57 5.42
CA SER C 313 -36.90 -14.49 6.39
C SER C 313 -38.33 -13.93 6.38
N THR C 314 -38.72 -13.36 5.24
CA THR C 314 -39.98 -12.66 5.10
C THR C 314 -40.28 -12.48 3.62
N GLY C 315 -41.46 -11.90 3.35
CA GLY C 315 -41.96 -11.64 2.00
C GLY C 315 -40.94 -10.95 1.11
N LEU C 316 -40.29 -9.90 1.63
CA LEU C 316 -39.37 -9.06 0.89
C LEU C 316 -37.92 -9.51 1.07
N THR C 317 -37.66 -10.83 1.02
CA THR C 317 -36.30 -11.35 0.95
C THR C 317 -35.68 -11.08 -0.43
N GLU C 318 -36.54 -10.78 -1.42
CA GLU C 318 -36.03 -10.31 -2.71
C GLU C 318 -35.02 -9.19 -2.45
N LYS C 319 -35.43 -8.19 -1.65
CA LYS C 319 -34.67 -6.98 -1.37
C LYS C 319 -33.26 -7.27 -0.82
N ALA C 320 -33.17 -8.12 0.23
CA ALA C 320 -31.90 -8.47 0.84
C ALA C 320 -30.98 -9.10 -0.21
N ASN C 321 -31.55 -10.06 -0.95
CA ASN C 321 -30.87 -10.68 -2.08
C ASN C 321 -30.27 -9.56 -2.94
N HIS C 322 -31.10 -8.60 -3.38
CA HIS C 322 -30.71 -7.46 -4.19
C HIS C 322 -29.51 -6.70 -3.61
N TYR C 323 -29.61 -6.25 -2.34
CA TYR C 323 -28.64 -5.35 -1.72
C TYR C 323 -27.24 -5.96 -1.60
N TYR C 324 -27.20 -7.23 -1.17
CA TYR C 324 -25.95 -7.98 -1.05
C TYR C 324 -25.25 -8.08 -2.40
N LYS C 325 -26.00 -8.43 -3.45
CA LYS C 325 -25.48 -8.56 -4.81
C LYS C 325 -24.90 -7.22 -5.27
N LEU C 326 -25.61 -6.11 -4.94
CA LEU C 326 -25.22 -4.76 -5.36
C LEU C 326 -23.81 -4.43 -4.88
N PHE C 327 -23.54 -4.59 -3.58
CA PHE C 327 -22.27 -4.17 -2.98
C PHE C 327 -21.24 -5.29 -2.96
N ILE C 328 -20.72 -5.62 -4.15
CA ILE C 328 -19.66 -6.61 -4.29
C ILE C 328 -18.33 -6.10 -3.73
N PRO C 329 -17.96 -4.79 -3.87
CA PRO C 329 -16.69 -4.27 -3.34
C PRO C 329 -16.45 -4.51 -1.86
N TRP C 330 -17.48 -4.21 -1.05
CA TRP C 330 -17.41 -4.21 0.40
C TRP C 330 -17.31 -5.62 0.97
N THR C 331 -17.95 -6.60 0.32
CA THR C 331 -18.02 -7.98 0.80
C THR C 331 -16.62 -8.57 0.93
N ASN C 332 -16.51 -9.70 1.65
CA ASN C 332 -15.26 -10.41 1.87
C ASN C 332 -14.62 -10.65 0.52
N GLN C 333 -13.30 -10.42 0.41
CA GLN C 333 -12.55 -10.49 -0.84
C GLN C 333 -12.87 -11.79 -1.60
N LYS C 334 -12.68 -12.93 -0.91
CA LYS C 334 -12.85 -14.29 -1.40
C LYS C 334 -14.28 -14.51 -1.90
N ILE C 335 -15.25 -14.10 -1.07
CA ILE C 335 -16.68 -14.25 -1.33
C ILE C 335 -17.07 -13.52 -2.62
N ARG C 336 -16.54 -12.29 -2.82
CA ARG C 336 -16.77 -11.48 -4.01
C ARG C 336 -16.28 -12.19 -5.26
N LYS C 337 -15.07 -12.76 -5.18
CA LYS C 337 -14.45 -13.52 -6.26
C LYS C 337 -15.34 -14.72 -6.61
N THR C 338 -15.83 -15.42 -5.58
CA THR C 338 -16.69 -16.58 -5.72
C THR C 338 -18.02 -16.20 -6.37
N PHE C 339 -18.53 -15.00 -6.07
CA PHE C 339 -19.77 -14.44 -6.61
C PHE C 339 -19.62 -14.08 -8.09
N VAL C 340 -18.44 -13.59 -8.50
CA VAL C 340 -18.19 -13.17 -9.87
C VAL C 340 -18.14 -14.39 -10.80
N GLN C 341 -17.99 -15.60 -10.22
CA GLN C 341 -17.85 -16.88 -10.91
C GLN C 341 -18.97 -17.86 -10.56
N ARG C 342 -19.78 -17.57 -9.53
CA ARG C 342 -20.83 -18.47 -9.05
C ARG C 342 -22.09 -17.70 -8.66
N ASN C 343 -23.24 -18.38 -8.63
CA ASN C 343 -24.52 -17.78 -8.25
C ASN C 343 -24.55 -17.56 -6.74
N MET C 344 -25.19 -16.45 -6.33
CA MET C 344 -25.26 -16.01 -4.94
C MET C 344 -26.70 -16.00 -4.45
N PHE C 345 -26.94 -16.69 -3.31
CA PHE C 345 -28.05 -16.48 -2.39
C PHE C 345 -29.43 -16.79 -3.01
N GLU C 346 -29.53 -17.94 -3.70
CA GLU C 346 -30.78 -18.43 -4.27
C GLU C 346 -31.80 -18.70 -3.16
N PHE C 347 -33.03 -18.17 -3.34
CA PHE C 347 -34.15 -18.30 -2.42
C PHE C 347 -35.48 -18.05 -3.12
N LYS C 348 -36.42 -19.02 -2.95
CA LYS C 348 -37.74 -19.02 -3.55
C LYS C 348 -38.73 -19.76 -2.65
N HIS C 349 -38.38 -19.91 -1.36
CA HIS C 349 -39.05 -20.85 -0.45
C HIS C 349 -40.00 -20.17 0.54
N ILE C 350 -39.81 -18.86 0.76
CA ILE C 350 -40.53 -18.07 1.77
C ILE C 350 -42.04 -18.21 1.61
N LYS C 351 -42.52 -18.03 0.37
CA LYS C 351 -43.93 -18.05 0.02
C LYS C 351 -44.55 -19.40 0.38
N ALA C 352 -43.86 -20.50 -0.01
CA ALA C 352 -44.27 -21.86 0.28
C ALA C 352 -44.40 -22.08 1.79
N PHE C 353 -43.41 -21.57 2.55
CA PHE C 353 -43.38 -21.67 4.00
C PHE C 353 -44.62 -21.01 4.62
N ASP C 354 -44.83 -19.71 4.36
CA ASP C 354 -45.88 -18.93 5.01
C ASP C 354 -47.16 -19.76 5.16
N ARG C 355 -47.69 -20.25 4.02
CA ARG C 355 -48.94 -20.99 3.96
C ARG C 355 -48.81 -22.28 4.74
N ALA C 356 -47.70 -23.00 4.56
CA ALA C 356 -47.45 -24.26 5.25
C ALA C 356 -47.37 -24.04 6.76
N PHE C 357 -46.74 -22.92 7.18
CA PHE C 357 -46.36 -22.66 8.56
C PHE C 357 -47.32 -21.67 9.23
N ALA C 358 -48.61 -21.77 8.86
CA ALA C 358 -49.66 -20.95 9.42
C ALA C 358 -50.32 -21.67 10.60
N ASP C 359 -49.56 -21.80 11.71
CA ASP C 359 -49.99 -22.41 12.96
C ASP C 359 -50.10 -23.93 12.88
N ASN C 360 -49.53 -24.55 11.82
CA ASN C 360 -49.53 -26.00 11.66
C ASN C 360 -48.31 -26.63 12.33
N PRO C 361 -48.33 -27.96 12.59
CA PRO C 361 -47.40 -28.61 13.52
C PRO C 361 -46.27 -29.40 12.84
N GLY C 362 -45.64 -28.77 11.84
CA GLY C 362 -44.63 -29.42 10.99
C GLY C 362 -43.18 -28.99 11.23
N PRO C 363 -42.29 -29.30 10.25
CA PRO C 363 -40.84 -29.16 10.44
C PRO C 363 -40.23 -27.86 9.92
N MET C 364 -41.08 -26.99 9.35
CA MET C 364 -40.65 -25.79 8.63
C MET C 364 -39.65 -24.95 9.42
N VAL C 365 -38.61 -24.51 8.70
CA VAL C 365 -37.44 -23.84 9.26
C VAL C 365 -37.57 -22.31 9.22
N VAL C 366 -38.47 -21.75 10.06
CA VAL C 366 -38.83 -20.34 9.92
C VAL C 366 -37.96 -19.43 10.77
N PHE C 367 -37.09 -18.66 10.08
CA PHE C 367 -36.44 -17.48 10.65
C PHE C 367 -37.39 -16.29 10.50
N ALA C 368 -38.10 -15.94 11.57
CA ALA C 368 -39.08 -14.87 11.55
C ALA C 368 -38.36 -13.51 11.67
N THR C 369 -39.12 -12.40 11.57
CA THR C 369 -38.65 -11.02 11.40
C THR C 369 -38.08 -10.46 12.70
N PRO C 370 -38.67 -9.40 13.31
CA PRO C 370 -38.12 -8.78 14.53
C PRO C 370 -38.56 -9.48 15.83
N GLY C 371 -37.68 -10.37 16.33
CA GLY C 371 -37.97 -11.25 17.46
C GLY C 371 -38.16 -10.50 18.78
N MET C 372 -37.26 -9.55 19.03
CA MET C 372 -37.20 -8.80 20.28
C MET C 372 -37.80 -7.41 20.06
N LEU C 373 -39.11 -7.40 19.79
CA LEU C 373 -39.92 -6.20 19.60
C LEU C 373 -41.25 -6.40 20.30
N HIS C 374 -41.98 -5.29 20.54
CA HIS C 374 -43.27 -5.28 21.23
C HIS C 374 -44.28 -6.16 20.51
N ALA C 375 -44.32 -6.03 19.16
CA ALA C 375 -45.13 -6.87 18.28
C ALA C 375 -44.36 -7.08 16.97
N GLY C 376 -44.85 -8.04 16.18
CA GLY C 376 -44.30 -8.33 14.87
C GLY C 376 -44.64 -9.73 14.40
N GLN C 377 -44.18 -10.02 13.17
CA GLN C 377 -44.27 -11.34 12.56
C GLN C 377 -43.67 -12.40 13.47
N SER C 378 -42.49 -12.08 14.03
CA SER C 378 -41.75 -12.94 14.93
C SER C 378 -42.55 -13.25 16.20
N LEU C 379 -43.17 -12.24 16.81
CA LEU C 379 -44.01 -12.46 17.98
C LEU C 379 -45.14 -13.43 17.64
N GLN C 380 -45.79 -13.21 16.50
CA GLN C 380 -46.85 -14.10 16.01
C GLN C 380 -46.34 -15.54 15.90
N ILE C 381 -45.15 -15.72 15.30
CA ILE C 381 -44.53 -17.02 15.08
C ILE C 381 -44.25 -17.72 16.43
N PHE C 382 -43.72 -16.95 17.39
CA PHE C 382 -43.41 -17.44 18.72
C PHE C 382 -44.68 -17.92 19.42
N ARG C 383 -45.76 -17.13 19.30
CA ARG C 383 -47.06 -17.47 19.87
C ARG C 383 -47.58 -18.78 19.25
N LYS C 384 -47.36 -18.97 17.94
CA LYS C 384 -47.74 -20.18 17.20
C LYS C 384 -46.98 -21.41 17.73
N TRP C 385 -45.68 -21.23 18.02
CA TRP C 385 -44.82 -22.33 18.40
C TRP C 385 -44.91 -22.65 19.89
N ALA C 386 -45.69 -21.87 20.64
CA ALA C 386 -45.60 -21.82 22.09
C ALA C 386 -46.39 -23.00 22.67
N GLY C 387 -45.73 -23.80 23.50
CA GLY C 387 -46.38 -24.84 24.28
C GLY C 387 -46.38 -26.23 23.63
N ASN C 388 -45.59 -26.41 22.55
CA ASN C 388 -45.54 -27.69 21.85
C ASN C 388 -44.15 -28.32 21.95
N GLU C 389 -44.11 -29.66 21.85
CA GLU C 389 -42.88 -30.43 21.93
C GLU C 389 -42.01 -30.16 20.70
N LYS C 390 -42.65 -30.08 19.52
CA LYS C 390 -42.02 -29.88 18.22
C LYS C 390 -41.00 -28.75 18.29
N ASN C 391 -41.46 -27.60 18.79
CA ASN C 391 -40.75 -26.34 18.96
C ASN C 391 -39.37 -26.43 19.61
N MET C 392 -38.36 -25.90 18.88
CA MET C 392 -37.10 -25.44 19.42
C MET C 392 -36.84 -24.05 18.85
N VAL C 393 -36.41 -23.11 19.71
CA VAL C 393 -36.17 -21.73 19.30
C VAL C 393 -34.71 -21.36 19.62
N ILE C 394 -34.06 -20.66 18.67
CA ILE C 394 -32.65 -20.27 18.76
C ILE C 394 -32.53 -18.74 18.80
N MET C 395 -31.70 -18.25 19.71
CA MET C 395 -31.45 -16.83 19.83
C MET C 395 -30.11 -16.51 19.16
N PRO C 396 -30.13 -16.13 17.85
CA PRO C 396 -28.90 -16.11 17.04
C PRO C 396 -27.99 -14.93 17.38
N GLY C 397 -28.63 -13.75 17.55
CA GLY C 397 -28.01 -12.55 18.09
C GLY C 397 -27.73 -12.65 19.58
N TYR C 398 -27.37 -11.48 20.16
CA TYR C 398 -26.98 -11.26 21.55
C TYR C 398 -28.17 -11.43 22.49
N CYS C 399 -29.38 -11.34 21.90
CA CYS C 399 -30.66 -11.44 22.59
C CYS C 399 -30.67 -10.55 23.84
N VAL C 400 -30.26 -9.28 23.69
CA VAL C 400 -30.28 -8.29 24.77
C VAL C 400 -31.10 -7.09 24.32
N GLN C 401 -32.42 -7.14 24.60
CA GLN C 401 -33.37 -6.12 24.21
C GLN C 401 -34.31 -5.86 25.39
N GLY C 402 -33.74 -5.27 26.44
CA GLY C 402 -34.45 -4.92 27.66
C GLY C 402 -35.11 -6.15 28.27
N THR C 403 -36.46 -6.12 28.31
CA THR C 403 -37.31 -7.11 28.96
C THR C 403 -37.27 -8.46 28.26
N VAL C 404 -37.33 -8.47 26.92
CA VAL C 404 -37.30 -9.69 26.13
C VAL C 404 -35.99 -10.41 26.40
N GLY C 405 -34.88 -9.64 26.47
CA GLY C 405 -33.55 -10.12 26.80
C GLY C 405 -33.49 -10.78 28.18
N HIS C 406 -34.08 -10.12 29.18
CA HIS C 406 -34.17 -10.64 30.54
C HIS C 406 -34.91 -11.98 30.54
N LYS C 407 -36.03 -12.05 29.80
CA LYS C 407 -36.84 -13.26 29.69
C LYS C 407 -36.03 -14.40 29.07
N ILE C 408 -35.26 -14.08 28.01
CA ILE C 408 -34.37 -15.03 27.34
C ILE C 408 -33.33 -15.56 28.34
N LEU C 409 -32.76 -14.67 29.17
CA LEU C 409 -31.68 -14.98 30.09
C LEU C 409 -32.09 -16.07 31.08
N SER C 410 -33.24 -15.86 31.75
CA SER C 410 -33.74 -16.72 32.82
C SER C 410 -34.64 -17.83 32.27
N GLY C 411 -35.11 -17.66 31.02
CA GLY C 411 -35.88 -18.64 30.30
C GLY C 411 -37.01 -19.24 31.15
N GLN C 412 -37.78 -18.35 31.79
CA GLN C 412 -38.90 -18.72 32.65
C GLN C 412 -40.05 -19.25 31.77
N ARG C 413 -40.59 -20.41 32.17
CA ARG C 413 -41.71 -21.03 31.48
C ARG C 413 -42.94 -20.13 31.63
N LYS C 414 -43.13 -19.59 32.84
CA LYS C 414 -44.21 -18.67 33.15
C LYS C 414 -43.74 -17.24 32.86
N LEU C 415 -43.79 -16.89 31.57
CA LEU C 415 -43.44 -15.58 31.03
C LEU C 415 -44.71 -14.76 30.84
N GLU C 416 -44.65 -13.47 31.25
CA GLU C 416 -45.76 -12.53 31.13
C GLU C 416 -45.47 -11.53 30.00
N MET C 417 -46.45 -11.40 29.09
CA MET C 417 -46.39 -10.44 27.98
C MET C 417 -46.72 -9.04 28.52
N GLU C 418 -46.37 -8.01 27.73
CA GLU C 418 -46.66 -6.62 28.06
C GLU C 418 -48.17 -6.42 28.23
N GLY C 419 -48.94 -7.00 27.30
CA GLY C 419 -50.40 -7.04 27.39
C GLY C 419 -50.87 -8.13 28.34
N ARG C 420 -52.19 -8.19 28.57
CA ARG C 420 -52.80 -9.15 29.48
C ARG C 420 -53.02 -10.48 28.75
N GLN C 421 -51.91 -11.16 28.46
CA GLN C 421 -51.88 -12.45 27.78
C GLN C 421 -51.07 -13.43 28.62
N VAL C 422 -51.62 -14.64 28.82
CA VAL C 422 -50.96 -15.74 29.51
C VAL C 422 -50.44 -16.75 28.49
N LEU C 423 -49.10 -16.81 28.34
CA LEU C 423 -48.41 -17.77 27.47
C LEU C 423 -47.40 -18.54 28.32
N GLU C 424 -47.48 -19.88 28.24
CA GLU C 424 -46.56 -20.80 28.91
C GLU C 424 -45.88 -21.66 27.85
N VAL C 425 -44.54 -21.62 27.85
CA VAL C 425 -43.70 -22.26 26.85
C VAL C 425 -43.10 -23.52 27.46
N LYS C 426 -42.93 -24.57 26.61
CA LYS C 426 -42.39 -25.89 26.93
C LYS C 426 -41.61 -26.45 25.75
N MET C 427 -40.93 -25.52 25.05
CA MET C 427 -39.96 -25.80 24.01
C MET C 427 -38.58 -25.77 24.66
N GLN C 428 -37.57 -26.16 23.89
CA GLN C 428 -36.18 -26.15 24.33
C GLN C 428 -35.52 -24.84 23.91
N VAL C 429 -34.99 -24.08 24.88
CA VAL C 429 -34.31 -22.82 24.61
C VAL C 429 -32.79 -23.04 24.62
N GLU C 430 -32.15 -22.81 23.47
CA GLU C 430 -30.70 -22.81 23.35
C GLU C 430 -30.26 -21.50 22.68
N TYR C 431 -29.21 -20.88 23.24
CA TYR C 431 -28.63 -19.69 22.62
C TYR C 431 -27.22 -20.05 22.15
N MET C 432 -26.90 -19.59 20.94
CA MET C 432 -25.58 -19.68 20.34
C MET C 432 -25.17 -18.29 19.87
N SER C 433 -23.89 -17.95 20.06
CA SER C 433 -23.35 -16.66 19.67
C SER C 433 -22.92 -16.67 18.20
N PHE C 434 -23.90 -16.81 17.30
CA PHE C 434 -23.65 -16.86 15.86
C PHE C 434 -23.54 -15.45 15.31
N SER C 435 -23.97 -14.45 16.11
CA SER C 435 -23.89 -13.05 15.78
C SER C 435 -22.43 -12.66 15.50
N ALA C 436 -22.22 -11.93 14.39
CA ALA C 436 -20.92 -11.40 14.01
C ALA C 436 -20.50 -10.39 15.06
N HIS C 437 -19.37 -10.67 15.75
CA HIS C 437 -18.78 -9.81 16.76
C HIS C 437 -17.39 -10.33 17.11
N ALA C 438 -16.60 -9.51 17.82
CA ALA C 438 -15.28 -9.89 18.28
C ALA C 438 -15.35 -10.39 19.73
N ASP C 439 -14.76 -11.57 19.99
CA ASP C 439 -14.54 -12.15 21.31
C ASP C 439 -13.44 -11.38 22.03
N ALA C 440 -13.28 -11.59 23.35
CA ALA C 440 -12.34 -10.81 24.16
C ALA C 440 -10.89 -11.00 23.72
N LYS C 441 -10.64 -12.09 23.00
CA LYS C 441 -9.38 -12.36 22.32
C LYS C 441 -9.16 -11.40 21.15
N GLY C 442 -10.19 -11.34 20.30
CA GLY C 442 -10.28 -10.36 19.25
C GLY C 442 -10.09 -8.91 19.72
N ILE C 443 -10.70 -8.50 20.84
CA ILE C 443 -10.55 -7.13 21.33
C ILE C 443 -9.08 -6.90 21.63
N MET C 444 -8.46 -7.90 22.26
CA MET C 444 -7.05 -7.80 22.61
C MET C 444 -6.21 -7.52 21.34
N GLN C 445 -6.50 -8.25 20.25
CA GLN C 445 -5.76 -8.21 19.00
C GLN C 445 -5.79 -6.84 18.35
N LEU C 446 -6.99 -6.26 18.27
CA LEU C 446 -7.18 -4.95 17.66
C LEU C 446 -6.56 -3.86 18.55
N VAL C 447 -6.61 -4.06 19.87
CA VAL C 447 -5.94 -3.12 20.75
C VAL C 447 -4.46 -3.14 20.39
N GLY C 448 -3.95 -4.36 20.15
CA GLY C 448 -2.59 -4.63 19.71
C GLY C 448 -2.16 -3.84 18.47
N GLN C 449 -2.96 -3.93 17.40
CA GLN C 449 -2.68 -3.26 16.14
C GLN C 449 -2.72 -1.75 16.29
N ALA C 450 -3.62 -1.23 17.13
CA ALA C 450 -3.70 0.21 17.33
C ALA C 450 -2.65 0.68 18.34
N GLU C 451 -2.50 -0.11 19.43
CA GLU C 451 -1.48 0.09 20.43
C GLU C 451 -1.60 1.50 21.02
N PRO C 452 -2.79 1.91 21.50
CA PRO C 452 -3.03 3.31 21.85
C PRO C 452 -2.32 3.60 23.17
N GLU C 453 -2.30 4.89 23.54
CA GLU C 453 -1.92 5.41 24.85
C GLU C 453 -2.91 4.96 25.95
N SER C 454 -4.19 4.82 25.57
CA SER C 454 -5.25 4.39 26.47
C SER C 454 -6.41 3.79 25.68
N VAL C 455 -7.29 3.02 26.34
CA VAL C 455 -8.50 2.44 25.77
C VAL C 455 -9.71 2.81 26.64
N LEU C 456 -10.93 2.82 26.07
CA LEU C 456 -12.16 3.10 26.79
C LEU C 456 -13.17 2.03 26.43
N LEU C 457 -13.82 1.43 27.43
CA LEU C 457 -14.75 0.37 27.15
C LEU C 457 -16.18 0.92 27.17
N VAL C 458 -16.87 0.72 26.04
CA VAL C 458 -18.30 0.98 25.80
C VAL C 458 -18.96 -0.31 25.30
N HIS C 459 -20.31 -0.39 25.39
CA HIS C 459 -21.15 -1.37 24.69
C HIS C 459 -20.79 -2.82 25.09
N GLY C 460 -20.96 -3.11 26.38
CA GLY C 460 -20.94 -4.40 27.04
C GLY C 460 -21.65 -4.16 28.37
N GLU C 461 -21.87 -5.22 29.18
CA GLU C 461 -22.38 -5.06 30.54
C GLU C 461 -21.21 -4.90 31.48
N ALA C 462 -21.40 -4.15 32.58
CA ALA C 462 -20.32 -3.70 33.45
C ALA C 462 -19.48 -4.86 33.99
N LYS C 463 -20.14 -5.93 34.44
CA LYS C 463 -19.48 -7.12 35.00
C LYS C 463 -18.43 -7.64 34.02
N LYS C 464 -18.90 -7.99 32.82
CA LYS C 464 -18.09 -8.47 31.71
C LYS C 464 -16.95 -7.49 31.40
N MET C 465 -17.29 -6.20 31.19
CA MET C 465 -16.37 -5.11 30.93
C MET C 465 -15.29 -5.03 32.01
N GLU C 466 -15.69 -5.17 33.29
CA GLU C 466 -14.77 -5.04 34.41
C GLU C 466 -13.62 -6.02 34.25
N PHE C 467 -13.97 -7.29 34.05
CA PHE C 467 -12.99 -8.35 33.85
C PHE C 467 -12.10 -8.01 32.66
N LEU C 468 -12.73 -7.61 31.54
CA LEU C 468 -12.00 -7.26 30.31
C LEU C 468 -11.04 -6.11 30.59
N LYS C 469 -11.53 -5.09 31.29
CA LYS C 469 -10.70 -3.95 31.64
C LYS C 469 -9.47 -4.40 32.44
N GLN C 470 -9.70 -5.24 33.46
CA GLN C 470 -8.61 -5.75 34.28
C GLN C 470 -7.57 -6.45 33.39
N LYS C 471 -8.05 -7.33 32.50
CA LYS C 471 -7.20 -8.09 31.61
C LYS C 471 -6.33 -7.16 30.78
N ILE C 472 -6.97 -6.18 30.10
CA ILE C 472 -6.25 -5.27 29.21
C ILE C 472 -5.22 -4.47 30.01
N GLU C 473 -5.58 -4.01 31.22
CA GLU C 473 -4.68 -3.27 32.09
C GLU C 473 -3.44 -4.10 32.42
N GLN C 474 -3.64 -5.37 32.78
CA GLN C 474 -2.55 -6.27 33.13
C GLN C 474 -1.65 -6.52 31.92
N GLU C 475 -2.27 -6.74 30.75
CA GLU C 475 -1.67 -7.40 29.60
C GLU C 475 -0.77 -6.43 28.83
N LEU C 476 -1.35 -5.30 28.38
CA LEU C 476 -0.64 -4.24 27.70
C LEU C 476 -0.42 -3.09 28.69
N ARG C 477 0.65 -2.31 28.53
CA ARG C 477 0.96 -1.24 29.47
C ARG C 477 0.16 0.00 29.13
N VAL C 478 -1.15 -0.06 29.36
CA VAL C 478 -2.08 1.05 29.16
C VAL C 478 -3.08 1.04 30.32
N ASN C 479 -3.65 2.22 30.58
CA ASN C 479 -4.70 2.37 31.56
C ASN C 479 -6.02 2.52 30.83
N CYS C 480 -7.00 1.65 31.13
CA CYS C 480 -8.26 1.57 30.39
C CYS C 480 -9.42 1.83 31.32
N TYR C 481 -10.48 2.41 30.75
CA TYR C 481 -11.67 2.83 31.50
C TYR C 481 -12.80 1.82 31.26
N MET C 482 -13.90 1.97 32.01
CA MET C 482 -15.18 1.33 31.75
C MET C 482 -16.28 2.29 32.27
N PRO C 483 -16.42 3.52 31.72
CA PRO C 483 -17.38 4.51 32.27
C PRO C 483 -18.86 4.15 32.02
N ALA C 484 -19.74 4.63 32.92
CA ALA C 484 -21.18 4.45 32.90
C ALA C 484 -21.83 5.52 32.04
N ASN C 485 -23.16 5.44 31.84
CA ASN C 485 -23.90 6.42 31.05
C ASN C 485 -23.90 7.79 31.72
N GLY C 486 -23.51 8.83 30.97
CA GLY C 486 -23.50 10.20 31.45
C GLY C 486 -22.23 10.58 32.21
N GLU C 487 -21.22 9.70 32.22
CA GLU C 487 -19.98 9.93 32.96
C GLU C 487 -18.83 10.16 31.97
N THR C 488 -18.06 11.24 32.17
CA THR C 488 -17.01 11.66 31.26
C THR C 488 -15.64 11.26 31.81
N VAL C 489 -14.72 10.93 30.90
CA VAL C 489 -13.32 10.68 31.24
C VAL C 489 -12.48 11.85 30.70
N THR C 490 -11.88 12.65 31.59
CA THR C 490 -10.98 13.72 31.15
C THR C 490 -9.55 13.16 31.10
N LEU C 491 -9.29 12.31 30.10
CA LEU C 491 -8.00 11.72 29.82
C LEU C 491 -7.05 12.77 29.26
N LEU C 492 -6.14 13.28 30.10
CA LEU C 492 -5.16 14.27 29.68
C LEU C 492 -4.21 13.61 28.67
N THR C 493 -3.99 14.35 27.58
CA THR C 493 -2.86 14.25 26.67
C THR C 493 -2.14 15.59 26.72
N SER C 494 -1.06 15.74 25.93
CA SER C 494 -0.29 16.97 25.84
C SER C 494 -0.09 17.37 24.36
N PRO C 495 0.16 18.66 24.03
CA PRO C 495 0.26 19.08 22.64
C PRO C 495 1.61 18.70 22.05
N SER C 496 1.60 18.26 20.78
CA SER C 496 2.79 17.88 20.04
C SER C 496 3.02 18.86 18.89
N ILE C 497 4.02 19.76 19.07
CA ILE C 497 4.17 20.98 18.29
C ILE C 497 5.04 20.73 17.06
N PRO C 498 4.44 20.99 15.91
CA PRO C 498 5.06 20.84 14.59
C PRO C 498 5.75 22.10 14.09
N VAL C 499 7.06 21.96 13.82
CA VAL C 499 7.91 23.04 13.38
C VAL C 499 8.78 22.52 12.24
N GLY C 500 9.17 23.47 11.37
CA GLY C 500 10.01 23.20 10.22
C GLY C 500 11.46 23.61 10.46
N ILE C 501 12.37 22.74 10.06
CA ILE C 501 13.80 23.00 10.15
C ILE C 501 14.32 23.52 8.80
N SER C 502 15.52 24.13 8.85
CA SER C 502 16.40 24.33 7.71
C SER C 502 17.07 23.01 7.31
N LEU C 503 16.98 22.70 6.01
CA LEU C 503 17.41 21.40 5.55
C LEU C 503 18.91 21.27 5.80
N GLY C 504 19.69 22.34 5.55
CA GLY C 504 21.12 22.36 5.80
C GLY C 504 21.48 21.89 7.21
N LEU C 505 20.82 22.56 8.17
CA LEU C 505 20.97 22.25 9.58
C LEU C 505 20.70 20.77 9.86
N LEU C 506 19.55 20.31 9.36
CA LEU C 506 19.16 18.93 9.60
C LEU C 506 20.24 17.98 9.09
N LYS C 507 20.73 18.22 7.85
CA LYS C 507 21.71 17.38 7.19
C LYS C 507 22.96 17.27 8.05
N ARG C 508 23.45 18.45 8.49
CA ARG C 508 24.67 18.53 9.27
C ARG C 508 24.59 17.70 10.55
N GLU C 509 23.47 17.88 11.25
CA GLU C 509 23.22 17.20 12.50
C GLU C 509 23.11 15.69 12.30
N MET C 510 22.47 15.28 11.19
CA MET C 510 22.36 13.88 10.83
C MET C 510 23.74 13.26 10.64
N ALA C 511 24.62 14.00 9.96
CA ALA C 511 26.02 13.60 9.76
C ALA C 511 26.75 13.41 11.10
N GLN C 512 26.56 14.37 12.03
CA GLN C 512 27.11 14.31 13.37
C GLN C 512 26.66 13.01 14.06
N GLY C 513 25.36 12.70 13.94
CA GLY C 513 24.73 11.50 14.46
C GLY C 513 25.56 10.23 14.27
N LEU C 514 25.88 9.89 13.02
CA LEU C 514 26.34 8.56 12.62
C LEU C 514 27.76 8.21 13.09
N LEU C 515 28.65 9.20 13.20
CA LEU C 515 29.96 9.00 13.80
C LEU C 515 29.91 9.42 15.26
N PRO C 516 30.18 8.46 16.16
CA PRO C 516 30.09 8.65 17.61
C PRO C 516 31.44 8.99 18.28
N PRO C 521 26.21 13.30 23.23
CA PRO C 521 27.29 13.31 22.23
C PRO C 521 26.87 13.96 20.91
N ARG C 522 25.58 14.33 20.82
CA ARG C 522 24.93 14.72 19.56
C ARG C 522 24.15 16.02 19.72
N LEU C 523 24.57 16.86 20.67
CA LEU C 523 23.87 18.10 21.01
C LEU C 523 23.80 19.05 19.83
N LEU C 524 22.64 19.70 19.68
CA LEU C 524 22.24 20.45 18.49
C LEU C 524 21.65 21.78 18.97
N HIS C 525 22.17 22.88 18.42
CA HIS C 525 21.82 24.23 18.87
C HIS C 525 21.05 24.96 17.76
N GLY C 526 20.46 26.10 18.10
CA GLY C 526 19.91 26.93 17.07
C GLY C 526 18.57 27.43 17.55
N THR C 527 18.02 28.43 16.82
CA THR C 527 16.96 29.26 17.37
C THR C 527 15.65 29.02 16.60
N LEU C 528 14.51 29.37 17.21
CA LEU C 528 13.21 29.36 16.54
C LEU C 528 12.78 30.77 16.22
N ILE C 529 12.16 30.94 15.04
CA ILE C 529 11.48 32.16 14.67
C ILE C 529 9.99 31.90 14.78
N MET C 530 9.29 32.76 15.54
CA MET C 530 7.93 32.52 15.99
C MET C 530 7.05 33.72 15.68
N LYS C 531 6.39 33.66 14.52
CA LYS C 531 5.40 34.65 14.09
C LYS C 531 4.00 34.14 14.43
N ASP C 532 3.91 32.88 14.90
CA ASP C 532 2.69 32.14 15.19
C ASP C 532 2.01 31.68 13.89
N SER C 533 2.68 31.93 12.76
CA SER C 533 2.23 31.60 11.42
C SER C 533 3.09 30.48 10.85
N ASN C 534 4.41 30.72 10.83
CA ASN C 534 5.38 29.81 10.25
C ASN C 534 6.57 29.61 11.19
N PHE C 535 6.34 28.82 12.25
CA PHE C 535 7.36 28.33 13.16
C PHE C 535 8.44 27.62 12.35
N ARG C 536 9.68 28.13 12.50
CA ARG C 536 10.85 27.63 11.80
C ARG C 536 12.01 27.54 12.76
N LEU C 537 12.87 26.58 12.48
CA LEU C 537 14.10 26.41 13.20
C LEU C 537 15.22 26.70 12.22
N VAL C 538 16.09 27.64 12.57
CA VAL C 538 17.17 28.07 11.69
C VAL C 538 18.45 28.04 12.52
N SER C 539 19.61 28.12 11.85
CA SER C 539 20.93 28.10 12.47
C SER C 539 21.24 29.38 13.27
N SER C 540 22.26 29.31 14.14
CA SER C 540 22.68 30.50 14.87
C SER C 540 22.89 31.66 13.89
N GLU C 541 23.86 31.47 12.96
CA GLU C 541 24.25 32.46 11.98
C GLU C 541 23.05 32.88 11.12
N GLN C 542 22.26 31.89 10.68
CA GLN C 542 21.15 32.16 9.76
C GLN C 542 20.15 33.08 10.44
N ALA C 543 19.83 32.81 11.71
CA ALA C 543 18.90 33.63 12.46
C ALA C 543 19.42 35.07 12.59
N LEU C 544 20.72 35.17 12.92
CA LEU C 544 21.37 36.46 13.04
C LEU C 544 21.18 37.24 11.72
N LYS C 545 21.48 36.60 10.58
CA LYS C 545 21.38 37.19 9.26
C LYS C 545 19.94 37.62 8.95
N GLU C 546 18.96 36.81 9.37
CA GLU C 546 17.54 37.05 9.14
C GLU C 546 17.07 38.34 9.81
N LEU C 547 17.49 38.56 11.06
CA LEU C 547 17.00 39.70 11.82
C LEU C 547 17.91 40.92 11.62
N GLY C 548 19.03 40.70 10.95
CA GLY C 548 19.92 41.74 10.43
C GLY C 548 20.89 42.30 11.46
N LEU C 549 21.03 41.59 12.58
CA LEU C 549 22.06 41.89 13.62
C LEU C 549 23.47 41.84 13.02
N ALA C 550 24.33 42.79 13.36
CA ALA C 550 25.70 42.86 12.80
C ALA C 550 26.64 41.81 13.42
N GLU C 551 27.77 41.53 12.77
CA GLU C 551 28.71 40.47 13.24
C GLU C 551 29.61 40.97 14.38
N HIS C 552 29.19 40.68 15.62
CA HIS C 552 29.93 40.79 16.86
C HIS C 552 31.07 39.77 17.07
N GLN C 553 32.07 40.22 17.81
CA GLN C 553 33.27 39.49 18.21
C GLN C 553 33.66 39.85 19.65
N LEU C 554 33.63 38.87 20.57
CA LEU C 554 34.19 39.12 21.89
C LEU C 554 35.56 38.46 21.95
N ARG C 555 36.59 39.29 22.08
CA ARG C 555 37.98 38.82 22.03
C ARG C 555 38.61 38.97 23.41
N PHE C 556 39.44 37.98 23.81
CA PHE C 556 40.29 38.06 24.99
C PHE C 556 41.75 38.04 24.54
N THR C 557 42.56 38.90 25.14
CA THR C 557 44.01 38.73 25.12
C THR C 557 44.46 38.63 26.57
N CYS C 558 45.16 37.55 26.89
CA CYS C 558 45.68 37.37 28.23
C CYS C 558 47.21 37.41 28.18
N ARG C 559 47.83 38.12 29.14
CA ARG C 559 49.28 38.24 29.17
C ARG C 559 49.86 37.19 30.11
N VAL C 560 50.50 36.18 29.53
CA VAL C 560 51.16 35.14 30.30
C VAL C 560 52.58 35.62 30.61
N HIS C 561 52.96 35.59 31.89
CA HIS C 561 54.30 36.01 32.29
C HIS C 561 55.17 34.77 32.52
N LEU C 562 56.19 34.61 31.66
CA LEU C 562 57.19 33.56 31.84
C LEU C 562 58.35 34.11 32.66
N HIS C 563 58.84 33.28 33.58
CA HIS C 563 60.01 33.62 34.38
C HIS C 563 61.03 32.50 34.21
N ASP C 564 61.97 32.72 33.29
CA ASP C 564 63.09 31.81 33.12
C ASP C 564 64.22 32.60 32.46
N THR C 565 65.40 31.99 32.34
CA THR C 565 66.58 32.69 31.84
C THR C 565 66.84 32.46 30.35
N ARG C 566 65.96 31.70 29.70
CA ARG C 566 66.07 31.49 28.26
C ARG C 566 65.89 32.82 27.55
N LYS C 567 66.57 32.96 26.41
CA LYS C 567 66.58 34.20 25.65
C LYS C 567 65.22 34.46 24.99
N GLU C 568 64.83 35.75 25.00
CA GLU C 568 63.60 36.25 24.39
C GLU C 568 63.37 35.71 22.97
N GLN C 569 64.47 35.53 22.21
CA GLN C 569 64.41 35.10 20.82
C GLN C 569 63.72 33.74 20.69
N GLU C 570 63.84 32.89 21.72
CA GLU C 570 63.45 31.49 21.63
C GLU C 570 62.03 31.22 22.14
N THR C 571 61.35 32.24 22.63
CA THR C 571 60.05 32.07 23.29
C THR C 571 59.04 31.33 22.39
N ALA C 572 58.83 31.85 21.17
CA ALA C 572 57.76 31.34 20.31
C ALA C 572 58.02 29.87 19.97
N LEU C 573 59.29 29.58 19.63
CA LEU C 573 59.72 28.22 19.34
C LEU C 573 59.50 27.29 20.53
N ARG C 574 59.83 27.74 21.74
CA ARG C 574 59.58 26.93 22.93
C ARG C 574 58.09 26.69 23.13
N VAL C 575 57.27 27.73 22.92
CA VAL C 575 55.82 27.61 23.10
C VAL C 575 55.28 26.62 22.06
N TYR C 576 55.60 26.85 20.79
CA TYR C 576 55.16 25.95 19.74
C TYR C 576 55.50 24.51 20.08
N SER C 577 56.75 24.25 20.46
CA SER C 577 57.19 22.86 20.62
C SER C 577 56.50 22.21 21.83
N HIS C 578 56.35 22.96 22.93
CA HIS C 578 55.64 22.45 24.11
C HIS C 578 54.15 22.16 23.84
N LEU C 579 53.43 23.09 23.18
CA LEU C 579 51.99 22.92 22.94
C LEU C 579 51.72 21.84 21.88
N LYS C 580 52.62 21.72 20.90
CA LYS C 580 52.51 20.67 19.89
C LYS C 580 52.68 19.32 20.56
N SER C 581 53.61 19.22 21.51
CA SER C 581 53.83 17.99 22.28
C SER C 581 52.57 17.62 23.08
N VAL C 582 52.00 18.58 23.83
CA VAL C 582 50.95 18.31 24.80
C VAL C 582 49.57 18.14 24.15
N LEU C 583 49.22 19.10 23.27
CA LEU C 583 47.91 19.12 22.65
C LEU C 583 47.78 18.17 21.48
N LYS C 584 47.70 16.87 21.80
CA LYS C 584 47.61 15.79 20.82
C LYS C 584 46.46 16.07 19.85
N ASP C 585 46.70 15.81 18.57
CA ASP C 585 45.70 15.88 17.50
C ASP C 585 45.07 17.26 17.36
N HIS C 586 45.72 18.30 17.91
CA HIS C 586 45.28 19.67 17.65
C HIS C 586 46.12 20.20 16.50
N CYS C 587 45.50 21.06 15.68
CA CYS C 587 46.25 21.85 14.71
C CYS C 587 47.09 22.86 15.50
N VAL C 588 48.43 22.73 15.43
CA VAL C 588 49.35 23.62 16.10
C VAL C 588 50.36 24.12 15.06
N GLN C 589 50.52 25.44 14.94
CA GLN C 589 51.30 26.03 13.87
C GLN C 589 52.30 27.04 14.43
N HIS C 590 53.44 27.14 13.73
CA HIS C 590 54.40 28.22 13.87
C HIS C 590 54.39 29.01 12.55
N LEU C 591 53.80 30.20 12.60
CA LEU C 591 53.54 31.06 11.44
C LEU C 591 54.82 31.80 10.99
N PRO C 592 54.91 32.26 9.71
CA PRO C 592 56.13 32.89 9.20
C PRO C 592 56.54 34.18 9.91
N ASP C 593 55.61 34.80 10.63
CA ASP C 593 55.91 36.00 11.39
C ASP C 593 56.34 35.65 12.83
N GLY C 594 56.46 34.35 13.11
CA GLY C 594 56.88 33.93 14.45
C GLY C 594 55.77 33.63 15.46
N SER C 595 54.50 33.94 15.17
CA SER C 595 53.49 33.63 16.17
C SER C 595 53.14 32.15 16.11
N VAL C 596 52.42 31.71 17.15
CA VAL C 596 52.07 30.31 17.31
C VAL C 596 50.55 30.21 17.38
N THR C 597 49.97 29.17 16.77
CA THR C 597 48.53 29.00 16.91
C THR C 597 48.21 27.60 17.41
N VAL C 598 47.10 27.50 18.12
CA VAL C 598 46.53 26.27 18.63
C VAL C 598 45.11 26.45 18.12
N GLU C 599 44.73 25.66 17.12
CA GLU C 599 43.42 25.78 16.46
C GLU C 599 43.24 27.23 16.04
N SER C 600 42.31 27.94 16.67
CA SER C 600 42.11 29.36 16.36
C SER C 600 42.56 30.27 17.51
N VAL C 601 43.29 29.72 18.48
CA VAL C 601 43.87 30.53 19.56
C VAL C 601 45.23 31.06 19.08
N LEU C 602 45.48 32.38 19.22
CA LEU C 602 46.70 33.04 18.73
C LEU C 602 47.67 33.30 19.88
N LEU C 603 48.94 32.89 19.72
CA LEU C 603 49.95 33.16 20.75
C LEU C 603 51.16 33.93 20.19
N GLN C 604 51.51 35.04 20.84
CA GLN C 604 52.52 35.94 20.30
C GLN C 604 53.43 36.42 21.43
N ALA C 605 54.76 36.27 21.23
CA ALA C 605 55.73 36.83 22.16
C ALA C 605 55.63 38.37 22.13
N ALA C 606 55.37 38.98 23.30
CA ALA C 606 55.27 40.43 23.43
C ALA C 606 56.66 41.10 23.40
N ALA C 607 56.66 42.44 23.23
CA ALA C 607 57.83 43.29 23.35
C ALA C 607 58.43 43.17 24.75
N PRO C 608 59.78 43.31 24.92
CA PRO C 608 60.45 43.29 26.24
C PRO C 608 59.76 44.15 27.30
N SER C 609 59.51 43.54 28.47
CA SER C 609 58.94 44.29 29.59
C SER C 609 60.06 45.04 30.31
N GLU C 610 59.68 45.94 31.23
CA GLU C 610 60.66 46.70 31.98
C GLU C 610 61.02 46.00 33.30
N ASP C 611 60.59 44.73 33.37
CA ASP C 611 61.09 43.76 34.32
C ASP C 611 61.99 42.80 33.54
N PRO C 612 63.32 42.87 33.76
CA PRO C 612 64.29 41.98 33.10
C PRO C 612 64.01 40.49 33.34
N GLY C 613 63.37 40.18 34.48
CA GLY C 613 63.09 38.80 34.88
C GLY C 613 61.86 38.16 34.22
N THR C 614 61.18 38.90 33.33
CA THR C 614 59.88 38.46 32.84
C THR C 614 59.80 38.56 31.31
N LYS C 615 59.18 37.55 30.71
CA LYS C 615 58.89 37.52 29.29
C LYS C 615 57.40 37.33 29.10
N VAL C 616 56.77 38.23 28.36
CA VAL C 616 55.32 38.20 28.21
C VAL C 616 54.95 37.42 26.95
N LEU C 617 54.04 36.47 27.12
CA LEU C 617 53.38 35.80 26.01
C LEU C 617 51.92 36.26 25.94
N LEU C 618 51.51 36.86 24.81
CA LEU C 618 50.11 37.22 24.58
C LEU C 618 49.34 36.02 24.01
N VAL C 619 48.24 35.66 24.67
CA VAL C 619 47.42 34.54 24.24
C VAL C 619 46.03 35.10 23.98
N SER C 620 45.49 34.84 22.78
CA SER C 620 44.28 35.54 22.38
C SER C 620 43.29 34.57 21.75
N TRP C 621 42.01 34.77 22.06
CA TRP C 621 41.00 33.93 21.47
C TRP C 621 39.69 34.70 21.43
N THR C 622 38.75 34.22 20.60
CA THR C 622 37.38 34.71 20.68
C THR C 622 36.56 33.88 21.67
N TYR C 623 35.37 34.39 21.99
CA TYR C 623 34.50 33.76 22.97
C TYR C 623 34.15 32.32 22.57
N GLN C 624 34.03 32.07 21.27
CA GLN C 624 33.67 30.74 20.76
C GLN C 624 34.77 29.73 21.09
N ASP C 625 36.02 30.20 21.26
CA ASP C 625 37.15 29.33 21.57
C ASP C 625 37.60 29.46 23.03
N GLU C 626 36.70 29.94 23.90
CA GLU C 626 37.02 30.29 25.29
C GLU C 626 37.52 29.09 26.11
N GLU C 627 36.97 27.91 25.85
CA GLU C 627 37.31 26.71 26.62
C GLU C 627 38.78 26.34 26.39
N LEU C 628 39.15 26.19 25.10
CA LEU C 628 40.53 25.92 24.73
C LEU C 628 41.45 27.08 25.17
N GLY C 629 40.98 28.31 24.98
CA GLY C 629 41.80 29.48 25.26
C GLY C 629 42.20 29.50 26.74
N SER C 630 41.21 29.38 27.64
CA SER C 630 41.54 29.49 29.05
C SER C 630 42.31 28.25 29.48
N PHE C 631 42.07 27.11 28.83
CA PHE C 631 42.85 25.91 29.11
C PHE C 631 44.34 26.19 28.87
N LEU C 632 44.65 26.72 27.67
CA LEU C 632 46.03 27.02 27.29
C LEU C 632 46.68 27.99 28.28
N THR C 633 45.94 29.01 28.72
CA THR C 633 46.56 29.99 29.58
C THR C 633 46.81 29.39 30.96
N SER C 634 45.95 28.46 31.41
CA SER C 634 46.15 27.87 32.73
C SER C 634 47.33 26.91 32.65
N LEU C 635 47.48 26.31 31.46
CA LEU C 635 48.57 25.40 31.23
C LEU C 635 49.92 26.13 31.24
N LEU C 636 49.98 27.28 30.55
CA LEU C 636 51.19 28.07 30.35
C LEU C 636 51.62 28.79 31.63
N LYS C 637 50.66 29.06 32.53
CA LYS C 637 50.98 29.69 33.79
C LYS C 637 51.94 28.84 34.63
N LYS C 638 51.95 27.51 34.39
CA LYS C 638 52.92 26.63 35.03
C LYS C 638 54.32 26.87 34.45
N GLY C 639 54.41 27.66 33.37
CA GLY C 639 55.69 27.90 32.72
C GLY C 639 55.99 26.88 31.63
N LEU C 640 57.11 27.10 30.94
CA LEU C 640 57.56 26.24 29.86
C LEU C 640 58.61 25.28 30.40
N PRO C 641 58.87 24.16 29.68
CA PRO C 641 60.02 23.29 29.96
C PRO C 641 61.30 24.13 30.03
N GLN C 642 62.19 23.75 30.96
CA GLN C 642 63.39 24.52 31.25
C GLN C 642 64.50 23.58 31.73
N UNK D 1 4.28 -38.28 13.01
CA UNK D 1 4.48 -38.81 14.38
C UNK D 1 3.52 -38.12 15.35
N UNK D 2 2.25 -38.50 15.24
CA UNK D 2 1.12 -38.03 16.06
C UNK D 2 0.55 -36.71 15.53
N UNK D 3 1.22 -36.14 14.52
CA UNK D 3 0.84 -34.85 13.97
C UNK D 3 0.01 -35.03 12.69
N UNK D 4 -0.25 -36.29 12.29
CA UNK D 4 -1.11 -36.65 11.17
C UNK D 4 -2.57 -36.73 11.61
N UNK D 5 -2.77 -36.46 12.91
CA UNK D 5 -4.05 -36.16 13.53
C UNK D 5 -4.49 -34.77 13.07
N UNK D 6 -3.53 -33.85 12.93
CA UNK D 6 -3.84 -32.51 12.43
C UNK D 6 -4.43 -32.58 11.02
N UNK D 7 -3.89 -33.50 10.19
CA UNK D 7 -4.32 -33.69 8.80
C UNK D 7 -5.71 -34.33 8.76
N UNK D 8 -6.08 -35.06 9.83
CA UNK D 8 -7.44 -35.52 10.06
C UNK D 8 -8.36 -34.31 10.27
N UNK D 9 -7.97 -33.40 11.16
CA UNK D 9 -8.71 -32.17 11.44
C UNK D 9 -8.81 -31.29 10.18
N UNK D 10 -7.70 -31.21 9.43
CA UNK D 10 -7.64 -30.45 8.18
C UNK D 10 -8.60 -31.04 7.15
N UNK D 11 -8.61 -32.39 7.06
CA UNK D 11 -9.51 -33.11 6.16
C UNK D 11 -10.97 -32.80 6.52
N UNK D 12 -11.25 -32.71 7.84
CA UNK D 12 -12.55 -32.29 8.35
C UNK D 12 -12.80 -30.83 7.97
N UNK D 13 -11.77 -29.98 8.14
CA UNK D 13 -11.86 -28.55 7.92
C UNK D 13 -12.08 -28.23 6.43
N UNK D 14 -11.31 -28.89 5.57
CA UNK D 14 -11.02 -28.36 4.24
C UNK D 14 -11.14 -29.43 3.16
N UNK D 15 -11.99 -30.45 3.41
CA UNK D 15 -12.29 -31.46 2.41
C UNK D 15 -12.79 -30.81 1.11
N UNK D 16 -13.76 -29.89 1.25
CA UNK D 16 -14.37 -29.17 0.14
C UNK D 16 -14.53 -27.69 0.50
N UNK D 17 -13.40 -27.05 0.82
CA UNK D 17 -13.34 -25.59 0.77
C UNK D 17 -13.34 -25.14 -0.69
N UNK D 18 -12.74 -25.95 -1.58
CA UNK D 18 -12.70 -25.75 -3.02
C UNK D 18 -12.05 -24.40 -3.31
N UNK D 19 -12.71 -23.56 -4.12
CA UNK D 19 -12.28 -22.20 -4.45
C UNK D 19 -10.88 -22.21 -5.09
N UNK D 20 -10.58 -23.30 -5.81
CA UNK D 20 -9.36 -23.54 -6.58
C UNK D 20 -8.16 -23.81 -5.65
N UNK D 21 -8.03 -22.99 -4.60
CA UNK D 21 -6.88 -23.05 -3.70
C UNK D 21 -6.85 -24.35 -2.91
N UNK D 22 -8.02 -24.86 -2.49
CA UNK D 22 -8.12 -26.04 -1.64
C UNK D 22 -8.33 -27.32 -2.46
N UNK D 23 -7.87 -27.31 -3.72
CA UNK D 23 -7.63 -28.52 -4.49
C UNK D 23 -6.25 -29.07 -4.12
N UNK D 24 -5.38 -28.20 -3.57
CA UNK D 24 -4.06 -28.57 -3.05
C UNK D 24 -4.14 -28.92 -1.57
N UNK D 25 -5.31 -28.64 -0.95
CA UNK D 25 -5.74 -29.22 0.32
C UNK D 25 -6.18 -30.66 0.10
N UNK D 26 -6.77 -30.95 -1.07
CA UNK D 26 -7.10 -32.32 -1.47
C UNK D 26 -5.81 -33.13 -1.63
N UNK D 27 -4.74 -32.48 -2.15
CA UNK D 27 -3.41 -33.07 -2.24
C UNK D 27 -2.85 -33.37 -0.85
N UNK D 28 -3.14 -32.51 0.14
CA UNK D 28 -2.77 -32.68 1.53
C UNK D 28 -3.54 -33.84 2.19
N UNK D 29 -4.78 -34.10 1.71
CA UNK D 29 -5.63 -35.19 2.19
C UNK D 29 -5.01 -36.53 1.81
N UNK D 30 -4.60 -36.65 0.53
CA UNK D 30 -3.82 -37.72 -0.06
C UNK D 30 -2.52 -37.93 0.71
N UNK D 31 -1.86 -36.82 1.10
CA UNK D 31 -0.62 -36.85 1.85
C UNK D 31 -0.83 -37.49 3.23
N UNK D 32 -1.96 -37.17 3.88
CA UNK D 32 -2.36 -37.74 5.16
C UNK D 32 -2.53 -39.26 5.03
N UNK D 33 -3.17 -39.70 3.94
CA UNK D 33 -3.38 -41.11 3.64
C UNK D 33 -2.04 -41.82 3.44
N UNK D 34 -1.11 -41.16 2.74
CA UNK D 34 0.24 -41.67 2.53
C UNK D 34 0.95 -41.85 3.87
N UNK D 35 0.80 -40.86 4.77
CA UNK D 35 1.34 -40.89 6.12
C UNK D 35 0.78 -42.07 6.91
N UNK D 36 -0.53 -42.31 6.78
CA UNK D 36 -1.25 -43.39 7.45
C UNK D 36 -0.77 -44.74 6.89
N UNK D 37 -6.00 -44.37 8.14
CA UNK D 37 -6.16 -45.73 7.57
C UNK D 37 -7.38 -45.77 6.66
N UNK D 38 -8.36 -46.61 6.97
CA UNK D 38 -9.60 -46.70 6.15
C UNK D 38 -10.32 -45.35 6.18
N UNK D 39 -10.41 -44.72 7.36
CA UNK D 39 -11.01 -43.36 7.45
C UNK D 39 -12.38 -43.34 6.75
N UNK D 40 -13.28 -44.27 7.10
CA UNK D 40 -14.57 -44.39 6.39
C UNK D 40 -15.37 -43.08 6.47
N UNK D 41 -15.40 -42.42 7.64
CA UNK D 41 -16.09 -41.12 7.77
C UNK D 41 -15.45 -40.11 6.81
N UNK D 42 -14.15 -39.88 6.98
CA UNK D 42 -13.32 -39.09 6.03
C UNK D 42 -13.54 -39.60 4.61
N UNK D 43 -13.62 -40.92 4.44
CA UNK D 43 -13.81 -41.52 3.09
C UNK D 43 -15.14 -41.02 2.52
N UNK D 44 -16.19 -40.97 3.36
CA UNK D 44 -17.51 -40.48 2.92
C UNK D 44 -17.38 -39.05 2.38
N UNK D 45 -16.81 -38.14 3.18
CA UNK D 45 -16.70 -36.73 2.78
C UNK D 45 -15.84 -36.61 1.51
N UNK D 46 -14.75 -37.38 1.45
CA UNK D 46 -13.85 -37.35 0.27
C UNK D 46 -14.63 -37.84 -0.96
N UNK D 47 -15.42 -38.90 -0.80
CA UNK D 47 -16.21 -39.45 -1.93
C UNK D 47 -17.22 -38.39 -2.40
N UNK D 48 -17.85 -37.69 -1.45
CA UNK D 48 -18.85 -36.65 -1.80
C UNK D 48 -18.14 -35.54 -2.58
N UNK D 49 -16.94 -35.14 -2.13
CA UNK D 49 -16.17 -34.08 -2.83
C UNK D 49 -15.84 -34.54 -4.24
N UNK D 50 -15.44 -35.81 -4.41
CA UNK D 50 -15.12 -36.35 -5.74
C UNK D 50 -16.35 -36.31 -6.64
N UNK D 51 -17.51 -36.68 -6.09
CA UNK D 51 -18.77 -36.66 -6.88
C UNK D 51 -19.08 -35.22 -7.30
N UNK D 52 -18.88 -34.26 -6.39
CA UNK D 52 -19.14 -32.83 -6.70
C UNK D 52 -18.20 -32.38 -7.82
N UNK D 53 -16.93 -32.80 -7.75
CA UNK D 53 -15.95 -32.43 -8.78
C UNK D 53 -16.39 -33.00 -10.13
N UNK D 54 -16.87 -34.26 -10.13
CA UNK D 54 -17.32 -34.90 -11.37
C UNK D 54 -18.52 -34.14 -11.95
N UNK D 55 -19.46 -33.71 -11.09
CA UNK D 55 -20.68 -33.02 -11.58
C UNK D 55 -20.37 -31.57 -11.95
N UNK D 56 -19.92 -30.80 -10.96
CA UNK D 56 -19.66 -29.33 -11.10
C UNK D 56 -18.26 -28.96 -11.61
N UNK D 57 -17.19 -29.54 -11.05
CA UNK D 57 -15.79 -29.15 -11.38
C UNK D 57 -15.32 -29.65 -12.76
N UNK D 58 -14.08 -29.29 -13.11
CA UNK D 58 -13.43 -29.83 -14.33
C UNK D 58 -12.99 -31.29 -14.09
N UNK D 59 -12.51 -31.95 -15.14
CA UNK D 59 -12.05 -33.36 -15.02
C UNK D 59 -10.88 -33.42 -14.03
N UNK D 60 -9.97 -32.44 -14.10
CA UNK D 60 -8.81 -32.39 -13.19
C UNK D 60 -9.23 -32.80 -11.77
N UNK D 61 -10.32 -32.23 -11.26
CA UNK D 61 -10.73 -32.46 -9.87
C UNK D 61 -11.01 -33.95 -9.66
N UNK D 62 -11.77 -34.49 -10.59
CA UNK D 62 -12.17 -35.91 -10.57
C UNK D 62 -10.93 -36.80 -10.56
N UNK D 63 -10.01 -36.46 -11.45
CA UNK D 63 -8.74 -37.18 -11.61
C UNK D 63 -7.98 -37.19 -10.29
N UNK D 64 -7.92 -36.01 -9.68
CA UNK D 64 -7.23 -35.79 -8.40
C UNK D 64 -7.83 -36.71 -7.33
N UNK D 65 -9.15 -36.71 -7.31
CA UNK D 65 -9.92 -37.51 -6.35
C UNK D 65 -9.58 -38.99 -6.50
N UNK D 66 -9.56 -39.42 -7.76
CA UNK D 66 -9.25 -40.80 -8.13
C UNK D 66 -7.86 -41.18 -7.61
N UNK D 67 -6.93 -40.28 -7.85
CA UNK D 67 -5.53 -40.45 -7.42
C UNK D 67 -5.45 -40.64 -5.91
N UNK D 68 -6.18 -39.77 -5.22
CA UNK D 68 -6.24 -39.79 -3.76
C UNK D 68 -6.75 -41.14 -3.26
N UNK D 69 -7.81 -41.58 -3.91
CA UNK D 69 -8.46 -42.87 -3.59
C UNK D 69 -7.45 -44.01 -3.73
N UNK D 70 -6.71 -44.00 -4.85
CA UNK D 70 -5.69 -45.04 -5.13
C UNK D 70 -4.73 -45.14 -3.93
N UNK D 71 -4.12 -44.02 -3.55
CA UNK D 71 -3.17 -43.99 -2.42
C UNK D 71 -3.90 -44.39 -1.13
N UNK D 72 -5.13 -43.90 -0.95
CA UNK D 72 -5.93 -44.23 0.26
C UNK D 72 -6.21 -45.73 0.28
N UNK D 73 -6.53 -46.30 -0.88
CA UNK D 73 -6.82 -47.75 -1.00
C UNK D 73 -5.55 -48.54 -0.64
N UNK D 74 -4.39 -48.07 -1.11
CA UNK D 74 -3.10 -48.74 -0.84
C UNK D 74 -2.82 -48.71 0.68
N UNK D 75 -3.76 -48.16 1.45
N UNK D 75 -3.76 -48.16 1.45
CA UNK D 75 -3.74 -48.26 2.93
CA UNK D 75 -3.74 -48.26 2.93
C UNK D 75 -5.17 -48.42 3.44
C UNK D 75 -5.17 -48.43 3.44
N UNK D 76 -6.11 -48.77 2.55
CA UNK D 76 -7.53 -48.92 2.94
C UNK D 76 -7.74 -50.21 3.75
N UNK D 77 -8.79 -50.24 4.57
CA UNK D 77 -9.08 -51.41 5.43
C UNK D 77 -10.46 -51.96 5.09
N UNK D 78 -11.00 -52.86 5.93
CA UNK D 78 -12.35 -53.41 5.71
C UNK D 78 -13.36 -52.25 5.75
N UNK D 79 -13.16 -51.28 6.66
CA UNK D 79 -14.02 -50.08 6.68
C UNK D 79 -14.09 -49.49 5.27
N UNK D 80 -12.93 -49.39 4.61
CA UNK D 80 -12.85 -48.89 3.21
C UNK D 80 -13.68 -49.80 2.30
N UNK D 81 -13.62 -51.11 2.54
CA UNK D 81 -14.40 -52.08 1.73
C UNK D 81 -15.89 -51.78 1.91
N UNK D 82 -16.33 -51.47 3.13
CA UNK D 82 -17.70 -50.96 3.36
C UNK D 82 -17.90 -49.68 2.55
N UNK D 83 -16.93 -48.75 2.62
CA UNK D 83 -17.03 -47.47 1.89
C UNK D 83 -16.92 -47.66 0.37
N UNK D 84 -16.40 -48.81 -0.07
CA UNK D 84 -16.17 -49.03 -1.52
C UNK D 84 -17.50 -48.95 -2.28
N UNK D 85 -18.58 -49.52 -1.72
CA UNK D 85 -19.91 -49.41 -2.36
C UNK D 85 -20.23 -47.94 -2.61
N UNK D 86 -20.05 -47.11 -1.57
CA UNK D 86 -20.29 -45.66 -1.65
C UNK D 86 -19.45 -45.05 -2.78
N UNK D 87 -18.19 -45.44 -2.79
CA UNK D 87 -17.21 -44.97 -3.77
C UNK D 87 -17.70 -45.31 -5.19
N UNK D 88 -18.11 -46.58 -5.33
CA UNK D 88 -18.68 -47.15 -6.57
C UNK D 88 -19.98 -46.42 -6.89
N UNK D 89 -20.86 -46.20 -5.90
CA UNK D 89 -22.08 -45.40 -6.15
C UNK D 89 -21.65 -43.98 -6.51
N UNK D 90 -20.65 -43.44 -5.81
CA UNK D 90 -20.12 -42.09 -6.12
C UNK D 90 -19.54 -42.11 -7.53
N UNK D 91 -18.84 -43.18 -7.91
CA UNK D 91 -18.24 -43.29 -9.26
C UNK D 91 -19.36 -43.28 -10.31
N UNK D 92 -20.46 -43.99 -10.04
CA UNK D 92 -21.61 -44.04 -10.98
C UNK D 92 -22.21 -42.64 -11.10
N UNK D 93 -22.33 -41.92 -9.98
CA UNK D 93 -22.88 -40.54 -10.01
C UNK D 93 -21.95 -39.67 -10.85
N UNK D 94 -20.64 -39.85 -10.69
CA UNK D 94 -19.64 -39.06 -11.45
C UNK D 94 -19.80 -39.35 -12.95
N UNK D 95 -20.01 -40.63 -13.29
CA UNK D 95 -20.21 -41.03 -14.71
C UNK D 95 -21.48 -40.39 -15.26
N UNK D 96 -22.56 -40.38 -14.48
CA UNK D 96 -23.81 -39.75 -14.93
C UNK D 96 -23.52 -38.27 -15.18
N UNK D 97 -22.71 -37.66 -14.30
CA UNK D 97 -22.35 -36.23 -14.43
C UNK D 97 -21.56 -35.93 -15.71
N UNK D 98 -20.57 -36.77 -16.02
CA UNK D 98 -19.44 -36.35 -16.89
C UNK D 98 -19.16 -37.39 -17.98
N UNK D 99 -20.12 -37.63 -18.88
CA UNK D 99 -19.89 -38.54 -20.02
C UNK D 99 -19.48 -39.93 -19.52
N UNK D 100 -18.36 -40.47 -20.03
CA UNK D 100 -17.86 -41.78 -19.57
C UNK D 100 -16.36 -41.70 -19.31
N UNK D 101 -15.83 -42.57 -18.44
CA UNK D 101 -14.38 -42.60 -18.18
C UNK D 101 -13.81 -43.95 -18.62
N UNK D 102 -13.33 -44.03 -19.86
CA UNK D 102 -12.79 -45.28 -20.44
C UNK D 102 -11.60 -45.73 -19.58
N UNK D 103 -10.75 -44.78 -19.17
CA UNK D 103 -9.58 -45.12 -18.33
C UNK D 103 -9.91 -44.79 -16.87
N UNK D 104 -10.46 -43.59 -16.62
CA UNK D 104 -10.51 -43.06 -15.25
C UNK D 104 -11.34 -44.00 -14.37
N UNK D 105 -12.46 -44.51 -14.91
CA UNK D 105 -13.32 -45.44 -14.14
C UNK D 105 -12.52 -46.71 -13.81
N UNK D 106 -11.75 -47.22 -14.78
CA UNK D 106 -10.94 -48.44 -14.56
C UNK D 106 -9.90 -48.16 -13.47
N UNK D 107 -9.27 -46.99 -13.51
CA UNK D 107 -8.26 -46.62 -12.50
C UNK D 107 -8.89 -46.69 -11.10
N UNK D 108 -10.11 -46.16 -10.97
CA UNK D 108 -10.83 -46.15 -9.68
C UNK D 108 -11.04 -47.58 -9.18
N UNK D 109 -11.50 -48.40 -10.09
CA UNK D 109 -11.76 -49.83 -9.83
C UNK D 109 -10.49 -50.52 -9.33
N UNK D 110 -9.42 -50.24 -10.05
CA UNK D 110 -8.09 -50.80 -9.73
C UNK D 110 -7.68 -50.42 -8.31
N UNK D 111 -7.88 -49.14 -7.99
CA UNK D 111 -7.67 -48.63 -6.61
C UNK D 111 -8.41 -49.50 -5.61
N UNK D 112 -9.68 -49.85 -5.90
CA UNK D 112 -10.50 -50.66 -4.97
C UNK D 112 -9.86 -52.04 -4.77
N UNK D 113 -9.34 -52.64 -5.84
CA UNK D 113 -8.69 -53.97 -5.74
C UNK D 113 -7.47 -53.87 -4.83
N UNK D 114 -6.68 -52.81 -4.98
CA UNK D 114 -5.47 -52.59 -4.17
C UNK D 114 -5.85 -52.17 -2.74
N UNK D 115 -7.16 -52.16 -2.42
CA UNK D 115 -7.61 -51.70 -1.09
C UNK D 115 -8.04 -52.88 -0.21
N UNK D 116 -9.23 -53.43 -0.46
CA UNK D 116 -9.75 -54.54 0.37
C UNK D 116 -10.81 -55.32 -0.41
N UNK D 117 -11.12 -56.55 0.04
CA UNK D 117 -12.19 -57.34 -0.60
C UNK D 117 -13.53 -56.99 0.06
N UNK D 118 -14.47 -56.45 -0.72
CA UNK D 118 -15.69 -55.85 -0.13
C UNK D 118 -16.88 -56.81 -0.27
N UNK D 119 -17.88 -56.67 0.59
CA UNK D 119 -19.07 -57.57 0.57
C UNK D 119 -19.61 -57.70 -0.85
N UNK D 120 -19.90 -56.57 -1.49
CA UNK D 120 -20.47 -56.55 -2.87
C UNK D 120 -21.83 -57.27 -2.89
N UNK D 121 -22.01 -58.21 -3.81
CA UNK D 121 -23.28 -58.97 -3.92
C UNK D 121 -24.47 -58.00 -3.95
N UNK D 122 -21.01 -48.65 -18.53
CA UNK D 122 -20.88 -48.48 -17.07
C UNK D 122 -20.86 -49.85 -16.38
N UNK D 123 -21.80 -50.67 -16.81
CA UNK D 123 -21.97 -52.04 -16.28
C UNK D 123 -20.68 -52.83 -16.49
N UNK D 124 -20.16 -52.72 -17.70
CA UNK D 124 -18.94 -53.41 -18.11
C UNK D 124 -17.77 -53.00 -17.20
N UNK D 125 -17.69 -51.69 -16.99
CA UNK D 125 -16.65 -51.08 -16.15
C UNK D 125 -16.72 -51.66 -14.74
N UNK D 126 -17.95 -51.71 -14.23
CA UNK D 126 -18.24 -52.23 -12.89
C UNK D 126 -17.75 -53.67 -12.77
N UNK D 127 -18.09 -54.44 -13.78
CA UNK D 127 -17.72 -55.86 -13.87
C UNK D 127 -16.20 -56.01 -13.80
N UNK D 128 -15.54 -55.18 -14.58
CA UNK D 128 -14.07 -55.16 -14.68
C UNK D 128 -13.46 -54.90 -13.30
N UNK D 129 -14.04 -53.90 -12.64
CA UNK D 129 -13.61 -53.48 -11.30
C UNK D 129 -13.72 -54.65 -10.33
N UNK D 130 -14.86 -55.31 -10.40
CA UNK D 130 -15.17 -56.47 -9.55
C UNK D 130 -14.12 -57.56 -9.75
N UNK D 131 -13.84 -57.81 -11.01
CA UNK D 131 -12.85 -58.82 -11.42
C UNK D 131 -11.48 -58.50 -10.80
N UNK D 132 -11.12 -57.24 -10.93
CA UNK D 132 -9.85 -56.72 -10.41
C UNK D 132 -9.76 -56.97 -8.90
N UNK D 133 -10.84 -56.64 -8.23
CA UNK D 133 -10.97 -56.80 -6.78
C UNK D 133 -10.75 -58.26 -6.39
N UNK D 134 -11.42 -59.13 -7.14
CA UNK D 134 -11.34 -60.58 -6.94
C UNK D 134 -9.89 -61.06 -7.06
N UNK D 135 -9.25 -60.57 -8.10
CA UNK D 135 -7.85 -60.89 -8.40
C UNK D 135 -6.95 -60.50 -7.22
#